data_6VME
#
_entry.id   6VME
#
_cell.length_a   162.584
_cell.length_b   162.584
_cell.length_c   139.715
_cell.angle_alpha   90.000
_cell.angle_beta   90.000
_cell.angle_gamma   120.000
#
_symmetry.space_group_name_H-M   'P 61'
#
loop_
_entity.id
_entity.type
_entity.pdbx_description
1 polymer 'Tumor susceptibility gene 101 protein'
2 polymer 'Vacuolar protein sorting-associated protein 37B'
3 polymer 'Multivesicular body subunit 12A'
4 polymer 'Vacuolar protein sorting-associated protein 28 homolog'
5 water water
#
loop_
_entity_poly.entity_id
_entity_poly.type
_entity_poly.pdbx_seq_one_letter_code
_entity_poly.pdbx_strand_id
1 'polypeptide(L)'
;QSENNDIDEVIIPTAPLYKQILNLYAEENAIEDTIFYLGEALRRGVIDLDVFLKHVRLLSRKQFQLRALMQKARKTAGLS
D
;
B,F,G,H,I,J
2 'polypeptide(L)' QSSSASLETLLALLQAEGAKIEEDTENMAEKFLDGELPLDSFIDVYQSKRKLAHMRRVKIEKLQEMVLKGQ C,K,L,M,N,O
3 'polypeptide(L)' SNASSLYGISAMDGVPFTLHPRFEG D,P,Q,R,A,T
4 'polypeptide(L)'
;MFHGIPATPGIGAPGNKPELYEEVKLYKNAREREKYDNMAELFAVVKTMQALEKAYIKDCVSPSEYTAACSRLLVQYKAA
FRQVQGSEISSIDEFCRKFRLDCPLAMERIKEDRPITIKDDK
;
E,U,V,W,X,Y
#
# COMPACT_ATOMS: atom_id res chain seq x y z
N ASP A 6 -8.15 -26.38 -58.01
CA ASP A 6 -8.03 -26.64 -56.57
C ASP A 6 -8.58 -25.48 -55.74
N ILE A 7 -9.64 -25.78 -54.98
CA ILE A 7 -10.26 -24.79 -54.11
C ILE A 7 -9.30 -24.31 -53.05
N ASP A 8 -8.33 -25.15 -52.68
CA ASP A 8 -7.33 -24.73 -51.70
C ASP A 8 -6.51 -23.57 -52.21
N GLU A 9 -6.38 -23.42 -53.52
CA GLU A 9 -5.53 -22.39 -54.09
C GLU A 9 -6.24 -21.07 -54.31
N VAL A 10 -7.52 -20.96 -53.93
CA VAL A 10 -8.27 -19.75 -54.26
C VAL A 10 -7.94 -18.59 -53.32
N ILE A 11 -7.60 -18.87 -52.06
CA ILE A 11 -7.23 -17.83 -51.10
C ILE A 11 -5.95 -18.30 -50.40
N ILE A 12 -4.88 -17.53 -50.54
CA ILE A 12 -3.55 -17.99 -50.13
C ILE A 12 -2.82 -16.86 -49.43
N PRO A 13 -1.82 -17.18 -48.62
CA PRO A 13 -0.97 -16.14 -48.04
C PRO A 13 -0.24 -15.38 -49.15
N THR A 14 0.28 -14.21 -48.79
CA THR A 14 0.75 -13.25 -49.80
C THR A 14 2.26 -13.36 -50.10
N ALA A 15 3.02 -14.11 -49.33
CA ALA A 15 4.46 -14.22 -49.57
C ALA A 15 4.96 -15.53 -48.98
N PRO A 16 6.09 -16.05 -49.48
CA PRO A 16 6.58 -17.37 -49.00
C PRO A 16 6.63 -17.53 -47.48
N LEU A 17 7.01 -16.49 -46.76
CA LEU A 17 7.16 -16.63 -45.31
C LEU A 17 5.81 -16.80 -44.63
N TYR A 18 4.79 -16.05 -45.08
CA TYR A 18 3.45 -16.26 -44.54
C TYR A 18 2.96 -17.69 -44.86
N LYS A 19 3.35 -18.21 -46.02
CA LYS A 19 2.99 -19.59 -46.36
C LYS A 19 3.65 -20.57 -45.40
N GLN A 20 4.95 -20.36 -45.14
CA GLN A 20 5.62 -21.18 -44.15
C GLN A 20 4.89 -21.12 -42.81
N ILE A 21 4.54 -19.90 -42.38
CA ILE A 21 3.88 -19.75 -41.08
C ILE A 21 2.55 -20.51 -41.06
N LEU A 22 1.78 -20.43 -42.16
CA LEU A 22 0.50 -21.14 -42.23
C LEU A 22 0.70 -22.65 -42.20
N ASN A 23 1.74 -23.14 -42.87
CA ASN A 23 2.05 -24.56 -42.82
C ASN A 23 2.50 -25.01 -41.45
N LEU A 24 3.27 -24.19 -40.72
CA LEU A 24 3.69 -24.55 -39.38
C LEU A 24 2.50 -24.58 -38.41
N TYR A 25 1.62 -23.58 -38.51
CA TYR A 25 0.40 -23.52 -37.70
C TYR A 25 -0.43 -24.79 -37.87
N ALA A 26 -0.64 -25.21 -39.11
CA ALA A 26 -1.51 -26.35 -39.37
C ALA A 26 -0.83 -27.66 -38.99
N GLU A 27 0.47 -27.81 -39.26
CA GLU A 27 1.17 -29.04 -38.88
C GLU A 27 1.19 -29.23 -37.37
N GLU A 28 1.53 -28.18 -36.62
CA GLU A 28 1.56 -28.30 -35.17
C GLU A 28 0.19 -28.71 -34.62
N ASN A 29 -0.89 -28.11 -35.14
CA ASN A 29 -2.22 -28.47 -34.67
C ASN A 29 -2.55 -29.90 -35.05
N ALA A 30 -2.18 -30.30 -36.26
CA ALA A 30 -2.44 -31.67 -36.70
C ALA A 30 -1.75 -32.69 -35.80
N ILE A 31 -0.58 -32.36 -35.27
CA ILE A 31 0.13 -33.28 -34.37
C ILE A 31 -0.57 -33.34 -33.02
N GLU A 32 -1.06 -32.20 -32.52
CA GLU A 32 -1.79 -32.24 -31.27
C GLU A 32 -3.05 -33.10 -31.43
N ASP A 33 -3.76 -32.96 -32.55
CA ASP A 33 -4.91 -33.81 -32.79
C ASP A 33 -4.52 -35.29 -32.75
N THR A 34 -3.38 -35.62 -33.35
CA THR A 34 -2.96 -37.02 -33.39
C THR A 34 -2.64 -37.53 -32.00
N ILE A 35 -1.91 -36.74 -31.21
CA ILE A 35 -1.55 -37.14 -29.85
C ILE A 35 -2.79 -37.31 -29.00
N PHE A 36 -3.78 -36.42 -29.17
CA PHE A 36 -4.98 -36.52 -28.36
C PHE A 36 -5.69 -37.86 -28.57
N TYR A 37 -5.84 -38.31 -29.82
CA TYR A 37 -6.57 -39.54 -30.05
C TYR A 37 -5.75 -40.79 -29.74
N LEU A 38 -4.42 -40.69 -29.72
CA LEU A 38 -3.62 -41.79 -29.18
C LEU A 38 -3.92 -42.00 -27.71
N GLY A 39 -4.03 -40.90 -26.95
CA GLY A 39 -4.43 -41.00 -25.56
C GLY A 39 -5.81 -41.61 -25.41
N GLU A 40 -6.74 -41.23 -26.29
CA GLU A 40 -8.05 -41.86 -26.28
C GLU A 40 -8.00 -43.31 -26.71
N ALA A 41 -7.03 -43.69 -27.55
CA ALA A 41 -6.98 -45.09 -27.95
C ALA A 41 -6.40 -45.96 -26.85
N LEU A 42 -5.51 -45.41 -26.02
CA LEU A 42 -4.99 -46.14 -24.88
C LEU A 42 -6.08 -46.40 -23.84
N ARG A 43 -6.88 -45.37 -23.54
CA ARG A 43 -8.00 -45.53 -22.59
C ARG A 43 -8.99 -46.58 -23.07
N ARG A 44 -9.25 -46.64 -24.38
CA ARG A 44 -10.14 -47.68 -24.91
C ARG A 44 -9.46 -49.04 -25.01
N GLY A 45 -8.14 -49.11 -24.81
CA GLY A 45 -7.43 -50.37 -24.88
C GLY A 45 -7.14 -50.88 -26.26
N VAL A 46 -7.15 -50.01 -27.28
CA VAL A 46 -6.90 -50.43 -28.65
C VAL A 46 -5.41 -50.40 -29.00
N ILE A 47 -4.62 -49.64 -28.24
CA ILE A 47 -3.17 -49.76 -28.29
C ILE A 47 -2.70 -50.00 -26.85
N ASP A 48 -1.50 -50.55 -26.73
CA ASP A 48 -0.95 -50.76 -25.39
C ASP A 48 0.02 -49.64 -25.05
N LEU A 49 0.48 -49.64 -23.80
CA LEU A 49 1.24 -48.53 -23.26
C LEU A 49 2.50 -48.24 -24.07
N ASP A 50 3.19 -49.28 -24.54
CA ASP A 50 4.54 -49.05 -25.02
C ASP A 50 4.56 -48.46 -26.42
N VAL A 51 3.68 -48.95 -27.29
CA VAL A 51 3.47 -48.32 -28.59
C VAL A 51 2.91 -46.90 -28.44
N PHE A 52 2.13 -46.65 -27.38
CA PHE A 52 1.63 -45.30 -27.11
C PHE A 52 2.77 -44.33 -26.79
N LEU A 53 3.64 -44.70 -25.85
CA LEU A 53 4.69 -43.78 -25.42
C LEU A 53 5.73 -43.54 -26.50
N LYS A 54 5.86 -44.47 -27.44
CA LYS A 54 6.86 -44.32 -28.50
C LYS A 54 6.40 -43.30 -29.53
N HIS A 55 5.13 -43.38 -29.93
CA HIS A 55 4.63 -42.47 -30.93
C HIS A 55 4.40 -41.07 -30.36
N VAL A 56 3.97 -40.98 -29.09
CA VAL A 56 3.83 -39.66 -28.47
C VAL A 56 5.20 -38.98 -28.37
N ARG A 57 6.23 -39.74 -28.00
CA ARG A 57 7.59 -39.23 -28.00
C ARG A 57 8.01 -38.72 -29.39
N LEU A 58 7.88 -39.57 -30.41
CA LEU A 58 8.25 -39.15 -31.76
C LEU A 58 7.41 -37.96 -32.23
N LEU A 59 6.10 -37.96 -31.96
CA LEU A 59 5.28 -36.84 -32.42
C LEU A 59 5.62 -35.55 -31.67
N SER A 60 5.91 -35.65 -30.37
CA SER A 60 6.24 -34.46 -29.59
C SER A 60 7.58 -33.87 -29.99
N ARG A 61 8.54 -34.72 -30.36
CA ARG A 61 9.81 -34.23 -30.91
C ARG A 61 9.58 -33.40 -32.17
N LYS A 62 8.70 -33.88 -33.06
CA LYS A 62 8.40 -33.12 -34.27
C LYS A 62 7.72 -31.80 -33.92
N GLN A 63 6.80 -31.84 -32.96
CA GLN A 63 6.08 -30.62 -32.62
C GLN A 63 6.99 -29.57 -32.00
N PHE A 64 8.06 -29.98 -31.31
CA PHE A 64 8.99 -28.97 -30.80
C PHE A 64 9.64 -28.23 -31.95
N GLN A 65 10.06 -28.96 -32.99
CA GLN A 65 10.81 -28.35 -34.07
C GLN A 65 9.94 -27.34 -34.81
N LEU A 66 8.68 -27.71 -35.06
CA LEU A 66 7.69 -26.79 -35.60
C LEU A 66 7.48 -25.59 -34.70
N ARG A 67 7.39 -25.80 -33.38
CA ARG A 67 7.11 -24.68 -32.46
C ARG A 67 8.29 -23.71 -32.39
N ALA A 68 9.50 -24.25 -32.22
CA ALA A 68 10.68 -23.41 -32.24
C ALA A 68 10.81 -22.66 -33.56
N LEU A 69 10.57 -23.35 -34.69
CA LEU A 69 10.61 -22.69 -35.99
C LEU A 69 9.57 -21.57 -36.07
N MET A 70 8.33 -21.86 -35.66
CA MET A 70 7.28 -20.86 -35.71
C MET A 70 7.65 -19.61 -34.92
N GLN A 71 8.37 -19.76 -33.81
CA GLN A 71 8.86 -18.60 -33.10
C GLN A 71 9.81 -17.77 -33.98
N LYS A 72 10.74 -18.44 -34.66
CA LYS A 72 11.67 -17.71 -35.51
C LYS A 72 10.96 -17.06 -36.69
N ALA A 73 9.98 -17.77 -37.27
CA ALA A 73 9.27 -17.23 -38.42
C ALA A 73 8.42 -16.03 -38.03
N ARG A 74 7.69 -16.14 -36.91
CA ARG A 74 6.85 -15.02 -36.47
C ARG A 74 7.69 -13.78 -36.16
N LYS A 75 8.84 -13.96 -35.50
CA LYS A 75 9.69 -12.79 -35.21
C LYS A 75 10.27 -12.20 -36.49
N THR A 76 10.67 -13.06 -37.44
CA THR A 76 11.21 -12.55 -38.70
C THR A 76 10.16 -11.78 -39.51
N ALA A 77 8.87 -12.05 -39.29
CA ALA A 77 7.79 -11.37 -40.00
C ALA A 77 7.21 -10.17 -39.26
N GLY A 78 7.71 -9.87 -38.05
CA GLY A 78 7.15 -8.77 -37.29
C GLY A 78 5.82 -9.04 -36.61
N LEU A 79 5.46 -10.31 -36.44
CA LEU A 79 4.25 -10.67 -35.71
C LEU A 79 4.54 -10.79 -34.21
N SER A 80 3.46 -10.76 -33.41
CA SER A 80 3.60 -10.92 -31.97
C SER A 80 4.26 -12.25 -31.63
N ASP A 81 4.96 -12.28 -30.50
CA ASP A 81 5.68 -13.47 -30.07
C ASP A 81 5.78 -13.49 -28.55
N SER B 3 -14.59 -20.17 -63.40
CA SER B 3 -14.06 -18.81 -63.46
C SER B 3 -14.80 -17.84 -62.51
N SER B 4 -15.89 -17.28 -63.01
CA SER B 4 -16.52 -16.07 -62.46
C SER B 4 -17.42 -16.30 -61.25
N ALA B 5 -17.07 -17.25 -60.38
CA ALA B 5 -17.89 -17.48 -59.20
C ALA B 5 -17.83 -16.29 -58.26
N SER B 6 -18.99 -15.92 -57.72
CA SER B 6 -19.08 -14.92 -56.66
C SER B 6 -18.21 -15.28 -55.47
N LEU B 7 -17.83 -14.30 -54.66
CA LEU B 7 -17.05 -14.59 -53.45
C LEU B 7 -17.84 -15.43 -52.45
N GLU B 8 -19.14 -15.19 -52.34
CA GLU B 8 -19.98 -16.00 -51.47
C GLU B 8 -20.15 -17.42 -52.01
N THR B 9 -20.09 -17.61 -53.33
CA THR B 9 -20.09 -18.94 -53.90
C THR B 9 -18.78 -19.66 -53.60
N LEU B 10 -17.65 -18.97 -53.82
CA LEU B 10 -16.35 -19.53 -53.44
C LEU B 10 -16.31 -19.86 -51.96
N LEU B 11 -16.92 -19.02 -51.12
CA LEU B 11 -16.90 -19.26 -49.68
C LEU B 11 -17.74 -20.48 -49.32
N ALA B 12 -18.88 -20.67 -49.98
CA ALA B 12 -19.68 -21.87 -49.77
C ALA B 12 -18.91 -23.12 -50.17
N LEU B 13 -18.18 -23.05 -51.29
CA LEU B 13 -17.34 -24.16 -51.71
C LEU B 13 -16.31 -24.51 -50.64
N LEU B 14 -15.58 -23.50 -50.16
CA LEU B 14 -14.48 -23.75 -49.25
C LEU B 14 -15.00 -24.28 -47.91
N GLN B 15 -16.07 -23.69 -47.40
CA GLN B 15 -16.70 -24.22 -46.20
C GLN B 15 -17.18 -25.65 -46.41
N ALA B 16 -17.68 -25.97 -47.61
CA ALA B 16 -18.09 -27.33 -47.88
C ALA B 16 -16.88 -28.26 -47.95
N GLU B 17 -15.76 -27.76 -48.48
CA GLU B 17 -14.54 -28.56 -48.52
C GLU B 17 -13.94 -28.74 -47.13
N GLY B 18 -14.06 -27.73 -46.27
CA GLY B 18 -13.65 -27.91 -44.89
C GLY B 18 -14.53 -28.91 -44.17
N ALA B 19 -15.83 -28.85 -44.41
CA ALA B 19 -16.73 -29.78 -43.74
C ALA B 19 -16.49 -31.22 -44.17
N LYS B 20 -16.03 -31.45 -45.41
CA LYS B 20 -15.81 -32.82 -45.83
C LYS B 20 -14.60 -33.42 -45.14
N ILE B 21 -13.50 -32.66 -45.10
CA ILE B 21 -12.29 -33.18 -44.46
C ILE B 21 -12.48 -33.35 -42.95
N GLU B 22 -13.26 -32.48 -42.30
CA GLU B 22 -13.52 -32.64 -40.87
C GLU B 22 -14.27 -33.93 -40.60
N GLU B 23 -15.29 -34.23 -41.42
CA GLU B 23 -16.05 -35.45 -41.20
C GLU B 23 -15.23 -36.66 -41.61
N ASP B 24 -14.47 -36.57 -42.70
CA ASP B 24 -13.51 -37.61 -43.03
C ASP B 24 -12.59 -37.92 -41.85
N THR B 25 -11.91 -36.92 -41.30
CA THR B 25 -10.96 -37.24 -40.23
C THR B 25 -11.68 -37.69 -38.96
N GLU B 26 -12.86 -37.12 -38.67
CA GLU B 26 -13.64 -37.59 -37.54
C GLU B 26 -14.06 -39.05 -37.72
N ASN B 27 -14.41 -39.44 -38.95
CA ASN B 27 -14.81 -40.83 -39.21
C ASN B 27 -13.62 -41.77 -39.08
N MET B 28 -12.47 -41.37 -39.60
CA MET B 28 -11.22 -42.07 -39.35
C MET B 28 -10.96 -42.25 -37.87
N ALA B 29 -11.20 -41.21 -37.08
CA ALA B 29 -10.83 -41.25 -35.66
C ALA B 29 -11.67 -42.27 -34.90
N GLU B 30 -12.98 -42.27 -35.09
CA GLU B 30 -13.76 -43.26 -34.34
C GLU B 30 -13.52 -44.66 -34.86
N LYS B 31 -13.25 -44.79 -36.17
CA LYS B 31 -12.93 -46.13 -36.68
C LYS B 31 -11.66 -46.66 -36.03
N PHE B 32 -10.74 -45.76 -35.67
CA PHE B 32 -9.49 -46.14 -35.03
C PHE B 32 -9.67 -46.38 -33.53
N LEU B 33 -10.54 -45.59 -32.87
CA LEU B 33 -10.86 -45.86 -31.47
C LEU B 33 -11.67 -47.13 -31.30
N ASP B 34 -12.40 -47.56 -32.32
CA ASP B 34 -13.14 -48.81 -32.35
C ASP B 34 -12.25 -50.01 -32.62
N GLY B 35 -10.94 -49.82 -32.71
CA GLY B 35 -10.06 -50.88 -33.12
C GLY B 35 -10.19 -51.31 -34.57
N GLU B 36 -11.01 -50.62 -35.37
CA GLU B 36 -11.26 -51.01 -36.75
C GLU B 36 -10.19 -50.53 -37.72
N LEU B 37 -9.19 -49.77 -37.25
CA LEU B 37 -8.19 -49.20 -38.14
C LEU B 37 -6.80 -49.36 -37.51
N PRO B 38 -5.82 -49.90 -38.24
CA PRO B 38 -4.50 -50.12 -37.66
C PRO B 38 -3.74 -48.81 -37.45
N LEU B 39 -2.81 -48.84 -36.49
CA LEU B 39 -2.29 -47.60 -35.94
C LEU B 39 -1.36 -46.88 -36.91
N ASP B 40 -0.36 -47.57 -37.44
CA ASP B 40 0.61 -46.89 -38.28
C ASP B 40 0.02 -46.49 -39.62
N SER B 41 -1.12 -47.08 -39.98
CA SER B 41 -1.99 -46.47 -40.98
C SER B 41 -2.49 -45.09 -40.51
N PHE B 42 -3.14 -45.08 -39.34
CA PHE B 42 -3.82 -43.89 -38.82
C PHE B 42 -2.86 -42.71 -38.68
N ILE B 43 -1.71 -42.92 -38.03
CA ILE B 43 -0.86 -41.81 -37.63
C ILE B 43 -0.43 -40.97 -38.83
N ASP B 44 -0.03 -41.61 -39.92
CA ASP B 44 0.42 -40.85 -41.08
C ASP B 44 -0.75 -40.15 -41.75
N VAL B 45 -1.82 -40.88 -42.03
CA VAL B 45 -2.85 -40.32 -42.89
C VAL B 45 -3.70 -39.31 -42.12
N TYR B 46 -4.00 -39.61 -40.85
CA TYR B 46 -4.81 -38.69 -40.07
C TYR B 46 -4.06 -37.38 -39.83
N GLN B 47 -2.79 -37.48 -39.47
CA GLN B 47 -1.95 -36.29 -39.38
C GLN B 47 -2.01 -35.49 -40.68
N SER B 48 -1.78 -36.15 -41.80
CA SER B 48 -1.73 -35.44 -43.07
C SER B 48 -3.07 -34.80 -43.40
N LYS B 49 -4.17 -35.45 -43.00
CA LYS B 49 -5.50 -34.89 -43.27
C LYS B 49 -5.87 -33.80 -42.28
N ARG B 50 -5.44 -33.93 -41.02
CA ARG B 50 -5.71 -32.87 -40.05
C ARG B 50 -5.00 -31.58 -40.45
N LYS B 51 -3.83 -31.68 -41.06
CA LYS B 51 -3.13 -30.49 -41.53
C LYS B 51 -4.02 -29.71 -42.50
N LEU B 52 -4.50 -30.39 -43.55
CA LEU B 52 -5.34 -29.75 -44.54
C LEU B 52 -6.63 -29.20 -43.92
N ALA B 53 -7.18 -29.90 -42.90
CA ALA B 53 -8.35 -29.37 -42.21
C ALA B 53 -8.03 -28.04 -41.52
N HIS B 54 -6.85 -27.91 -40.92
CA HIS B 54 -6.50 -26.65 -40.28
C HIS B 54 -6.17 -25.57 -41.32
N MET B 55 -5.50 -25.93 -42.43
CA MET B 55 -5.34 -24.98 -43.51
C MET B 55 -6.68 -24.39 -43.93
N ARG B 56 -7.70 -25.24 -44.06
CA ARG B 56 -8.99 -24.77 -44.55
C ARG B 56 -9.73 -23.93 -43.52
N ARG B 57 -9.63 -24.29 -42.23
CA ARG B 57 -10.21 -23.41 -41.20
C ARG B 57 -9.67 -21.99 -41.30
N VAL B 58 -8.37 -21.84 -41.57
CA VAL B 58 -7.78 -20.50 -41.63
C VAL B 58 -8.28 -19.77 -42.88
N LYS B 59 -8.16 -20.41 -44.05
CA LYS B 59 -8.62 -19.77 -45.27
C LYS B 59 -10.10 -19.41 -45.19
N ILE B 60 -10.91 -20.24 -44.54
CA ILE B 60 -12.33 -19.93 -44.38
C ILE B 60 -12.49 -18.66 -43.58
N GLU B 61 -11.75 -18.54 -42.47
CA GLU B 61 -11.85 -17.33 -41.66
C GLU B 61 -11.38 -16.09 -42.42
N LYS B 62 -10.31 -16.21 -43.23
CA LYS B 62 -9.85 -15.05 -44.00
C LYS B 62 -10.84 -14.65 -45.07
N LEU B 63 -11.44 -15.64 -45.77
CA LEU B 63 -12.39 -15.31 -46.83
C LEU B 63 -13.70 -14.77 -46.25
N GLN B 64 -14.13 -15.30 -45.11
CA GLN B 64 -15.28 -14.77 -44.39
C GLN B 64 -15.07 -13.30 -44.01
N GLU B 65 -13.87 -12.95 -43.53
CA GLU B 65 -13.68 -11.55 -43.18
C GLU B 65 -13.53 -10.66 -44.41
N MET B 66 -13.05 -11.21 -45.52
CA MET B 66 -13.07 -10.49 -46.79
C MET B 66 -14.48 -10.07 -47.14
N VAL B 67 -15.38 -11.05 -47.23
CA VAL B 67 -16.77 -10.75 -47.52
C VAL B 67 -17.38 -9.83 -46.47
N LEU B 68 -16.67 -9.58 -45.38
CA LEU B 68 -17.12 -8.71 -44.30
C LEU B 68 -18.43 -9.25 -43.73
N LYS B 69 -18.33 -10.21 -42.82
CA LYS B 69 -19.49 -10.84 -42.21
C LYS B 69 -20.31 -9.82 -41.41
N ASN C 2 -1.92 -13.20 -29.47
CA ASN C 2 -1.66 -14.63 -29.31
C ASN C 2 -0.58 -15.13 -30.28
N ALA C 3 0.37 -15.93 -29.78
CA ALA C 3 1.47 -16.45 -30.59
C ALA C 3 1.49 -17.97 -30.73
N SER C 4 0.80 -18.71 -29.86
CA SER C 4 0.89 -20.16 -29.80
C SER C 4 -0.16 -20.78 -30.73
N SER C 5 0.28 -21.68 -31.62
CA SER C 5 -0.65 -22.29 -32.57
C SER C 5 -1.74 -23.11 -31.89
N LEU C 6 -1.45 -23.69 -30.71
CA LEU C 6 -2.42 -24.52 -30.01
C LEU C 6 -3.54 -23.72 -29.34
N TYR C 7 -3.42 -22.39 -29.26
CA TYR C 7 -4.46 -21.58 -28.65
C TYR C 7 -5.46 -21.06 -29.68
N GLY C 8 -5.40 -21.52 -30.93
CA GLY C 8 -6.48 -21.29 -31.88
C GLY C 8 -6.06 -20.46 -33.08
N ILE C 9 -7.04 -20.25 -33.96
CA ILE C 9 -6.78 -19.52 -35.20
C ILE C 9 -6.48 -18.05 -34.98
N SER C 10 -6.74 -17.53 -33.78
CA SER C 10 -6.27 -16.19 -33.44
C SER C 10 -4.77 -16.04 -33.67
N ALA C 11 -4.00 -17.13 -33.66
CA ALA C 11 -2.57 -17.04 -33.93
C ALA C 11 -2.28 -16.51 -35.33
N MET C 12 -3.21 -16.69 -36.27
CA MET C 12 -3.05 -16.26 -37.66
C MET C 12 -3.60 -14.86 -37.92
N ASP C 13 -3.87 -14.06 -36.88
CA ASP C 13 -4.61 -12.81 -37.06
C ASP C 13 -3.85 -11.80 -37.94
N GLY C 14 -2.54 -11.70 -37.79
CA GLY C 14 -1.86 -10.73 -38.62
C GLY C 14 -1.26 -11.27 -39.90
N VAL C 15 -1.68 -12.45 -40.35
CA VAL C 15 -1.10 -13.08 -41.53
C VAL C 15 -1.94 -12.68 -42.75
N PRO C 16 -1.37 -11.95 -43.71
CA PRO C 16 -2.16 -11.47 -44.85
C PRO C 16 -2.45 -12.57 -45.85
N PHE C 17 -3.65 -12.51 -46.44
CA PHE C 17 -4.10 -13.44 -47.45
C PHE C 17 -4.56 -12.68 -48.68
N THR C 18 -4.45 -13.32 -49.84
CA THR C 18 -4.89 -12.68 -51.07
C THR C 18 -5.64 -13.67 -51.92
N LEU C 19 -6.51 -13.14 -52.78
CA LEU C 19 -7.32 -13.96 -53.65
C LEU C 19 -6.60 -14.28 -54.96
N HIS C 20 -6.97 -15.41 -55.56
CA HIS C 20 -6.68 -15.74 -56.95
C HIS C 20 -7.52 -16.93 -57.44
N ASN D 16 10.79 -2.25 -51.11
CA ASN D 16 10.12 -3.52 -50.90
C ASN D 16 10.62 -4.20 -49.62
N LYS D 17 9.97 -5.30 -49.22
CA LYS D 17 10.35 -6.04 -48.01
C LYS D 17 10.99 -7.35 -48.40
N PRO D 18 12.26 -7.59 -48.09
CA PRO D 18 12.96 -8.75 -48.63
C PRO D 18 12.83 -10.02 -47.79
N GLU D 19 12.74 -9.88 -46.47
CA GLU D 19 12.75 -11.07 -45.62
C GLU D 19 11.47 -11.88 -45.69
N LEU D 20 10.44 -11.41 -46.40
CA LEU D 20 9.20 -12.17 -46.53
C LEU D 20 9.25 -13.20 -47.64
N TYR D 21 10.31 -13.24 -48.44
CA TYR D 21 10.33 -14.09 -49.62
C TYR D 21 11.28 -15.27 -49.48
N GLU D 22 11.98 -15.40 -48.37
CA GLU D 22 12.83 -16.56 -48.11
C GLU D 22 12.38 -17.24 -46.83
N GLU D 23 12.37 -18.57 -46.84
CA GLU D 23 11.89 -19.32 -45.70
C GLU D 23 12.96 -19.40 -44.61
N VAL D 24 12.52 -19.30 -43.35
CA VAL D 24 13.45 -19.30 -42.23
C VAL D 24 13.79 -20.73 -41.83
N LYS D 25 15.02 -20.91 -41.38
CA LYS D 25 15.56 -22.18 -40.91
C LYS D 25 15.73 -22.12 -39.39
N LEU D 26 15.68 -23.30 -38.77
CA LEU D 26 15.80 -23.38 -37.32
C LEU D 26 17.24 -23.25 -36.86
N TYR D 27 18.20 -23.71 -37.65
CA TYR D 27 19.60 -23.70 -37.24
C TYR D 27 20.47 -23.39 -38.43
N LYS D 28 21.63 -22.78 -38.15
CA LYS D 28 22.56 -22.32 -39.17
C LYS D 28 23.90 -23.03 -39.15
N ASN D 29 24.18 -23.83 -38.13
CA ASN D 29 25.49 -24.43 -37.95
C ASN D 29 25.36 -25.70 -37.14
N ALA D 30 26.49 -26.38 -36.95
CA ALA D 30 26.51 -27.65 -36.24
C ALA D 30 26.11 -27.47 -34.77
N ARG D 31 26.58 -26.41 -34.13
CA ARG D 31 26.30 -26.26 -32.72
C ARG D 31 24.83 -25.94 -32.47
N GLU D 32 24.23 -25.12 -33.34
CA GLU D 32 22.80 -24.81 -33.21
C GLU D 32 21.94 -26.05 -33.43
N ARG D 33 22.28 -26.87 -34.44
CA ARG D 33 21.55 -28.11 -34.65
C ARG D 33 21.64 -29.03 -33.44
N GLU D 34 22.85 -29.22 -32.92
CA GLU D 34 23.06 -29.98 -31.70
C GLU D 34 22.16 -29.50 -30.57
N LYS D 35 22.08 -28.18 -30.39
CA LYS D 35 21.29 -27.62 -29.30
C LYS D 35 19.80 -27.95 -29.48
N TYR D 36 19.29 -27.74 -30.70
CA TYR D 36 17.87 -28.02 -30.97
C TYR D 36 17.57 -29.50 -30.97
N ASP D 37 18.54 -30.35 -31.35
CA ASP D 37 18.33 -31.79 -31.20
C ASP D 37 18.09 -32.14 -29.74
N ASN D 38 18.91 -31.58 -28.85
CA ASN D 38 18.78 -31.89 -27.43
C ASN D 38 17.54 -31.25 -26.83
N MET D 39 17.20 -30.02 -27.22
CA MET D 39 15.98 -29.40 -26.73
C MET D 39 14.73 -30.15 -27.19
N ALA D 40 14.74 -30.63 -28.43
CA ALA D 40 13.61 -31.44 -28.92
C ALA D 40 13.42 -32.68 -28.07
N GLU D 41 14.52 -33.31 -27.64
CA GLU D 41 14.38 -34.51 -26.83
C GLU D 41 13.87 -34.18 -25.44
N LEU D 42 14.34 -33.09 -24.83
CA LEU D 42 13.81 -32.68 -23.55
C LEU D 42 12.31 -32.46 -23.63
N PHE D 43 11.90 -31.65 -24.59
CA PHE D 43 10.50 -31.34 -24.82
C PHE D 43 9.69 -32.62 -25.01
N ALA D 44 10.22 -33.56 -25.81
CA ALA D 44 9.48 -34.79 -26.03
C ALA D 44 9.44 -35.67 -24.79
N VAL D 45 10.46 -35.64 -23.93
CA VAL D 45 10.43 -36.47 -22.74
C VAL D 45 9.41 -35.94 -21.72
N VAL D 46 9.34 -34.62 -21.60
CA VAL D 46 8.40 -34.02 -20.67
C VAL D 46 6.95 -34.30 -21.11
N LYS D 47 6.65 -34.06 -22.39
CA LYS D 47 5.29 -34.29 -22.88
C LYS D 47 4.89 -35.76 -22.79
N THR D 48 5.87 -36.68 -22.95
CA THR D 48 5.57 -38.10 -22.80
C THR D 48 5.30 -38.45 -21.34
N MET D 49 6.03 -37.82 -20.42
CA MET D 49 5.76 -37.99 -19.01
C MET D 49 4.36 -37.49 -18.69
N GLN D 50 4.01 -36.32 -19.23
CA GLN D 50 2.70 -35.74 -19.02
C GLN D 50 1.60 -36.68 -19.52
N ALA D 51 1.75 -37.24 -20.73
CA ALA D 51 0.72 -38.17 -21.21
C ALA D 51 0.65 -39.42 -20.35
N LEU D 52 1.76 -39.86 -19.77
CA LEU D 52 1.72 -41.03 -18.91
C LEU D 52 0.95 -40.74 -17.62
N GLU D 53 1.23 -39.60 -16.99
CA GLU D 53 0.49 -39.19 -15.81
C GLU D 53 -1.02 -39.13 -16.10
N LYS D 54 -1.39 -38.52 -17.23
CA LYS D 54 -2.80 -38.43 -17.60
C LYS D 54 -3.43 -39.81 -17.77
N ALA D 55 -2.71 -40.73 -18.42
CA ALA D 55 -3.24 -42.08 -18.59
C ALA D 55 -3.46 -42.75 -17.25
N TYR D 56 -2.56 -42.53 -16.29
CA TYR D 56 -2.72 -43.16 -14.99
C TYR D 56 -3.90 -42.58 -14.22
N ILE D 57 -4.14 -41.26 -14.35
CA ILE D 57 -5.36 -40.68 -13.80
C ILE D 57 -6.58 -41.41 -14.34
N LYS D 58 -6.62 -41.59 -15.66
CA LYS D 58 -7.75 -42.18 -16.36
C LYS D 58 -7.84 -43.67 -16.11
N ASP D 59 -6.88 -44.25 -15.40
CA ASP D 59 -6.95 -45.64 -14.94
C ASP D 59 -6.85 -46.64 -16.08
N CYS D 60 -6.12 -46.31 -17.14
CA CYS D 60 -5.97 -47.22 -18.28
C CYS D 60 -4.61 -47.91 -18.32
N VAL D 61 -3.81 -47.82 -17.25
CA VAL D 61 -2.55 -48.54 -17.16
C VAL D 61 -2.41 -49.14 -15.76
N SER D 62 -1.83 -50.34 -15.68
CA SER D 62 -1.61 -50.99 -14.41
C SER D 62 -0.58 -50.20 -13.58
N PRO D 63 -0.68 -50.25 -12.26
CA PRO D 63 0.34 -49.59 -11.44
C PRO D 63 1.73 -50.14 -11.70
N SER D 64 1.83 -51.38 -12.17
CA SER D 64 3.12 -51.98 -12.45
C SER D 64 3.68 -51.49 -13.77
N GLU D 65 2.88 -51.57 -14.85
CA GLU D 65 3.28 -50.99 -16.12
C GLU D 65 3.60 -49.50 -15.99
N TYR D 66 2.80 -48.78 -15.19
CA TYR D 66 2.97 -47.33 -15.04
C TYR D 66 4.28 -47.00 -14.33
N THR D 67 4.59 -47.72 -13.25
CA THR D 67 5.76 -47.41 -12.45
C THR D 67 7.06 -47.66 -13.21
N ALA D 68 7.14 -48.78 -13.93
CA ALA D 68 8.36 -49.07 -14.68
C ALA D 68 8.56 -48.08 -15.82
N ALA D 69 7.47 -47.65 -16.47
CA ALA D 69 7.59 -46.69 -17.56
C ALA D 69 7.94 -45.29 -17.03
N CYS D 70 7.43 -44.94 -15.86
CA CYS D 70 7.66 -43.61 -15.31
C CYS D 70 9.04 -43.48 -14.68
N SER D 71 9.54 -44.56 -14.05
CA SER D 71 10.92 -44.57 -13.58
C SER D 71 11.90 -44.33 -14.72
N ARG D 72 11.72 -45.04 -15.82
CA ARG D 72 12.61 -44.90 -16.98
C ARG D 72 12.53 -43.49 -17.57
N LEU D 73 11.31 -42.95 -17.73
CA LEU D 73 11.18 -41.58 -18.20
C LEU D 73 11.88 -40.58 -17.30
N LEU D 74 11.82 -40.77 -15.98
CA LEU D 74 12.49 -39.86 -15.07
C LEU D 74 14.01 -39.95 -15.22
N VAL D 75 14.53 -41.15 -15.48
CA VAL D 75 15.96 -41.28 -15.72
C VAL D 75 16.33 -40.64 -17.06
N GLN D 76 15.54 -40.91 -18.11
CA GLN D 76 15.75 -40.23 -19.38
C GLN D 76 15.57 -38.73 -19.21
N TYR D 77 14.61 -38.31 -18.38
CA TYR D 77 14.41 -36.87 -18.20
C TYR D 77 15.66 -36.22 -17.61
N LYS D 78 16.24 -36.83 -16.58
CA LYS D 78 17.31 -36.16 -15.86
C LYS D 78 18.54 -35.99 -16.75
N ALA D 79 18.81 -36.99 -17.60
CA ALA D 79 19.87 -36.85 -18.60
C ALA D 79 19.51 -35.79 -19.65
N ALA D 80 18.28 -35.83 -20.17
CA ALA D 80 17.90 -34.87 -21.21
C ALA D 80 18.06 -33.42 -20.75
N PHE D 81 17.68 -33.13 -19.50
CA PHE D 81 17.78 -31.76 -19.01
C PHE D 81 19.23 -31.38 -18.74
N ARG D 82 20.03 -32.30 -18.20
CA ARG D 82 21.45 -32.01 -18.02
C ARG D 82 22.08 -31.59 -19.34
N GLN D 83 21.69 -32.24 -20.42
CA GLN D 83 22.26 -31.94 -21.73
C GLN D 83 21.83 -30.56 -22.23
N VAL D 84 20.64 -30.11 -21.85
CA VAL D 84 20.14 -28.80 -22.27
C VAL D 84 20.59 -27.65 -21.35
N GLN D 85 20.69 -27.91 -20.04
CA GLN D 85 21.06 -26.89 -19.06
C GLN D 85 22.39 -26.21 -19.41
N GLY D 86 22.39 -24.88 -19.37
CA GLY D 86 23.58 -24.10 -19.65
C GLY D 86 23.28 -22.63 -19.49
N SER D 87 23.97 -21.77 -20.25
CA SER D 87 23.90 -20.33 -20.01
C SER D 87 22.50 -19.77 -20.24
N GLU D 88 21.81 -20.21 -21.30
CA GLU D 88 20.51 -19.62 -21.60
C GLU D 88 19.31 -20.37 -21.02
N ILE D 89 19.45 -21.64 -20.64
CA ILE D 89 18.38 -22.40 -19.99
C ILE D 89 18.92 -22.98 -18.68
N SER D 90 18.45 -22.43 -17.55
CA SER D 90 18.97 -22.84 -16.25
C SER D 90 18.04 -23.78 -15.50
N SER D 91 16.77 -23.86 -15.88
CA SER D 91 15.84 -24.68 -15.12
C SER D 91 14.75 -25.18 -16.05
N ILE D 92 14.04 -26.20 -15.59
CA ILE D 92 13.01 -26.75 -16.46
C ILE D 92 11.82 -25.80 -16.56
N ASP D 93 11.53 -25.01 -15.51
CA ASP D 93 10.46 -24.03 -15.62
C ASP D 93 10.81 -22.94 -16.64
N GLU D 94 12.09 -22.60 -16.76
CA GLU D 94 12.48 -21.62 -17.77
C GLU D 94 12.36 -22.21 -19.18
N PHE D 95 12.77 -23.46 -19.35
CA PHE D 95 12.59 -24.12 -20.64
C PHE D 95 11.11 -24.24 -20.99
N CYS D 96 10.29 -24.72 -20.05
CA CYS D 96 8.86 -24.90 -20.31
C CYS D 96 8.18 -23.59 -20.65
N ARG D 97 8.66 -22.49 -20.08
CA ARG D 97 8.08 -21.19 -20.41
C ARG D 97 8.57 -20.70 -21.76
N LYS D 98 9.85 -20.91 -22.07
CA LYS D 98 10.33 -20.45 -23.37
C LYS D 98 9.55 -21.10 -24.50
N PHE D 99 9.18 -22.36 -24.34
CA PHE D 99 8.52 -23.09 -25.42
C PHE D 99 7.06 -23.40 -25.12
N ARG D 100 6.47 -22.73 -24.13
CA ARG D 100 5.05 -22.79 -23.84
C ARG D 100 4.58 -24.24 -23.73
N LEU D 101 5.27 -24.96 -22.86
CA LEU D 101 5.01 -26.36 -22.58
C LEU D 101 4.44 -26.46 -21.16
N ASP D 102 3.11 -26.49 -21.05
CA ASP D 102 2.41 -26.56 -19.77
C ASP D 102 2.09 -28.03 -19.48
N CYS D 103 2.90 -28.64 -18.60
CA CYS D 103 2.73 -30.03 -18.18
C CYS D 103 2.83 -30.15 -16.67
N PRO D 104 1.77 -29.78 -15.94
CA PRO D 104 1.92 -29.72 -14.47
C PRO D 104 2.12 -31.09 -13.84
N LEU D 105 1.63 -32.16 -14.46
CA LEU D 105 1.78 -33.50 -13.91
C LEU D 105 3.21 -33.98 -14.09
N ALA D 106 3.76 -33.84 -15.30
CA ALA D 106 5.19 -34.06 -15.52
C ALA D 106 6.04 -33.24 -14.54
N MET D 107 5.70 -31.96 -14.33
CA MET D 107 6.50 -31.13 -13.42
C MET D 107 6.48 -31.68 -12.00
N GLU D 108 5.36 -32.23 -11.57
CA GLU D 108 5.26 -32.75 -10.21
C GLU D 108 6.02 -34.06 -10.07
N ARG D 109 6.03 -34.90 -11.10
CA ARG D 109 6.83 -36.12 -11.03
C ARG D 109 8.31 -35.78 -10.96
N ILE D 110 8.73 -34.77 -11.72
CA ILE D 110 10.12 -34.33 -11.71
C ILE D 110 10.50 -33.79 -10.34
N LYS D 111 9.59 -33.02 -9.73
CA LYS D 111 9.87 -32.44 -8.41
C LYS D 111 10.13 -33.51 -7.36
N GLU D 112 9.27 -34.52 -7.28
CA GLU D 112 9.45 -35.61 -6.34
C GLU D 112 10.42 -36.66 -6.83
N ASP D 113 10.83 -36.60 -8.09
CA ASP D 113 11.77 -37.55 -8.70
C ASP D 113 11.34 -39.01 -8.47
N ARG D 114 10.04 -39.25 -8.43
CA ARG D 114 9.57 -40.62 -8.23
C ARG D 114 8.22 -40.75 -8.91
N PRO D 115 7.86 -41.95 -9.36
CA PRO D 115 6.50 -42.16 -9.87
C PRO D 115 5.45 -41.84 -8.81
N ILE D 116 4.24 -41.57 -9.29
CA ILE D 116 3.15 -41.19 -8.40
C ILE D 116 2.80 -42.32 -7.44
N THR D 117 3.17 -43.55 -7.78
CA THR D 117 3.03 -44.67 -6.88
C THR D 117 3.99 -44.56 -5.70
N ASN E 5 -13.47 31.50 -3.10
CA ASN E 5 -12.55 31.20 -4.19
C ASN E 5 -11.58 30.07 -3.84
N ASP E 6 -11.73 28.93 -4.51
CA ASP E 6 -10.82 27.81 -4.30
C ASP E 6 -10.73 26.97 -5.58
N ILE E 7 -9.51 26.56 -5.92
CA ILE E 7 -9.24 25.97 -7.23
C ILE E 7 -9.93 24.63 -7.44
N ASP E 8 -10.31 23.91 -6.37
CA ASP E 8 -10.89 22.58 -6.54
C ASP E 8 -12.29 22.64 -7.14
N GLU E 9 -13.03 23.72 -6.89
CA GLU E 9 -14.39 23.82 -7.41
C GLU E 9 -14.47 24.10 -8.91
N VAL E 10 -13.34 24.36 -9.60
CA VAL E 10 -13.42 24.92 -10.95
C VAL E 10 -13.76 23.87 -11.99
N ILE E 11 -13.44 22.61 -11.76
CA ILE E 11 -13.79 21.55 -12.70
C ILE E 11 -14.38 20.39 -11.89
N ILE E 12 -15.61 20.01 -12.22
CA ILE E 12 -16.36 19.06 -11.41
C ILE E 12 -17.10 18.09 -12.32
N PRO E 13 -17.40 16.90 -11.80
CA PRO E 13 -18.24 15.98 -12.55
C PRO E 13 -19.63 16.58 -12.73
N THR E 14 -20.41 16.00 -13.63
CA THR E 14 -21.64 16.65 -14.04
C THR E 14 -22.86 16.17 -13.26
N ALA E 15 -22.74 15.14 -12.45
CA ALA E 15 -23.89 14.58 -11.75
C ALA E 15 -23.46 14.07 -10.39
N PRO E 16 -24.40 13.99 -9.43
CA PRO E 16 -24.05 13.40 -8.11
C PRO E 16 -23.49 12.00 -8.20
N LEU E 17 -24.06 11.13 -9.02
CA LEU E 17 -23.53 9.77 -9.15
C LEU E 17 -22.08 9.79 -9.62
N TYR E 18 -21.76 10.65 -10.59
CA TYR E 18 -20.39 10.76 -11.08
C TYR E 18 -19.48 11.36 -10.01
N LYS E 19 -20.00 12.30 -9.23
CA LYS E 19 -19.22 12.88 -8.14
C LYS E 19 -18.94 11.83 -7.08
N GLN E 20 -19.95 11.00 -6.77
CA GLN E 20 -19.75 9.90 -5.85
C GLN E 20 -18.67 8.96 -6.36
N ILE E 21 -18.73 8.64 -7.66
CA ILE E 21 -17.75 7.74 -8.26
C ILE E 21 -16.34 8.30 -8.09
N LEU E 22 -16.19 9.61 -8.30
CA LEU E 22 -14.88 10.23 -8.13
C LEU E 22 -14.41 10.11 -6.68
N ASN E 23 -15.28 10.41 -5.73
CA ASN E 23 -14.92 10.35 -4.33
C ASN E 23 -14.55 8.93 -3.91
N LEU E 24 -15.25 7.94 -4.45
CA LEU E 24 -14.97 6.54 -4.11
C LEU E 24 -13.61 6.11 -4.64
N TYR E 25 -13.27 6.56 -5.85
CA TYR E 25 -11.95 6.30 -6.45
C TYR E 25 -10.83 6.89 -5.61
N ALA E 26 -10.94 8.17 -5.27
CA ALA E 26 -9.90 8.85 -4.50
C ALA E 26 -9.80 8.26 -3.10
N GLU E 27 -10.94 7.87 -2.52
CA GLU E 27 -10.94 7.33 -1.16
C GLU E 27 -10.29 5.95 -1.12
N GLU E 28 -10.68 5.05 -2.03
CA GLU E 28 -10.06 3.74 -2.03
C GLU E 28 -8.55 3.84 -2.20
N ASN E 29 -8.11 4.70 -3.12
CA ASN E 29 -6.69 4.88 -3.36
C ASN E 29 -6.00 5.47 -2.13
N ALA E 30 -6.62 6.46 -1.50
CA ALA E 30 -6.09 7.04 -0.28
C ALA E 30 -5.95 6.00 0.82
N ILE E 31 -6.91 5.08 0.92
CA ILE E 31 -6.81 4.02 1.92
C ILE E 31 -5.66 3.09 1.60
N GLU E 32 -5.51 2.70 0.32
CA GLU E 32 -4.37 1.88 -0.06
C GLU E 32 -3.05 2.60 0.18
N ASP E 33 -3.00 3.91 -0.03
CA ASP E 33 -1.79 4.67 0.30
C ASP E 33 -1.44 4.52 1.77
N THR E 34 -2.46 4.69 2.63
CA THR E 34 -2.26 4.64 4.07
C THR E 34 -1.79 3.26 4.51
N ILE E 35 -2.45 2.22 4.01
CA ILE E 35 -2.08 0.85 4.37
C ILE E 35 -0.65 0.58 3.99
N PHE E 36 -0.26 1.01 2.79
CA PHE E 36 1.12 0.80 2.33
C PHE E 36 2.12 1.40 3.30
N TYR E 37 1.87 2.60 3.83
CA TYR E 37 2.87 3.18 4.72
C TYR E 37 2.76 2.65 6.16
N LEU E 38 1.62 2.08 6.56
CA LEU E 38 1.59 1.33 7.81
C LEU E 38 2.55 0.15 7.75
N GLY E 39 2.60 -0.54 6.60
CA GLY E 39 3.57 -1.61 6.41
C GLY E 39 5.01 -1.13 6.55
N GLU E 40 5.37 -0.06 5.82
CA GLU E 40 6.73 0.49 5.94
C GLU E 40 7.05 0.89 7.37
N ALA E 41 6.05 1.43 8.09
CA ALA E 41 6.27 1.80 9.49
C ALA E 41 6.56 0.59 10.34
N LEU E 42 5.85 -0.51 10.07
CA LEU E 42 6.08 -1.74 10.81
C LEU E 42 7.50 -2.21 10.61
N ARG E 43 7.97 -2.19 9.36
CA ARG E 43 9.33 -2.62 9.07
C ARG E 43 10.37 -1.73 9.74
N ARG E 44 10.14 -0.41 9.81
CA ARG E 44 11.07 0.50 10.46
C ARG E 44 10.99 0.49 12.00
N GLY E 45 10.26 -0.42 12.62
CA GLY E 45 10.14 -0.37 14.08
C GLY E 45 9.30 0.75 14.63
N VAL E 46 8.63 1.53 13.78
CA VAL E 46 7.87 2.69 14.25
C VAL E 46 6.56 2.28 14.93
N ILE E 47 5.97 1.14 14.56
CA ILE E 47 4.77 0.63 15.19
C ILE E 47 4.95 -0.87 15.40
N ASP E 48 4.21 -1.42 16.35
CA ASP E 48 4.30 -2.85 16.59
C ASP E 48 3.21 -3.61 15.83
N LEU E 49 3.32 -4.94 15.88
CA LEU E 49 2.49 -5.85 15.11
C LEU E 49 1.00 -5.71 15.44
N ASP E 50 0.66 -5.71 16.73
CA ASP E 50 -0.77 -5.70 17.08
C ASP E 50 -1.46 -4.43 16.59
N VAL E 51 -0.78 -3.29 16.68
CA VAL E 51 -1.34 -2.03 16.20
C VAL E 51 -1.42 -2.03 14.68
N PHE E 52 -0.36 -2.50 14.01
CA PHE E 52 -0.41 -2.63 12.57
C PHE E 52 -1.60 -3.50 12.13
N LEU E 53 -1.75 -4.68 12.74
CA LEU E 53 -2.81 -5.59 12.33
C LEU E 53 -4.19 -4.98 12.59
N LYS E 54 -4.36 -4.28 13.72
CA LYS E 54 -5.69 -3.76 14.00
C LYS E 54 -6.04 -2.64 13.04
N HIS E 55 -5.05 -1.83 12.66
CA HIS E 55 -5.37 -0.71 11.78
C HIS E 55 -5.47 -1.16 10.33
N VAL E 56 -4.66 -2.14 9.91
CA VAL E 56 -4.84 -2.72 8.60
C VAL E 56 -6.24 -3.30 8.46
N ARG E 57 -6.73 -3.96 9.51
CA ARG E 57 -8.06 -4.55 9.41
C ARG E 57 -9.14 -3.49 9.27
N LEU E 58 -9.08 -2.42 10.07
CA LEU E 58 -10.11 -1.38 9.98
C LEU E 58 -10.12 -0.71 8.60
N LEU E 59 -8.93 -0.39 8.09
CA LEU E 59 -8.84 0.24 6.78
C LEU E 59 -9.30 -0.70 5.67
N SER E 60 -8.91 -1.97 5.74
CA SER E 60 -9.35 -2.95 4.75
C SER E 60 -10.85 -3.12 4.77
N ARG E 61 -11.44 -3.16 5.98
CA ARG E 61 -12.89 -3.10 6.12
C ARG E 61 -13.50 -1.88 5.40
N LYS E 62 -12.96 -0.68 5.64
CA LYS E 62 -13.49 0.49 4.96
C LYS E 62 -13.30 0.38 3.46
N GLN E 63 -12.19 -0.23 3.05
CA GLN E 63 -11.91 -0.33 1.63
C GLN E 63 -12.90 -1.25 0.92
N PHE E 64 -13.26 -2.37 1.56
CA PHE E 64 -14.31 -3.21 0.98
C PHE E 64 -15.57 -2.41 0.72
N GLN E 65 -16.02 -1.64 1.73
CA GLN E 65 -17.25 -0.89 1.58
C GLN E 65 -17.17 0.02 0.36
N LEU E 66 -16.03 0.67 0.16
CA LEU E 66 -15.89 1.59 -0.96
C LEU E 66 -15.86 0.84 -2.27
N ARG E 67 -15.11 -0.26 -2.31
CA ARG E 67 -14.99 -1.03 -3.56
C ARG E 67 -16.34 -1.61 -3.96
N ALA E 68 -17.07 -2.15 -2.99
CA ALA E 68 -18.37 -2.74 -3.28
C ALA E 68 -19.37 -1.69 -3.71
N LEU E 69 -19.34 -0.53 -3.05
CA LEU E 69 -20.18 0.58 -3.48
C LEU E 69 -19.74 1.08 -4.86
N MET E 70 -18.43 1.12 -5.14
CA MET E 70 -18.01 1.57 -6.46
C MET E 70 -18.56 0.66 -7.55
N GLN E 71 -18.60 -0.65 -7.30
CA GLN E 71 -19.13 -1.60 -8.27
C GLN E 71 -20.60 -1.31 -8.60
N LYS E 72 -21.41 -1.03 -7.57
CA LYS E 72 -22.80 -0.67 -7.83
C LYS E 72 -22.90 0.68 -8.52
N ALA E 73 -22.07 1.64 -8.10
CA ALA E 73 -22.08 2.96 -8.71
C ALA E 73 -21.74 2.88 -10.19
N ARG E 74 -20.67 2.14 -10.52
CA ARG E 74 -20.29 2.02 -11.92
C ARG E 74 -21.35 1.27 -12.71
N LYS E 75 -21.92 0.20 -12.14
CA LYS E 75 -22.99 -0.48 -12.86
C LYS E 75 -24.17 0.46 -13.11
N THR E 76 -24.50 1.29 -12.13
CA THR E 76 -25.67 2.16 -12.25
C THR E 76 -25.47 3.23 -13.31
N ALA E 77 -24.23 3.67 -13.52
CA ALA E 77 -23.89 4.74 -14.44
C ALA E 77 -23.61 4.27 -15.87
N GLY E 78 -23.59 2.97 -16.11
CA GLY E 78 -23.30 2.45 -17.42
C GLY E 78 -21.84 2.29 -17.75
N LEU E 79 -20.94 2.55 -16.79
CA LEU E 79 -19.53 2.22 -16.98
C LEU E 79 -19.32 0.72 -16.79
N SER E 80 -18.09 0.26 -17.04
CA SER E 80 -17.77 -1.15 -16.86
C SER E 80 -17.68 -1.50 -15.38
N ASP E 81 -18.22 -2.67 -15.03
CA ASP E 81 -18.24 -3.15 -13.64
C ASP E 81 -17.47 -4.45 -13.48
N ILE F 7 32.72 22.87 -8.27
CA ILE F 7 33.57 22.19 -9.24
C ILE F 7 32.88 20.90 -9.68
N ASP F 8 31.88 20.49 -8.89
CA ASP F 8 31.08 19.33 -9.24
C ASP F 8 30.12 19.62 -10.39
N GLU F 9 29.71 20.87 -10.56
CA GLU F 9 28.78 21.25 -11.60
C GLU F 9 29.46 21.88 -12.82
N VAL F 10 30.76 21.63 -12.99
CA VAL F 10 31.43 22.11 -14.19
C VAL F 10 31.07 21.25 -15.39
N ILE F 11 30.77 19.97 -15.19
CA ILE F 11 30.36 19.08 -16.28
C ILE F 11 29.13 18.30 -15.83
N ILE F 12 28.06 18.34 -16.62
CA ILE F 12 26.74 17.90 -16.15
C ILE F 12 26.00 17.21 -17.29
N PRO F 13 25.09 16.31 -16.93
CA PRO F 13 24.19 15.73 -17.93
C PRO F 13 23.27 16.79 -18.54
N THR F 14 22.81 16.52 -19.77
CA THR F 14 22.18 17.55 -20.57
C THR F 14 20.71 17.81 -20.22
N ALA F 15 20.07 16.95 -19.44
CA ALA F 15 18.63 17.10 -19.17
C ALA F 15 18.29 16.37 -17.88
N PRO F 16 17.16 16.73 -17.25
CA PRO F 16 16.76 16.09 -15.98
C PRO F 16 16.71 14.57 -15.99
N LEU F 17 16.20 13.94 -17.05
CA LEU F 17 16.19 12.48 -17.11
C LEU F 17 17.60 11.91 -17.14
N TYR F 18 18.50 12.51 -17.93
CA TYR F 18 19.90 12.08 -17.90
C TYR F 18 20.52 12.31 -16.53
N LYS F 19 20.10 13.37 -15.84
CA LYS F 19 20.57 13.63 -14.48
C LYS F 19 20.04 12.57 -13.50
N GLN F 20 18.78 12.15 -13.68
CA GLN F 20 18.24 11.11 -12.81
C GLN F 20 18.98 9.79 -13.05
N ILE F 21 19.26 9.49 -14.32
CA ILE F 21 20.01 8.31 -14.70
C ILE F 21 21.39 8.29 -14.04
N LEU F 22 22.08 9.43 -14.03
CA LEU F 22 23.39 9.47 -13.36
C LEU F 22 23.24 9.17 -11.88
N ASN F 23 22.24 9.77 -11.23
CA ASN F 23 22.08 9.57 -9.81
C ASN F 23 21.73 8.12 -9.50
N LEU F 24 20.85 7.52 -10.31
CA LEU F 24 20.54 6.10 -10.16
C LEU F 24 21.77 5.24 -10.29
N TYR F 25 22.63 5.52 -11.29
CA TYR F 25 23.86 4.75 -11.47
C TYR F 25 24.77 4.87 -10.24
N ALA F 26 24.93 6.07 -9.71
CA ALA F 26 25.84 6.26 -8.59
C ALA F 26 25.27 5.65 -7.31
N GLU F 27 23.96 5.77 -7.09
CA GLU F 27 23.35 5.27 -5.85
C GLU F 27 23.39 3.76 -5.79
N GLU F 28 23.15 3.09 -6.93
CA GLU F 28 23.18 1.65 -6.91
C GLU F 28 24.58 1.13 -6.70
N ASN F 29 25.57 1.83 -7.26
CA ASN F 29 26.96 1.45 -7.03
C ASN F 29 27.39 1.74 -5.60
N ALA F 30 26.97 2.87 -5.05
CA ALA F 30 27.26 3.16 -3.64
C ALA F 30 26.65 2.12 -2.72
N ILE F 31 25.44 1.65 -3.04
CA ILE F 31 24.83 0.63 -2.22
C ILE F 31 25.62 -0.66 -2.31
N GLU F 32 26.09 -1.03 -3.52
CA GLU F 32 26.90 -2.24 -3.65
C GLU F 32 28.21 -2.13 -2.86
N ASP F 33 28.85 -0.93 -2.88
CA ASP F 33 30.04 -0.71 -2.05
C ASP F 33 29.73 -1.00 -0.59
N THR F 34 28.57 -0.51 -0.11
CA THR F 34 28.21 -0.63 1.29
C THR F 34 27.94 -2.08 1.67
N ILE F 35 27.20 -2.82 0.83
CA ILE F 35 27.00 -4.24 1.09
C ILE F 35 28.35 -4.95 1.13
N PHE F 36 29.27 -4.60 0.23
CA PHE F 36 30.56 -5.27 0.21
C PHE F 36 31.27 -5.14 1.56
N TYR F 37 31.31 -3.93 2.11
CA TYR F 37 32.03 -3.73 3.37
C TYR F 37 31.25 -4.23 4.59
N LEU F 38 29.93 -4.37 4.54
CA LEU F 38 29.24 -5.10 5.61
C LEU F 38 29.68 -6.56 5.65
N GLY F 39 29.78 -7.21 4.47
CA GLY F 39 30.29 -8.59 4.44
C GLY F 39 31.64 -8.69 5.10
N GLU F 40 32.56 -7.78 4.75
CA GLU F 40 33.87 -7.78 5.39
C GLU F 40 33.77 -7.46 6.87
N ALA F 41 32.77 -6.65 7.28
CA ALA F 41 32.63 -6.35 8.69
C ALA F 41 32.18 -7.58 9.47
N LEU F 42 31.24 -8.35 8.90
CA LEU F 42 30.85 -9.60 9.53
C LEU F 42 32.05 -10.52 9.72
N ARG F 43 32.90 -10.63 8.69
CA ARG F 43 34.09 -11.48 8.79
C ARG F 43 35.07 -10.98 9.85
N ARG F 44 35.17 -9.67 10.05
CA ARG F 44 36.02 -9.13 11.11
C ARG F 44 35.38 -9.23 12.50
N GLY F 45 34.18 -9.76 12.62
CA GLY F 45 33.55 -9.79 13.93
C GLY F 45 33.04 -8.45 14.41
N VAL F 46 32.97 -7.46 13.51
CA VAL F 46 32.47 -6.13 13.87
C VAL F 46 30.96 -6.15 14.12
N ILE F 47 30.21 -6.80 13.23
CA ILE F 47 28.77 -6.94 13.39
C ILE F 47 28.48 -8.43 13.42
N ASP F 48 27.32 -8.79 13.96
CA ASP F 48 26.95 -10.19 13.96
C ASP F 48 26.01 -10.52 12.79
N LEU F 49 25.67 -11.82 12.67
CA LEU F 49 24.93 -12.31 11.52
C LEU F 49 23.58 -11.62 11.38
N ASP F 50 22.83 -11.52 12.47
CA ASP F 50 21.47 -11.01 12.35
C ASP F 50 21.44 -9.54 11.95
N VAL F 51 22.44 -8.76 12.38
CA VAL F 51 22.55 -7.37 11.94
C VAL F 51 22.99 -7.29 10.47
N PHE F 52 23.95 -8.12 10.08
CA PHE F 52 24.38 -8.21 8.69
C PHE F 52 23.19 -8.51 7.76
N LEU F 53 22.40 -9.53 8.09
CA LEU F 53 21.35 -9.98 7.19
C LEU F 53 20.21 -8.96 7.10
N LYS F 54 19.85 -8.33 8.22
CA LYS F 54 18.83 -7.29 8.17
C LYS F 54 19.28 -6.13 7.28
N HIS F 55 20.53 -5.71 7.41
CA HIS F 55 20.93 -4.53 6.65
C HIS F 55 21.24 -4.90 5.20
N VAL F 56 21.70 -6.13 4.94
CA VAL F 56 21.85 -6.53 3.55
C VAL F 56 20.49 -6.61 2.89
N ARG F 57 19.47 -7.06 3.61
CA ARG F 57 18.15 -7.11 2.99
C ARG F 57 17.63 -5.71 2.68
N LEU F 58 17.78 -4.77 3.62
CA LEU F 58 17.28 -3.41 3.42
C LEU F 58 17.92 -2.75 2.21
N LEU F 59 19.26 -2.84 2.11
CA LEU F 59 19.95 -2.21 0.98
C LEU F 59 19.67 -2.95 -0.33
N SER F 60 19.58 -4.28 -0.26
CA SER F 60 19.24 -5.05 -1.45
C SER F 60 17.88 -4.65 -1.98
N ARG F 61 16.92 -4.45 -1.07
CA ARG F 61 15.60 -3.98 -1.45
C ARG F 61 15.68 -2.64 -2.17
N LYS F 62 16.39 -1.68 -1.58
CA LYS F 62 16.61 -0.38 -2.20
C LYS F 62 17.32 -0.52 -3.54
N GLN F 63 18.23 -1.48 -3.64
CA GLN F 63 18.96 -1.69 -4.89
C GLN F 63 18.03 -2.12 -6.01
N PHE F 64 17.07 -3.01 -5.72
CA PHE F 64 16.12 -3.40 -6.77
C PHE F 64 15.35 -2.18 -7.26
N GLN F 65 14.97 -1.28 -6.37
CA GLN F 65 14.12 -0.17 -6.79
C GLN F 65 14.89 0.79 -7.68
N LEU F 66 16.16 1.01 -7.36
CA LEU F 66 17.00 1.84 -8.21
C LEU F 66 17.24 1.15 -9.54
N ARG F 67 17.38 -0.18 -9.52
CA ARG F 67 17.66 -0.90 -10.76
C ARG F 67 16.44 -0.88 -11.68
N ALA F 68 15.27 -1.21 -11.13
CA ALA F 68 14.03 -1.21 -11.91
C ALA F 68 13.69 0.19 -12.40
N LEU F 69 13.95 1.22 -11.58
CA LEU F 69 13.75 2.56 -12.08
C LEU F 69 14.75 2.89 -13.19
N MET F 70 15.97 2.34 -13.10
CA MET F 70 16.96 2.60 -14.13
C MET F 70 16.55 1.98 -15.47
N GLN F 71 16.01 0.75 -15.46
CA GLN F 71 15.58 0.16 -16.70
C GLN F 71 14.50 1.00 -17.36
N LYS F 72 13.57 1.53 -16.57
CA LYS F 72 12.52 2.34 -17.18
C LYS F 72 13.05 3.71 -17.58
N ALA F 73 14.05 4.25 -16.86
CA ALA F 73 14.66 5.50 -17.30
C ALA F 73 15.38 5.33 -18.65
N ARG F 74 16.22 4.29 -18.74
CA ARG F 74 16.97 4.05 -19.98
C ARG F 74 16.03 3.85 -21.18
N LYS F 75 14.94 3.12 -20.99
CA LYS F 75 14.04 2.93 -22.13
C LYS F 75 13.26 4.19 -22.45
N THR F 76 12.94 5.01 -21.45
CA THR F 76 12.27 6.27 -21.70
C THR F 76 13.13 7.22 -22.51
N ALA F 77 14.42 7.32 -22.15
CA ALA F 77 15.36 8.13 -22.92
C ALA F 77 15.80 7.47 -24.21
N GLY F 78 15.34 6.25 -24.50
CA GLY F 78 15.72 5.59 -25.73
C GLY F 78 17.07 4.88 -25.73
N LEU F 79 17.67 4.65 -24.56
CA LEU F 79 18.90 3.89 -24.47
C LEU F 79 18.58 2.39 -24.45
N SER F 80 19.64 1.58 -24.51
CA SER F 80 19.51 0.13 -24.68
C SER F 80 19.76 -0.62 -23.37
N ASP F 81 19.38 -1.90 -23.37
CA ASP F 81 19.63 -2.79 -22.23
C ASP F 81 20.61 -3.90 -22.61
N ASN G 5 -43.89 -43.22 -31.78
CA ASN G 5 -42.82 -42.46 -32.43
C ASN G 5 -43.36 -41.29 -33.25
N ASP G 6 -44.61 -41.43 -33.73
CA ASP G 6 -45.21 -40.36 -34.53
C ASP G 6 -45.66 -39.20 -33.65
N ILE G 7 -46.36 -39.48 -32.54
CA ILE G 7 -46.83 -38.43 -31.66
C ILE G 7 -45.68 -37.70 -30.98
N ASP G 8 -44.48 -38.27 -30.96
CA ASP G 8 -43.35 -37.56 -30.39
C ASP G 8 -43.05 -36.29 -31.16
N GLU G 9 -43.27 -36.30 -32.48
CA GLU G 9 -42.92 -35.16 -33.31
C GLU G 9 -44.13 -34.27 -33.60
N VAL G 10 -45.10 -34.21 -32.68
CA VAL G 10 -46.22 -33.30 -32.87
C VAL G 10 -45.97 -31.94 -32.22
N ILE G 11 -45.14 -31.89 -31.18
CA ILE G 11 -44.74 -30.62 -30.56
C ILE G 11 -43.23 -30.63 -30.44
N ILE G 12 -42.58 -29.64 -31.05
CA ILE G 12 -41.13 -29.60 -31.18
C ILE G 12 -40.63 -28.25 -30.68
N PRO G 13 -39.35 -28.17 -30.35
CA PRO G 13 -38.76 -26.84 -30.12
C PRO G 13 -38.67 -26.08 -31.42
N THR G 14 -38.71 -24.75 -31.30
CA THR G 14 -38.83 -23.88 -32.47
C THR G 14 -37.58 -23.90 -33.33
N ALA G 15 -36.39 -23.82 -32.71
CA ALA G 15 -35.12 -23.60 -33.41
C ALA G 15 -34.12 -24.70 -33.09
N PRO G 16 -33.17 -24.98 -34.00
CA PRO G 16 -32.18 -26.04 -33.74
C PRO G 16 -31.40 -25.88 -32.45
N LEU G 17 -31.14 -24.64 -32.00
CA LEU G 17 -30.46 -24.47 -30.73
C LEU G 17 -31.36 -24.89 -29.57
N TYR G 18 -32.66 -24.65 -29.69
CA TYR G 18 -33.58 -25.17 -28.70
C TYR G 18 -33.63 -26.69 -28.74
N LYS G 19 -33.48 -27.29 -29.93
CA LYS G 19 -33.49 -28.74 -30.04
C LYS G 19 -32.30 -29.34 -29.31
N GLN G 20 -31.13 -28.71 -29.44
CA GLN G 20 -29.95 -29.15 -28.71
C GLN G 20 -30.16 -29.06 -27.20
N ILE G 21 -30.70 -27.94 -26.72
CA ILE G 21 -30.92 -27.78 -25.28
C ILE G 21 -31.84 -28.88 -24.75
N LEU G 22 -32.89 -29.23 -25.50
CA LEU G 22 -33.80 -30.28 -25.03
C LEU G 22 -33.08 -31.62 -24.96
N ASN G 23 -32.26 -31.93 -25.98
CA ASN G 23 -31.53 -33.19 -26.00
C ASN G 23 -30.50 -33.28 -24.88
N LEU G 24 -29.81 -32.16 -24.60
CA LEU G 24 -28.82 -32.18 -23.52
C LEU G 24 -29.52 -32.37 -22.17
N TYR G 25 -30.68 -31.74 -22.00
CA TYR G 25 -31.48 -31.88 -20.79
C TYR G 25 -31.83 -33.34 -20.55
N ALA G 26 -32.33 -34.02 -21.59
CA ALA G 26 -32.81 -35.39 -21.44
C ALA G 26 -31.66 -36.36 -21.30
N GLU G 27 -30.56 -36.14 -22.02
CA GLU G 27 -29.42 -37.05 -21.90
C GLU G 27 -28.80 -36.96 -20.52
N GLU G 28 -28.65 -35.74 -19.98
CA GLU G 28 -28.07 -35.60 -18.65
C GLU G 28 -28.95 -36.29 -17.63
N ASN G 29 -30.27 -36.06 -17.71
CA ASN G 29 -31.18 -36.80 -16.84
C ASN G 29 -31.09 -38.30 -17.08
N ALA G 30 -30.97 -38.73 -18.33
CA ALA G 30 -30.94 -40.16 -18.60
C ALA G 30 -29.72 -40.79 -17.95
N ILE G 31 -28.56 -40.13 -18.04
CA ILE G 31 -27.35 -40.64 -17.39
C ILE G 31 -27.53 -40.74 -15.87
N GLU G 32 -28.11 -39.71 -15.25
CA GLU G 32 -28.30 -39.77 -13.80
C GLU G 32 -29.21 -40.94 -13.40
N ASP G 33 -30.27 -41.18 -14.17
CA ASP G 33 -31.11 -42.36 -13.89
C ASP G 33 -30.28 -43.64 -13.93
N THR G 34 -29.36 -43.75 -14.88
CA THR G 34 -28.52 -44.93 -15.01
C THR G 34 -27.56 -45.06 -13.83
N ILE G 35 -26.89 -43.97 -13.47
CA ILE G 35 -25.94 -44.04 -12.36
C ILE G 35 -26.67 -44.45 -11.08
N PHE G 36 -27.89 -43.95 -10.88
CA PHE G 36 -28.63 -44.30 -9.67
C PHE G 36 -28.86 -45.81 -9.58
N TYR G 37 -29.25 -46.44 -10.68
CA TYR G 37 -29.55 -47.86 -10.60
C TYR G 37 -28.31 -48.75 -10.60
N LEU G 38 -27.14 -48.25 -11.03
CA LEU G 38 -25.92 -48.98 -10.74
C LEU G 38 -25.61 -48.97 -9.25
N GLY G 39 -25.89 -47.85 -8.59
CA GLY G 39 -25.82 -47.83 -7.13
C GLY G 39 -26.68 -48.92 -6.51
N GLU G 40 -27.95 -48.98 -6.89
CA GLU G 40 -28.85 -50.01 -6.34
C GLU G 40 -28.38 -51.40 -6.71
N ALA G 41 -27.80 -51.56 -7.91
CA ALA G 41 -27.33 -52.88 -8.31
C ALA G 41 -26.18 -53.34 -7.44
N LEU G 42 -25.29 -52.42 -7.07
CA LEU G 42 -24.18 -52.74 -6.18
C LEU G 42 -24.68 -53.21 -4.81
N ARG G 43 -25.64 -52.48 -4.21
CA ARG G 43 -26.17 -52.88 -2.91
C ARG G 43 -26.91 -54.21 -2.99
N ARG G 44 -27.62 -54.49 -4.07
CA ARG G 44 -28.30 -55.78 -4.18
C ARG G 44 -27.39 -56.87 -4.75
N GLY G 45 -26.08 -56.65 -4.77
CA GLY G 45 -25.12 -57.67 -5.16
C GLY G 45 -25.06 -58.02 -6.62
N VAL G 46 -25.82 -57.32 -7.48
CA VAL G 46 -25.90 -57.69 -8.89
C VAL G 46 -24.59 -57.40 -9.62
N ILE G 47 -23.88 -56.33 -9.25
CA ILE G 47 -22.56 -56.07 -9.80
C ILE G 47 -21.57 -55.95 -8.65
N ASP G 48 -20.27 -55.99 -8.99
CA ASP G 48 -19.21 -55.81 -8.00
C ASP G 48 -18.70 -54.37 -8.03
N LEU G 49 -17.70 -54.10 -7.19
CA LEU G 49 -17.26 -52.73 -6.95
C LEU G 49 -16.46 -52.19 -8.14
N ASP G 50 -15.47 -52.95 -8.61
CA ASP G 50 -14.59 -52.46 -9.66
C ASP G 50 -15.37 -52.16 -10.94
N VAL G 51 -16.32 -53.02 -11.28
CA VAL G 51 -17.20 -52.79 -12.42
C VAL G 51 -18.14 -51.61 -12.15
N PHE G 52 -18.64 -51.48 -10.93
CA PHE G 52 -19.42 -50.30 -10.57
C PHE G 52 -18.62 -49.02 -10.80
N LEU G 53 -17.41 -48.98 -10.25
CA LEU G 53 -16.60 -47.75 -10.28
C LEU G 53 -16.25 -47.36 -11.70
N LYS G 54 -15.87 -48.35 -12.52
CA LYS G 54 -15.46 -48.05 -13.88
C LYS G 54 -16.63 -47.45 -14.69
N HIS G 55 -17.84 -47.99 -14.53
CA HIS G 55 -18.97 -47.50 -15.28
C HIS G 55 -19.49 -46.16 -14.76
N VAL G 56 -19.39 -45.92 -13.46
CA VAL G 56 -19.77 -44.61 -12.94
C VAL G 56 -18.80 -43.55 -13.44
N ARG G 57 -17.50 -43.89 -13.50
CA ARG G 57 -16.52 -42.95 -14.03
C ARG G 57 -16.81 -42.59 -15.49
N LEU G 58 -17.11 -43.59 -16.32
CA LEU G 58 -17.38 -43.33 -17.73
C LEU G 58 -18.65 -42.52 -17.93
N LEU G 59 -19.69 -42.84 -17.17
CA LEU G 59 -20.94 -42.12 -17.30
C LEU G 59 -20.82 -40.71 -16.73
N SER G 60 -20.05 -40.54 -15.65
CA SER G 60 -19.83 -39.21 -15.08
C SER G 60 -19.03 -38.33 -16.04
N ARG G 61 -18.09 -38.93 -16.78
CA ARG G 61 -17.32 -38.18 -17.76
C ARG G 61 -18.22 -37.63 -18.87
N LYS G 62 -19.16 -38.44 -19.37
CA LYS G 62 -20.05 -37.92 -20.42
C LYS G 62 -21.04 -36.91 -19.84
N GLN G 63 -21.57 -37.18 -18.66
CA GLN G 63 -22.43 -36.21 -18.01
C GLN G 63 -21.75 -34.85 -17.88
N PHE G 64 -20.45 -34.80 -17.52
CA PHE G 64 -19.79 -33.50 -17.46
C PHE G 64 -19.88 -32.77 -18.79
N GLN G 65 -19.62 -33.49 -19.88
CA GLN G 65 -19.61 -32.86 -21.20
C GLN G 65 -20.99 -32.34 -21.57
N LEU G 66 -22.03 -33.12 -21.26
CA LEU G 66 -23.38 -32.63 -21.45
C LEU G 66 -23.64 -31.38 -20.62
N ARG G 67 -23.16 -31.34 -19.38
CA ARG G 67 -23.52 -30.22 -18.50
C ARG G 67 -22.78 -28.95 -18.92
N ALA G 68 -21.53 -29.09 -19.37
CA ALA G 68 -20.76 -27.94 -19.78
C ALA G 68 -21.26 -27.38 -21.11
N LEU G 69 -21.63 -28.28 -22.04
CA LEU G 69 -22.23 -27.84 -23.29
C LEU G 69 -23.59 -27.20 -23.04
N MET G 70 -24.38 -27.76 -22.12
CA MET G 70 -25.67 -27.17 -21.77
C MET G 70 -25.51 -25.73 -21.29
N GLN G 71 -24.57 -25.49 -20.37
CA GLN G 71 -24.27 -24.14 -19.90
C GLN G 71 -23.96 -23.19 -21.05
N LYS G 72 -23.15 -23.65 -22.01
CA LYS G 72 -22.80 -22.82 -23.17
C LYS G 72 -24.03 -22.55 -24.04
N ALA G 73 -24.81 -23.60 -24.35
CA ALA G 73 -26.02 -23.42 -25.14
C ALA G 73 -27.00 -22.46 -24.46
N ARG G 74 -27.13 -22.54 -23.14
CA ARG G 74 -28.14 -21.70 -22.48
C ARG G 74 -27.76 -20.23 -22.52
N LYS G 75 -26.46 -19.92 -22.50
CA LYS G 75 -26.02 -18.53 -22.61
C LYS G 75 -26.03 -18.03 -24.06
N THR G 76 -25.77 -18.92 -25.04
CA THR G 76 -25.98 -18.52 -26.44
C THR G 76 -27.45 -18.21 -26.70
N ALA G 77 -28.36 -18.89 -26.01
CA ALA G 77 -29.79 -18.62 -26.10
C ALA G 77 -30.25 -17.54 -25.13
N GLY G 78 -29.37 -17.02 -24.28
CA GLY G 78 -29.79 -16.02 -23.31
C GLY G 78 -30.71 -16.54 -22.23
N LEU G 79 -30.47 -17.74 -21.71
CA LEU G 79 -31.25 -18.28 -20.61
C LEU G 79 -30.44 -18.22 -19.30
N SER G 80 -31.13 -18.43 -18.19
CA SER G 80 -30.55 -18.24 -16.85
C SER G 80 -29.34 -19.13 -16.61
N ASP H 6 -10.99 62.59 28.55
CA ASP H 6 -11.57 62.76 27.22
C ASP H 6 -10.53 62.55 26.12
N ILE H 7 -9.25 62.42 26.53
CA ILE H 7 -8.23 61.96 25.59
C ILE H 7 -8.54 60.55 25.13
N ASP H 8 -9.03 59.71 26.04
CA ASP H 8 -9.54 58.38 25.67
C ASP H 8 -10.76 58.47 24.77
N GLU H 9 -11.39 59.64 24.70
CA GLU H 9 -12.62 59.86 23.95
C GLU H 9 -12.40 60.48 22.58
N VAL H 10 -11.15 60.84 22.21
CA VAL H 10 -10.97 61.44 20.90
C VAL H 10 -11.36 60.46 19.80
N ILE H 11 -11.25 59.16 20.04
CA ILE H 11 -11.66 58.18 19.04
C ILE H 11 -12.48 57.09 19.72
N ILE H 12 -13.67 56.81 19.17
CA ILE H 12 -14.64 55.93 19.82
C ILE H 12 -15.37 55.12 18.78
N PRO H 13 -15.91 53.96 19.18
CA PRO H 13 -16.72 53.16 18.25
C PRO H 13 -17.97 53.92 17.80
N THR H 14 -18.45 53.57 16.58
CA THR H 14 -19.51 54.33 15.93
C THR H 14 -20.91 54.02 16.47
N ALA H 15 -21.08 52.99 17.30
CA ALA H 15 -22.41 52.55 17.72
C ALA H 15 -22.27 51.78 19.02
N PRO H 16 -23.36 51.68 19.80
CA PRO H 16 -23.26 51.02 21.13
C PRO H 16 -22.85 49.56 21.10
N LEU H 17 -23.26 48.79 20.08
CA LEU H 17 -22.85 47.39 20.04
C LEU H 17 -21.35 47.25 19.79
N TYR H 18 -20.77 48.18 19.03
CA TYR H 18 -19.34 48.17 18.82
C TYR H 18 -18.60 48.63 20.07
N LYS H 19 -19.18 49.56 20.82
CA LYS H 19 -18.59 49.94 22.10
C LYS H 19 -18.57 48.75 23.06
N GLN H 20 -19.67 48.00 23.12
CA GLN H 20 -19.70 46.79 23.94
C GLN H 20 -18.63 45.80 23.48
N ILE H 21 -18.49 45.59 22.16
CA ILE H 21 -17.50 44.64 21.65
C ILE H 21 -16.09 45.03 22.10
N LEU H 22 -15.75 46.33 21.95
CA LEU H 22 -14.45 46.84 22.42
C LEU H 22 -14.21 46.52 23.89
N ASN H 23 -15.22 46.75 24.74
CA ASN H 23 -15.06 46.51 26.17
C ASN H 23 -14.90 45.02 26.47
N LEU H 24 -15.67 44.15 25.79
CA LEU H 24 -15.50 42.71 26.00
C LEU H 24 -14.10 42.25 25.60
N TYR H 25 -13.65 42.67 24.42
CA TYR H 25 -12.30 42.37 23.95
C TYR H 25 -11.26 42.77 25.00
N ALA H 26 -11.28 44.04 25.41
CA ALA H 26 -10.33 44.55 26.39
C ALA H 26 -10.41 43.81 27.73
N GLU H 27 -11.64 43.52 28.19
CA GLU H 27 -11.83 42.83 29.47
C GLU H 27 -11.26 41.42 29.45
N GLU H 28 -11.58 40.67 28.39
CA GLU H 28 -11.13 39.28 28.34
C GLU H 28 -9.61 39.22 28.31
N ASN H 29 -8.97 40.21 27.65
CA ASN H 29 -7.52 40.23 27.59
C ASN H 29 -6.91 40.63 28.93
N ALA H 30 -7.53 41.59 29.63
CA ALA H 30 -7.10 41.96 30.96
C ALA H 30 -7.11 40.77 31.91
N ILE H 31 -8.15 39.95 31.82
CA ILE H 31 -8.26 38.77 32.69
C ILE H 31 -7.17 37.76 32.35
N GLU H 32 -6.91 37.53 31.06
CA GLU H 32 -5.82 36.63 30.69
C GLU H 32 -4.46 37.15 31.19
N ASP H 33 -4.24 38.47 31.12
CA ASP H 33 -3.01 39.05 31.69
C ASP H 33 -2.89 38.74 33.19
N THR H 34 -4.00 38.92 33.92
CA THR H 34 -4.01 38.72 35.37
C THR H 34 -3.71 37.27 35.74
N ILE H 35 -4.39 36.33 35.09
CA ILE H 35 -4.12 34.93 35.34
C ILE H 35 -2.66 34.59 35.03
N PHE H 36 -2.13 35.17 33.94
CA PHE H 36 -0.74 34.91 33.62
C PHE H 36 0.17 35.27 34.78
N TYR H 37 0.00 36.47 35.34
CA TYR H 37 0.91 36.88 36.41
C TYR H 37 0.61 36.19 37.74
N LEU H 38 -0.60 35.65 37.92
CA LEU H 38 -0.87 34.84 39.11
C LEU H 38 -0.01 33.57 39.13
N GLY H 39 0.14 32.93 37.96
CA GLY H 39 1.01 31.78 37.88
C GLY H 39 2.46 32.12 38.15
N GLU H 40 2.94 33.24 37.58
CA GLU H 40 4.27 33.72 37.94
C GLU H 40 4.39 33.89 39.45
N ALA H 41 3.34 34.42 40.09
CA ALA H 41 3.39 34.64 41.53
C ALA H 41 3.41 33.32 42.30
N LEU H 42 2.66 32.32 41.82
CA LEU H 42 2.78 30.98 42.38
C LEU H 42 4.20 30.44 42.19
N ARG H 43 4.74 30.56 40.98
CA ARG H 43 6.08 30.04 40.75
C ARG H 43 7.10 30.72 41.65
N ARG H 44 6.90 32.02 41.94
CA ARG H 44 7.80 32.74 42.83
C ARG H 44 7.52 32.51 44.31
N GLY H 45 6.53 31.71 44.67
CA GLY H 45 6.23 31.51 46.07
C GLY H 45 5.60 32.70 46.75
N VAL H 46 5.03 33.63 45.97
CA VAL H 46 4.39 34.81 46.54
C VAL H 46 2.98 34.47 47.00
N ILE H 47 2.31 33.57 46.29
CA ILE H 47 1.04 33.05 46.75
C ILE H 47 1.14 31.52 46.83
N ASP H 48 0.29 30.93 47.66
CA ASP H 48 0.23 29.48 47.76
C ASP H 48 -0.83 28.92 46.80
N LEU H 49 -0.85 27.59 46.70
CA LEU H 49 -1.63 26.91 45.66
C LEU H 49 -3.12 27.18 45.80
N ASP H 50 -3.65 27.07 47.02
CA ASP H 50 -5.09 27.23 47.14
C ASP H 50 -5.55 28.65 46.80
N VAL H 51 -4.74 29.66 47.12
CA VAL H 51 -5.09 31.02 46.73
C VAL H 51 -5.02 31.15 45.22
N PHE H 52 -4.00 30.56 44.63
CA PHE H 52 -3.88 30.53 43.18
C PHE H 52 -5.11 29.93 42.52
N LEU H 53 -5.55 28.76 42.98
CA LEU H 53 -6.60 28.02 42.30
C LEU H 53 -7.95 28.71 42.48
N LYS H 54 -8.25 29.16 43.69
CA LYS H 54 -9.44 29.95 43.91
C LYS H 54 -9.52 31.14 42.96
N HIS H 55 -8.43 31.88 42.83
CA HIS H 55 -8.52 33.12 42.06
C HIS H 55 -8.48 32.86 40.55
N VAL H 56 -7.72 31.87 40.11
CA VAL H 56 -7.81 31.47 38.71
C VAL H 56 -9.25 31.06 38.40
N ARG H 57 -9.91 30.42 39.36
CA ARG H 57 -11.26 29.95 39.09
C ARG H 57 -12.24 31.10 38.93
N LEU H 58 -12.22 32.06 39.87
CA LEU H 58 -13.04 33.27 39.73
C LEU H 58 -12.75 34.00 38.41
N LEU H 59 -11.48 34.13 38.03
CA LEU H 59 -11.20 34.92 36.82
C LEU H 59 -11.65 34.20 35.56
N SER H 60 -11.43 32.88 35.50
CA SER H 60 -11.83 32.08 34.33
C SER H 60 -13.33 32.02 34.16
N ARG H 61 -14.08 31.98 35.27
CA ARG H 61 -15.53 32.01 35.20
C ARG H 61 -16.04 33.32 34.59
N LYS H 62 -15.49 34.45 35.04
CA LYS H 62 -15.87 35.72 34.44
C LYS H 62 -15.46 35.79 32.97
N GLN H 63 -14.30 35.21 32.66
CA GLN H 63 -13.83 35.15 31.28
C GLN H 63 -14.80 34.39 30.39
N PHE H 64 -15.36 33.27 30.85
CA PHE H 64 -16.36 32.60 30.04
C PHE H 64 -17.53 33.52 29.77
N GLN H 65 -17.96 34.26 30.79
CA GLN H 65 -19.07 35.18 30.62
C GLN H 65 -18.75 36.20 29.55
N LEU H 66 -17.51 36.73 29.54
CA LEU H 66 -17.12 37.69 28.53
C LEU H 66 -17.01 37.05 27.15
N ARG H 67 -16.44 35.84 27.08
CA ARG H 67 -16.24 35.19 25.78
C ARG H 67 -17.58 34.78 25.16
N ALA H 68 -18.53 34.33 25.98
CA ALA H 68 -19.83 33.92 25.45
C ALA H 68 -20.62 35.12 24.95
N LEU H 69 -20.60 36.22 25.71
CA LEU H 69 -21.28 37.44 25.24
C LEU H 69 -20.65 37.93 23.94
N MET H 70 -19.30 37.85 23.84
CA MET H 70 -18.62 38.34 22.65
C MET H 70 -19.06 37.59 21.40
N GLN H 71 -19.25 36.27 21.50
CA GLN H 71 -19.78 35.50 20.39
C GLN H 71 -21.12 36.05 19.94
N LYS H 72 -22.02 36.27 20.91
CA LYS H 72 -23.34 36.79 20.55
C LYS H 72 -23.23 38.19 19.94
N ALA H 73 -22.45 39.07 20.58
CA ALA H 73 -22.28 40.44 20.11
C ALA H 73 -21.74 40.49 18.69
N ARG H 74 -20.71 39.68 18.41
CA ARG H 74 -20.08 39.76 17.09
C ARG H 74 -21.04 39.30 16.00
N LYS H 75 -21.76 38.21 16.23
CA LYS H 75 -22.67 37.71 15.22
C LYS H 75 -23.92 38.59 15.08
N THR H 76 -24.35 39.25 16.16
CA THR H 76 -25.38 40.27 16.02
C THR H 76 -24.93 41.42 15.13
N ALA H 77 -23.63 41.74 15.11
CA ALA H 77 -23.12 42.87 14.35
C ALA H 77 -22.57 42.48 12.99
N GLY H 78 -22.57 41.19 12.65
CA GLY H 78 -22.08 40.72 11.36
C GLY H 78 -20.59 40.61 11.18
N LEU H 79 -19.84 40.18 12.19
CA LEU H 79 -18.38 39.97 12.10
C LEU H 79 -18.04 38.48 12.21
N SER H 80 -16.75 38.22 12.43
CA SER H 80 -16.09 36.89 12.57
C SER H 80 -15.57 36.39 11.23
N ASN I 5 31.15 53.70 31.31
CA ASN I 5 32.42 53.45 30.63
C ASN I 5 32.25 53.58 29.11
N ASP I 6 32.50 54.79 28.59
CA ASP I 6 32.34 55.06 27.17
C ASP I 6 33.36 54.33 26.30
N ILE I 7 34.28 53.55 26.90
CA ILE I 7 35.16 52.70 26.11
C ILE I 7 34.37 51.65 25.35
N ASP I 8 33.25 51.20 25.92
CA ASP I 8 32.36 50.27 25.22
C ASP I 8 31.68 50.88 24.01
N GLU I 9 31.75 52.21 23.86
CA GLU I 9 30.94 52.91 22.86
C GLU I 9 31.69 53.20 21.57
N VAL I 10 32.96 52.81 21.47
CA VAL I 10 33.78 53.23 20.33
C VAL I 10 33.22 52.66 19.03
N ILE I 11 32.85 51.38 19.02
CA ILE I 11 32.34 50.71 17.83
C ILE I 11 30.98 50.11 18.15
N ILE I 12 30.04 50.25 17.20
CA ILE I 12 28.62 50.02 17.47
C ILE I 12 27.98 49.38 16.25
N PRO I 13 26.90 48.62 16.46
CA PRO I 13 26.09 48.20 15.33
C PRO I 13 25.36 49.38 14.72
N THR I 14 25.04 49.27 13.43
CA THR I 14 24.62 50.41 12.64
C THR I 14 23.12 50.74 12.79
N ALA I 15 22.33 49.83 13.34
CA ALA I 15 20.89 49.99 13.40
C ALA I 15 20.36 49.41 14.70
N PRO I 16 19.20 49.87 15.17
CA PRO I 16 18.65 49.35 16.43
C PRO I 16 18.28 47.87 16.39
N LEU I 17 17.80 47.34 15.26
CA LEU I 17 17.55 45.90 15.18
C LEU I 17 18.85 45.11 15.32
N TYR I 18 19.94 45.63 14.75
CA TYR I 18 21.24 44.99 14.92
C TYR I 18 21.69 45.06 16.37
N LYS I 19 21.51 46.21 17.03
CA LYS I 19 21.93 46.32 18.43
C LYS I 19 21.13 45.39 19.32
N GLN I 20 19.87 45.12 18.95
CA GLN I 20 19.09 44.10 19.63
C GLN I 20 19.69 42.71 19.41
N ILE I 21 20.09 42.40 18.17
CA ILE I 21 20.65 41.08 17.90
C ILE I 21 21.88 40.84 18.78
N LEU I 22 22.73 41.87 18.94
CA LEU I 22 23.95 41.72 19.73
C LEU I 22 23.64 41.49 21.22
N ASN I 23 22.66 42.22 21.76
CA ASN I 23 22.28 42.01 23.16
C ASN I 23 21.69 40.61 23.37
N LEU I 24 20.94 40.08 22.38
CA LEU I 24 20.40 38.72 22.48
C LEU I 24 21.52 37.67 22.46
N TYR I 25 22.47 37.83 21.54
CA TYR I 25 23.69 37.03 21.53
C TYR I 25 24.38 37.02 22.89
N ALA I 26 24.64 38.21 23.45
CA ALA I 26 25.46 38.31 24.66
C ALA I 26 24.73 37.77 25.87
N GLU I 27 23.43 38.02 25.94
CA GLU I 27 22.60 37.50 27.01
C GLU I 27 22.54 35.98 26.98
N GLU I 28 22.29 35.39 25.80
CA GLU I 28 22.26 33.94 25.71
C GLU I 28 23.61 33.33 26.10
N ASN I 29 24.71 34.02 25.78
CA ASN I 29 26.00 33.46 26.19
C ASN I 29 26.23 33.65 27.68
N ALA I 30 25.75 34.75 28.26
CA ALA I 30 25.92 34.96 29.69
C ALA I 30 25.13 33.97 30.51
N ILE I 31 23.97 33.54 29.99
CA ILE I 31 23.14 32.55 30.69
C ILE I 31 23.78 31.17 30.64
N GLU I 32 24.34 30.77 29.49
CA GLU I 32 25.07 29.51 29.45
C GLU I 32 26.25 29.51 30.41
N ASP I 33 26.99 30.63 30.47
CA ASP I 33 28.08 30.74 31.43
C ASP I 33 27.56 30.49 32.83
N THR I 34 26.42 31.08 33.16
CA THR I 34 25.85 30.94 34.49
C THR I 34 25.47 29.48 34.76
N ILE I 35 24.79 28.83 33.80
CA ILE I 35 24.41 27.43 33.97
C ILE I 35 25.65 26.56 34.15
N PHE I 36 26.69 26.83 33.34
CA PHE I 36 27.93 26.05 33.44
C PHE I 36 28.49 26.09 34.86
N TYR I 37 28.54 27.25 35.47
CA TYR I 37 29.13 27.32 36.79
C TYR I 37 28.18 26.86 37.91
N LEU I 38 26.87 26.86 37.68
CA LEU I 38 26.01 26.18 38.64
C LEU I 38 26.31 24.69 38.67
N GLY I 39 26.68 24.12 37.52
CA GLY I 39 27.08 22.73 37.52
C GLY I 39 28.34 22.52 38.33
N GLU I 40 29.34 23.39 38.14
CA GLU I 40 30.55 23.26 38.93
C GLU I 40 30.21 23.34 40.41
N ALA I 41 29.28 24.25 40.78
CA ALA I 41 28.92 24.45 42.17
C ALA I 41 28.19 23.24 42.74
N LEU I 42 27.36 22.58 41.93
CA LEU I 42 26.70 21.36 42.37
C LEU I 42 27.72 20.28 42.66
N ARG I 43 28.78 20.21 41.86
CA ARG I 43 29.79 19.19 42.09
C ARG I 43 30.66 19.50 43.30
N ARG I 44 30.89 20.78 43.59
CA ARG I 44 31.64 21.22 44.76
C ARG I 44 30.82 21.18 46.03
N GLY I 45 29.58 20.69 45.98
CA GLY I 45 28.73 20.73 47.16
C GLY I 45 28.32 22.11 47.61
N VAL I 46 28.43 23.12 46.75
CA VAL I 46 28.00 24.47 47.15
C VAL I 46 26.49 24.58 47.16
N ILE I 47 25.83 24.04 46.14
CA ILE I 47 24.37 23.95 46.08
C ILE I 47 24.01 22.47 46.06
N ASP I 48 22.79 22.17 46.47
CA ASP I 48 22.34 20.78 46.41
C ASP I 48 21.58 20.54 45.10
N LEU I 49 20.96 19.37 44.95
CA LEU I 49 20.39 18.99 43.67
C LEU I 49 19.12 19.80 43.36
N ASP I 50 18.24 19.98 44.33
CA ASP I 50 16.97 20.66 44.03
C ASP I 50 17.19 22.14 43.74
N VAL I 51 18.13 22.76 44.45
CA VAL I 51 18.49 24.15 44.14
C VAL I 51 19.07 24.25 42.73
N PHE I 52 20.06 23.40 42.43
CA PHE I 52 20.60 23.29 41.07
C PHE I 52 19.49 23.15 40.02
N LEU I 53 18.62 22.17 40.20
CA LEU I 53 17.62 21.89 39.17
C LEU I 53 16.64 23.03 38.99
N LYS I 54 16.24 23.66 40.11
CA LYS I 54 15.30 24.78 40.06
C LYS I 54 15.85 25.95 39.26
N HIS I 55 17.10 26.30 39.50
CA HIS I 55 17.66 27.44 38.77
C HIS I 55 18.16 27.05 37.39
N VAL I 56 18.48 25.78 37.14
CA VAL I 56 18.76 25.40 35.77
C VAL I 56 17.51 25.56 34.91
N ARG I 57 16.36 25.14 35.45
CA ARG I 57 15.09 25.29 34.73
C ARG I 57 14.81 26.75 34.43
N LEU I 58 14.97 27.64 35.41
CA LEU I 58 14.59 29.04 35.23
C LEU I 58 15.51 29.73 34.23
N LEU I 59 16.80 29.42 34.28
CA LEU I 59 17.73 30.00 33.34
C LEU I 59 17.51 29.47 31.92
N SER I 60 17.22 28.16 31.79
CA SER I 60 17.00 27.57 30.48
C SER I 60 15.75 28.11 29.83
N ARG I 61 14.73 28.35 30.63
CA ARG I 61 13.50 28.94 30.12
C ARG I 61 13.77 30.35 29.60
N LYS I 62 14.53 31.16 30.34
CA LYS I 62 14.92 32.48 29.81
C LYS I 62 15.79 32.34 28.57
N GLN I 63 16.71 31.40 28.58
CA GLN I 63 17.50 31.11 27.39
C GLN I 63 16.61 30.84 26.19
N PHE I 64 15.52 30.08 26.38
CA PHE I 64 14.62 29.81 25.24
C PHE I 64 14.03 31.09 24.70
N GLN I 65 13.60 31.97 25.59
CA GLN I 65 12.99 33.22 25.13
C GLN I 65 13.99 34.05 24.32
N LEU I 66 15.26 34.02 24.70
CA LEU I 66 16.27 34.79 23.98
C LEU I 66 16.60 34.14 22.63
N ARG I 67 16.71 32.81 22.59
CA ARG I 67 17.01 32.15 21.32
C ARG I 67 15.86 32.29 20.32
N ALA I 68 14.62 32.08 20.79
CA ALA I 68 13.46 32.21 19.92
C ALA I 68 13.29 33.64 19.41
N LEU I 69 13.55 34.64 20.27
CA LEU I 69 13.56 36.01 19.76
C LEU I 69 14.74 36.26 18.82
N MET I 70 15.87 35.61 19.06
CA MET I 70 17.02 35.80 18.18
C MET I 70 16.70 35.36 16.76
N GLN I 71 16.05 34.20 16.62
CA GLN I 71 15.55 33.78 15.32
C GLN I 71 14.66 34.83 14.68
N LYS I 72 13.72 35.41 15.44
CA LYS I 72 12.80 36.37 14.83
C LYS I 72 13.55 37.60 14.37
N ALA I 73 14.49 38.10 15.17
CA ALA I 73 15.30 39.24 14.74
C ALA I 73 16.13 38.88 13.51
N ARG I 74 16.69 37.68 13.46
CA ARG I 74 17.53 37.33 12.33
C ARG I 74 16.70 37.20 11.06
N LYS I 75 15.48 36.69 11.15
CA LYS I 75 14.67 36.60 9.94
C LYS I 75 14.05 37.95 9.57
N THR I 76 13.84 38.83 10.55
CA THR I 76 13.42 40.20 10.28
C THR I 76 14.52 41.00 9.57
N ALA I 77 15.78 40.75 9.93
CA ALA I 77 16.89 41.41 9.25
C ALA I 77 17.31 40.73 7.96
N GLY I 78 16.73 39.59 7.61
CA GLY I 78 17.09 38.91 6.38
C GLY I 78 18.34 38.07 6.45
N LEU I 79 18.81 37.73 7.65
CA LEU I 79 20.02 36.93 7.82
C LEU I 79 19.68 35.45 7.92
N SER I 80 20.71 34.62 7.78
CA SER I 80 20.56 33.16 7.78
C SER I 80 20.04 32.64 9.12
N SER J 6 -9.89 32.26 -17.58
CA SER J 6 -8.97 31.68 -18.55
C SER J 6 -8.59 30.24 -18.21
N LEU J 7 -8.69 29.35 -19.20
CA LEU J 7 -8.57 27.93 -18.94
C LEU J 7 -7.13 27.53 -18.56
N GLU J 8 -6.14 28.09 -19.25
CA GLU J 8 -4.77 27.63 -19.07
C GLU J 8 -4.12 28.18 -17.80
N THR J 9 -4.54 29.36 -17.33
CA THR J 9 -4.07 29.81 -16.02
C THR J 9 -4.76 29.05 -14.89
N LEU J 10 -5.99 28.57 -15.14
CA LEU J 10 -6.63 27.67 -14.19
C LEU J 10 -5.96 26.31 -14.18
N LEU J 11 -5.66 25.75 -15.36
CA LEU J 11 -4.87 24.52 -15.43
C LEU J 11 -3.56 24.67 -14.70
N ALA J 12 -2.89 25.81 -14.86
CA ALA J 12 -1.65 26.04 -14.13
C ALA J 12 -1.91 26.15 -12.62
N LEU J 13 -3.04 26.76 -12.24
CA LEU J 13 -3.37 26.88 -10.82
C LEU J 13 -3.66 25.52 -10.20
N LEU J 14 -4.49 24.72 -10.86
CA LEU J 14 -4.79 23.39 -10.36
C LEU J 14 -3.54 22.52 -10.32
N GLN J 15 -2.67 22.65 -11.33
CA GLN J 15 -1.44 21.87 -11.36
C GLN J 15 -0.50 22.29 -10.24
N ALA J 16 -0.45 23.58 -9.93
CA ALA J 16 0.34 24.02 -8.78
C ALA J 16 -0.20 23.42 -7.48
N GLU J 17 -1.53 23.40 -7.32
CA GLU J 17 -2.12 22.87 -6.08
C GLU J 17 -1.90 21.36 -5.94
N GLY J 18 -1.88 20.62 -7.05
CA GLY J 18 -1.61 19.20 -6.97
C GLY J 18 -0.18 18.89 -6.54
N ALA J 19 0.79 19.62 -7.11
CA ALA J 19 2.18 19.44 -6.70
C ALA J 19 2.37 19.80 -5.23
N LYS J 20 1.65 20.82 -4.76
CA LYS J 20 1.69 21.17 -3.34
C LYS J 20 1.24 20.01 -2.45
N ILE J 21 0.05 19.46 -2.73
CA ILE J 21 -0.46 18.38 -1.89
C ILE J 21 0.37 17.11 -2.09
N GLU J 22 0.92 16.88 -3.28
CA GLU J 22 1.81 15.73 -3.42
C GLU J 22 3.03 15.90 -2.54
N GLU J 23 3.65 17.08 -2.58
CA GLU J 23 4.85 17.29 -1.76
C GLU J 23 4.51 17.25 -0.27
N ASP J 24 3.34 17.78 0.11
CA ASP J 24 2.93 17.77 1.51
C ASP J 24 2.78 16.33 2.04
N THR J 25 2.10 15.47 1.28
CA THR J 25 1.89 14.10 1.79
C THR J 25 3.16 13.27 1.74
N GLU J 26 4.06 13.55 0.81
CA GLU J 26 5.33 12.84 0.79
C GLU J 26 6.15 13.15 2.04
N ASN J 27 6.20 14.43 2.42
CA ASN J 27 6.91 14.81 3.63
C ASN J 27 6.28 14.16 4.87
N MET J 28 4.95 14.04 4.87
CA MET J 28 4.24 13.46 6.01
C MET J 28 4.60 11.99 6.20
N ALA J 29 4.54 11.21 5.12
CA ALA J 29 4.92 9.79 5.21
C ALA J 29 6.37 9.64 5.67
N GLU J 30 7.27 10.51 5.19
CA GLU J 30 8.66 10.37 5.61
C GLU J 30 8.85 10.75 7.06
N LYS J 31 8.17 11.81 7.50
CA LYS J 31 8.07 12.10 8.93
C LYS J 31 7.54 10.89 9.70
N PHE J 32 6.46 10.30 9.19
CA PHE J 32 5.81 9.18 9.87
C PHE J 32 6.75 7.98 9.97
N LEU J 33 7.45 7.66 8.88
CA LEU J 33 8.44 6.60 8.89
C LEU J 33 9.68 6.94 9.74
N ASP J 34 9.92 8.22 10.04
CA ASP J 34 10.96 8.59 11.00
C ASP J 34 10.50 8.48 12.46
N GLY J 35 9.26 8.08 12.71
CA GLY J 35 8.79 8.03 14.08
C GLY J 35 8.40 9.36 14.65
N GLU J 36 8.23 10.38 13.82
CA GLU J 36 8.02 11.75 14.24
C GLU J 36 6.57 12.19 14.14
N LEU J 37 5.65 11.24 13.94
CA LEU J 37 4.25 11.57 13.76
C LEU J 37 3.37 10.56 14.47
N PRO J 38 2.51 11.00 15.38
CA PRO J 38 1.60 10.06 16.05
C PRO J 38 0.74 9.31 15.05
N LEU J 39 0.59 8.00 15.28
CA LEU J 39 -0.06 7.12 14.32
C LEU J 39 -1.48 7.58 14.01
N ASP J 40 -2.28 7.84 15.04
CA ASP J 40 -3.68 8.16 14.76
C ASP J 40 -3.80 9.52 14.08
N SER J 41 -2.96 10.48 14.46
CA SER J 41 -2.78 11.70 13.66
C SER J 41 -2.52 11.36 12.20
N PHE J 42 -1.52 10.50 11.94
CA PHE J 42 -1.13 10.17 10.57
C PHE J 42 -2.28 9.54 9.79
N ILE J 43 -2.93 8.50 10.35
CA ILE J 43 -4.00 7.80 9.64
C ILE J 43 -5.08 8.79 9.18
N ASP J 44 -5.51 9.67 10.08
CA ASP J 44 -6.56 10.63 9.74
C ASP J 44 -6.10 11.62 8.67
N VAL J 45 -5.01 12.35 8.92
CA VAL J 45 -4.68 13.49 8.06
C VAL J 45 -4.08 13.00 6.74
N TYR J 46 -3.23 11.98 6.80
CA TYR J 46 -2.61 11.46 5.59
C TYR J 46 -3.67 10.88 4.63
N GLN J 47 -4.61 10.11 5.17
CA GLN J 47 -5.69 9.56 4.36
C GLN J 47 -6.49 10.66 3.69
N SER J 48 -6.93 11.65 4.48
CA SER J 48 -7.73 12.72 3.92
C SER J 48 -6.95 13.52 2.89
N LYS J 49 -5.67 13.77 3.13
CA LYS J 49 -4.89 14.55 2.17
C LYS J 49 -4.60 13.76 0.91
N ARG J 50 -4.33 12.45 1.02
CA ARG J 50 -4.12 11.65 -0.18
C ARG J 50 -5.41 11.58 -1.00
N LYS J 51 -6.56 11.51 -0.32
CA LYS J 51 -7.83 11.59 -1.03
C LYS J 51 -7.88 12.86 -1.85
N LEU J 52 -7.55 13.99 -1.21
CA LEU J 52 -7.46 15.25 -1.93
C LEU J 52 -6.46 15.17 -3.09
N ALA J 53 -5.31 14.53 -2.86
CA ALA J 53 -4.33 14.41 -3.94
C ALA J 53 -4.88 13.63 -5.15
N HIS J 54 -5.65 12.57 -4.90
CA HIS J 54 -6.13 11.79 -6.04
C HIS J 54 -7.27 12.51 -6.76
N MET J 55 -8.10 13.27 -6.03
CA MET J 55 -9.10 14.12 -6.68
C MET J 55 -8.45 15.06 -7.67
N ARG J 56 -7.33 15.68 -7.28
CA ARG J 56 -6.72 16.69 -8.12
C ARG J 56 -6.02 16.06 -9.32
N ARG J 57 -5.39 14.90 -9.13
CA ARG J 57 -4.82 14.16 -10.26
C ARG J 57 -5.86 13.96 -11.36
N VAL J 58 -7.05 13.51 -10.98
CA VAL J 58 -8.09 13.26 -11.97
C VAL J 58 -8.54 14.56 -12.61
N LYS J 59 -8.79 15.58 -11.79
CA LYS J 59 -9.32 16.83 -12.32
C LYS J 59 -8.31 17.50 -13.26
N ILE J 60 -7.03 17.43 -12.88
CA ILE J 60 -5.96 17.94 -13.73
C ILE J 60 -6.03 17.27 -15.10
N GLU J 61 -6.12 15.94 -15.11
CA GLU J 61 -6.22 15.19 -16.36
C GLU J 61 -7.46 15.61 -17.15
N LYS J 62 -8.60 15.74 -16.48
CA LYS J 62 -9.80 16.20 -17.17
C LYS J 62 -9.63 17.60 -17.73
N LEU J 63 -9.09 18.53 -16.94
CA LEU J 63 -8.86 19.88 -17.45
C LEU J 63 -7.81 19.92 -18.57
N GLN J 64 -6.92 18.92 -18.66
CA GLN J 64 -5.96 18.87 -19.76
C GLN J 64 -6.59 18.38 -21.08
N GLU J 65 -7.60 17.52 -21.04
CA GLU J 65 -8.29 17.21 -22.30
C GLU J 65 -8.97 18.45 -22.87
N MET J 66 -9.36 19.39 -21.99
CA MET J 66 -10.14 20.54 -22.43
C MET J 66 -9.28 21.56 -23.17
N VAL J 67 -8.03 21.77 -22.72
CA VAL J 67 -7.12 22.70 -23.39
C VAL J 67 -6.44 22.02 -24.58
N LEU J 68 -6.85 20.78 -24.87
CA LEU J 68 -6.39 20.04 -26.04
C LEU J 68 -7.44 20.01 -27.15
N LYS J 69 -8.63 20.56 -26.91
CA LYS J 69 -9.66 20.68 -27.93
C LYS J 69 -10.02 22.13 -28.22
N GLY J 70 -10.56 22.85 -27.24
CA GLY J 70 -10.91 24.25 -27.41
C GLY J 70 -9.91 25.21 -26.78
N SER K 6 42.96 26.03 -19.96
CA SER K 6 42.57 25.08 -20.99
C SER K 6 41.24 24.40 -20.66
N LEU K 7 41.13 23.14 -21.08
CA LEU K 7 40.15 22.20 -20.56
C LEU K 7 40.76 21.25 -19.55
N GLU K 8 42.06 20.99 -19.70
CA GLU K 8 42.78 20.13 -18.77
C GLU K 8 42.91 20.79 -17.40
N THR K 9 42.89 22.12 -17.35
CA THR K 9 42.84 22.81 -16.06
C THR K 9 41.65 22.33 -15.24
N LEU K 10 40.52 22.07 -15.90
CA LEU K 10 39.32 21.62 -15.23
C LEU K 10 39.28 20.11 -15.07
N LEU K 11 39.96 19.36 -15.95
CA LEU K 11 40.04 17.92 -15.74
C LEU K 11 40.93 17.58 -14.55
N ALA K 12 41.99 18.35 -14.34
CA ALA K 12 42.88 18.10 -13.21
C ALA K 12 42.21 18.44 -11.88
N LEU K 13 41.42 19.52 -11.85
CA LEU K 13 40.64 19.83 -10.65
C LEU K 13 39.65 18.70 -10.33
N LEU K 14 39.00 18.17 -11.34
CA LEU K 14 38.03 17.10 -11.13
C LEU K 14 38.73 15.79 -10.74
N GLN K 15 39.86 15.49 -11.38
CA GLN K 15 40.61 14.30 -10.97
C GLN K 15 41.09 14.44 -9.54
N ALA K 16 41.52 15.65 -9.14
CA ALA K 16 42.01 15.86 -7.78
C ALA K 16 40.91 15.63 -6.77
N GLU K 17 39.77 16.30 -6.92
CA GLU K 17 38.65 16.09 -6.02
C GLU K 17 38.16 14.64 -6.04
N GLY K 18 38.36 13.93 -7.14
CA GLY K 18 38.02 12.51 -7.17
C GLY K 18 38.89 11.69 -6.23
N ALA K 19 40.20 11.92 -6.28
CA ALA K 19 41.12 11.19 -5.41
C ALA K 19 40.85 11.52 -3.94
N LYS K 20 40.30 12.72 -3.67
CA LYS K 20 40.03 13.10 -2.29
C LYS K 20 38.84 12.34 -1.72
N ILE K 21 37.75 12.25 -2.47
CA ILE K 21 36.59 11.51 -1.98
C ILE K 21 36.92 10.01 -1.91
N GLU K 22 37.74 9.50 -2.83
CA GLU K 22 38.10 8.09 -2.79
C GLU K 22 38.91 7.79 -1.54
N GLU K 23 39.94 8.60 -1.27
CA GLU K 23 40.76 8.38 -0.08
C GLU K 23 39.97 8.58 1.21
N ASP K 24 39.05 9.55 1.20
CA ASP K 24 38.12 9.75 2.30
C ASP K 24 37.30 8.49 2.59
N THR K 25 36.77 7.84 1.54
CA THR K 25 35.93 6.67 1.76
C THR K 25 36.75 5.42 2.07
N GLU K 26 37.96 5.29 1.52
CA GLU K 26 38.78 4.14 1.91
C GLU K 26 39.18 4.22 3.38
N ASN K 27 39.58 5.41 3.88
CA ASN K 27 39.85 5.56 5.32
C ASN K 27 38.61 5.26 6.14
N MET K 28 37.44 5.59 5.62
CA MET K 28 36.21 5.34 6.35
C MET K 28 35.94 3.84 6.48
N ALA K 29 36.05 3.11 5.37
CA ALA K 29 35.79 1.67 5.41
C ALA K 29 36.79 0.97 6.32
N GLU K 30 38.06 1.35 6.25
CA GLU K 30 39.07 0.73 7.10
C GLU K 30 38.81 1.02 8.58
N LYS K 31 38.47 2.27 8.91
CA LYS K 31 38.04 2.59 10.27
C LYS K 31 36.82 1.77 10.68
N PHE K 32 35.85 1.61 9.78
CA PHE K 32 34.68 0.79 10.09
C PHE K 32 35.09 -0.67 10.26
N LEU K 33 36.01 -1.16 9.42
CA LEU K 33 36.47 -2.54 9.60
C LEU K 33 37.25 -2.71 10.89
N ASP K 34 37.89 -1.64 11.40
CA ASP K 34 38.61 -1.71 12.68
C ASP K 34 37.69 -1.56 13.88
N GLY K 35 36.38 -1.51 13.69
CA GLY K 35 35.48 -1.36 14.81
C GLY K 35 35.36 0.04 15.37
N GLU K 36 35.73 1.07 14.61
CA GLU K 36 35.82 2.43 15.14
C GLU K 36 34.76 3.37 14.59
N LEU K 37 33.78 2.83 13.86
CA LEU K 37 32.66 3.61 13.33
C LEU K 37 31.40 2.84 13.70
N PRO K 38 30.47 3.42 14.43
CA PRO K 38 29.19 2.73 14.62
C PRO K 38 28.57 2.42 13.26
N LEU K 39 27.75 1.38 13.24
CA LEU K 39 27.27 0.86 11.97
C LEU K 39 26.30 1.81 11.29
N ASP K 40 25.33 2.35 12.04
CA ASP K 40 24.34 3.23 11.40
C ASP K 40 24.99 4.47 10.81
N SER K 41 25.94 5.07 11.54
CA SER K 41 26.74 6.16 10.99
C SER K 41 27.39 5.78 9.66
N PHE K 42 28.07 4.62 9.61
CA PHE K 42 28.76 4.22 8.38
C PHE K 42 27.78 4.05 7.23
N ILE K 43 26.67 3.34 7.45
CA ILE K 43 25.73 3.03 6.37
C ILE K 43 25.21 4.31 5.73
N ASP K 44 24.92 5.33 6.53
CA ASP K 44 24.37 6.54 5.92
C ASP K 44 25.44 7.36 5.22
N VAL K 45 26.54 7.64 5.92
CA VAL K 45 27.58 8.54 5.41
C VAL K 45 28.41 7.87 4.33
N TYR K 46 28.77 6.59 4.51
CA TYR K 46 29.63 5.96 3.52
C TYR K 46 28.88 5.85 2.21
N GLN K 47 27.59 5.56 2.29
CA GLN K 47 26.76 5.48 1.09
C GLN K 47 26.70 6.81 0.37
N SER K 48 26.50 7.92 1.08
CA SER K 48 26.37 9.18 0.33
C SER K 48 27.69 9.60 -0.26
N LYS K 49 28.80 9.37 0.47
CA LYS K 49 30.09 9.77 -0.07
C LYS K 49 30.52 8.86 -1.23
N ARG K 50 30.20 7.57 -1.17
CA ARG K 50 30.46 6.71 -2.31
C ARG K 50 29.64 7.17 -3.52
N LYS K 51 28.39 7.60 -3.29
CA LYS K 51 27.57 8.11 -4.38
C LYS K 51 28.26 9.25 -5.09
N LEU K 52 28.86 10.16 -4.31
CA LEU K 52 29.59 11.28 -4.91
C LEU K 52 30.83 10.78 -5.63
N ALA K 53 31.58 9.85 -5.02
CA ALA K 53 32.73 9.27 -5.70
C ALA K 53 32.37 8.71 -7.07
N HIS K 54 31.22 8.01 -7.16
CA HIS K 54 30.85 7.40 -8.43
C HIS K 54 30.40 8.46 -9.43
N MET K 55 29.70 9.50 -8.96
CA MET K 55 29.34 10.60 -9.86
C MET K 55 30.57 11.32 -10.39
N ARG K 56 31.62 11.39 -9.58
CA ARG K 56 32.87 11.99 -10.07
C ARG K 56 33.59 11.04 -11.04
N ARG K 57 33.54 9.72 -10.81
CA ARG K 57 34.16 8.80 -11.76
C ARG K 57 33.53 8.92 -13.14
N VAL K 58 32.24 9.22 -13.21
CA VAL K 58 31.60 9.36 -14.51
C VAL K 58 32.02 10.67 -15.16
N LYS K 59 31.97 11.76 -14.38
CA LYS K 59 32.27 13.08 -14.91
C LYS K 59 33.73 13.18 -15.35
N ILE K 60 34.62 12.52 -14.61
CA ILE K 60 36.02 12.47 -15.00
C ILE K 60 36.17 11.82 -16.37
N GLU K 61 35.57 10.64 -16.55
CA GLU K 61 35.67 9.95 -17.82
C GLU K 61 34.98 10.73 -18.93
N LYS K 62 33.84 11.37 -18.63
CA LYS K 62 33.16 12.18 -19.65
C LYS K 62 34.00 13.39 -20.01
N LEU K 63 34.51 14.09 -19.00
CA LEU K 63 35.47 15.17 -19.24
C LEU K 63 36.68 14.65 -19.99
N GLN K 64 37.07 13.40 -19.76
CA GLN K 64 38.18 12.82 -20.51
C GLN K 64 37.79 12.57 -21.96
N GLU K 65 36.55 12.14 -22.20
CA GLU K 65 36.08 11.91 -23.57
C GLU K 65 36.19 13.17 -24.42
N MET K 66 36.02 14.34 -23.79
CA MET K 66 35.89 15.58 -24.54
C MET K 66 37.21 16.07 -25.09
N VAL K 67 38.30 15.93 -24.32
CA VAL K 67 39.58 16.47 -24.76
C VAL K 67 40.20 15.61 -25.85
N LEU K 68 40.02 14.28 -25.76
CA LEU K 68 40.41 13.35 -26.81
C LEU K 68 39.70 13.74 -28.11
N LYS K 69 38.39 13.49 -28.14
CA LYS K 69 37.50 13.96 -29.20
C LYS K 69 37.46 15.49 -29.14
N GLY K 70 38.57 16.08 -29.57
CA GLY K 70 38.71 17.53 -29.65
C GLY K 70 39.94 18.09 -28.96
N ALA L 5 -56.45 -34.19 -34.93
CA ALA L 5 -57.56 -34.07 -33.98
C ALA L 5 -57.41 -32.84 -33.09
N SER L 6 -58.19 -32.78 -32.01
CA SER L 6 -58.17 -31.65 -31.10
C SER L 6 -56.91 -31.66 -30.25
N LEU L 7 -56.51 -30.46 -29.80
CA LEU L 7 -55.33 -30.32 -28.95
C LEU L 7 -55.49 -31.13 -27.66
N GLU L 8 -56.73 -31.35 -27.22
CA GLU L 8 -56.97 -32.21 -26.08
C GLU L 8 -56.71 -33.68 -26.41
N THR L 9 -56.80 -34.06 -27.68
CA THR L 9 -56.62 -35.46 -28.07
C THR L 9 -55.14 -35.82 -28.24
N LEU L 10 -54.34 -34.90 -28.80
CA LEU L 10 -52.91 -35.17 -28.91
C LEU L 10 -52.25 -35.26 -27.55
N LEU L 11 -52.66 -34.41 -26.61
CA LEU L 11 -52.16 -34.50 -25.24
C LEU L 11 -52.38 -35.90 -24.68
N ALA L 12 -53.59 -36.43 -24.84
CA ALA L 12 -53.88 -37.79 -24.39
C ALA L 12 -52.99 -38.80 -25.08
N LEU L 13 -52.79 -38.65 -26.39
CA LEU L 13 -51.94 -39.59 -27.13
C LEU L 13 -50.47 -39.41 -26.78
N LEU L 14 -50.05 -38.20 -26.44
CA LEU L 14 -48.67 -38.00 -26.00
C LEU L 14 -48.48 -38.54 -24.58
N GLN L 15 -49.44 -38.28 -23.70
CA GLN L 15 -49.33 -38.73 -22.31
C GLN L 15 -49.28 -40.25 -22.21
N ALA L 16 -50.09 -40.95 -23.01
CA ALA L 16 -50.17 -42.40 -22.90
C ALA L 16 -48.88 -43.06 -23.34
N GLU L 17 -48.27 -42.55 -24.42
CA GLU L 17 -46.93 -42.99 -24.79
C GLU L 17 -45.94 -42.74 -23.66
N GLY L 18 -46.00 -41.55 -23.06
CA GLY L 18 -45.17 -41.28 -21.90
C GLY L 18 -45.36 -42.32 -20.81
N ALA L 19 -46.62 -42.70 -20.57
CA ALA L 19 -46.90 -43.70 -19.54
C ALA L 19 -46.29 -45.04 -19.89
N LYS L 20 -46.15 -45.33 -21.19
CA LYS L 20 -45.69 -46.65 -21.59
C LYS L 20 -44.16 -46.77 -21.62
N ILE L 21 -43.46 -45.68 -21.96
CA ILE L 21 -42.01 -45.72 -21.85
C ILE L 21 -41.60 -45.71 -20.38
N GLU L 22 -42.39 -45.05 -19.53
CA GLU L 22 -42.03 -44.98 -18.12
C GLU L 22 -42.18 -46.35 -17.46
N GLU L 23 -43.34 -47.00 -17.63
CA GLU L 23 -43.50 -48.33 -17.06
C GLU L 23 -42.53 -49.33 -17.70
N ASP L 24 -42.16 -49.10 -18.96
CA ASP L 24 -41.20 -49.97 -19.65
C ASP L 24 -39.82 -49.88 -18.99
N THR L 25 -39.28 -48.66 -18.85
CA THR L 25 -37.98 -48.52 -18.21
C THR L 25 -38.03 -48.92 -16.74
N GLU L 26 -39.20 -48.85 -16.10
CA GLU L 26 -39.31 -49.31 -14.72
C GLU L 26 -39.28 -50.84 -14.63
N ASN L 27 -39.88 -51.54 -15.61
CA ASN L 27 -39.75 -52.99 -15.67
C ASN L 27 -38.30 -53.39 -15.95
N MET L 28 -37.63 -52.66 -16.84
CA MET L 28 -36.23 -52.94 -17.13
C MET L 28 -35.33 -52.71 -15.91
N ALA L 29 -35.65 -51.74 -15.06
CA ALA L 29 -34.78 -51.47 -13.91
C ALA L 29 -34.89 -52.57 -12.86
N GLU L 30 -36.10 -53.01 -12.54
CA GLU L 30 -36.27 -54.09 -11.57
C GLU L 30 -35.63 -55.39 -12.07
N LYS L 31 -35.79 -55.70 -13.36
CA LYS L 31 -35.20 -56.91 -13.92
C LYS L 31 -33.67 -56.85 -13.84
N PHE L 32 -33.08 -55.67 -14.07
CA PHE L 32 -31.65 -55.52 -13.89
C PHE L 32 -31.26 -55.69 -12.44
N LEU L 33 -32.03 -55.10 -11.53
CA LEU L 33 -31.80 -55.28 -10.10
C LEU L 33 -32.00 -56.73 -9.66
N ASP L 34 -32.69 -57.55 -10.46
CA ASP L 34 -32.85 -58.96 -10.16
C ASP L 34 -31.73 -59.80 -10.75
N GLY L 35 -30.80 -59.19 -11.47
CA GLY L 35 -29.68 -59.89 -12.04
C GLY L 35 -29.93 -60.52 -13.40
N GLU L 36 -30.94 -60.04 -14.13
CA GLU L 36 -31.43 -60.74 -15.30
C GLU L 36 -31.04 -60.09 -16.62
N LEU L 37 -30.39 -58.92 -16.59
CA LEU L 37 -29.96 -58.22 -17.80
C LEU L 37 -28.46 -57.95 -17.73
N PRO L 38 -27.69 -58.26 -18.78
CA PRO L 38 -26.26 -57.96 -18.75
C PRO L 38 -25.99 -56.46 -18.69
N LEU L 39 -24.96 -56.11 -17.94
CA LEU L 39 -24.75 -54.74 -17.51
C LEU L 39 -24.52 -53.80 -18.69
N ASP L 40 -23.60 -54.15 -19.60
CA ASP L 40 -23.31 -53.25 -20.73
C ASP L 40 -24.54 -53.01 -21.58
N SER L 41 -25.38 -54.04 -21.75
CA SER L 41 -26.59 -53.89 -22.56
C SER L 41 -27.59 -52.96 -21.87
N PHE L 42 -27.84 -53.18 -20.57
CA PHE L 42 -28.80 -52.35 -19.84
C PHE L 42 -28.34 -50.89 -19.81
N ILE L 43 -27.05 -50.65 -19.60
CA ILE L 43 -26.54 -49.28 -19.57
C ILE L 43 -26.91 -48.54 -20.86
N ASP L 44 -26.75 -49.19 -22.02
CA ASP L 44 -27.03 -48.50 -23.27
C ASP L 44 -28.54 -48.30 -23.47
N VAL L 45 -29.33 -49.37 -23.43
CA VAL L 45 -30.71 -49.22 -23.87
C VAL L 45 -31.56 -48.50 -22.82
N TYR L 46 -31.35 -48.78 -21.53
CA TYR L 46 -32.08 -48.03 -20.50
C TYR L 46 -31.78 -46.54 -20.59
N GLN L 47 -30.52 -46.19 -20.89
CA GLN L 47 -30.17 -44.78 -21.05
C GLN L 47 -30.86 -44.15 -22.26
N SER L 48 -30.97 -44.89 -23.36
CA SER L 48 -31.69 -44.34 -24.52
C SER L 48 -33.18 -44.26 -24.27
N LYS L 49 -33.73 -45.22 -23.54
CA LYS L 49 -35.16 -45.18 -23.22
C LYS L 49 -35.48 -44.07 -22.22
N ARG L 50 -34.64 -43.90 -21.18
CA ARG L 50 -34.88 -42.80 -20.24
C ARG L 50 -34.77 -41.43 -20.92
N LYS L 51 -33.89 -41.30 -21.91
CA LYS L 51 -33.83 -40.05 -22.68
C LYS L 51 -35.18 -39.76 -23.32
N LEU L 52 -35.72 -40.73 -24.07
CA LEU L 52 -37.05 -40.57 -24.65
C LEU L 52 -38.08 -40.23 -23.59
N ALA L 53 -38.02 -40.89 -22.43
CA ALA L 53 -38.97 -40.61 -21.35
C ALA L 53 -38.86 -39.16 -20.88
N HIS L 54 -37.63 -38.64 -20.70
CA HIS L 54 -37.49 -37.25 -20.26
C HIS L 54 -37.92 -36.27 -21.34
N MET L 55 -37.78 -36.62 -22.61
CA MET L 55 -38.24 -35.66 -23.62
C MET L 55 -39.74 -35.65 -23.73
N ARG L 56 -40.40 -36.79 -23.53
CA ARG L 56 -41.85 -36.80 -23.48
C ARG L 56 -42.37 -36.08 -22.24
N ARG L 57 -41.66 -36.17 -21.12
CA ARG L 57 -42.07 -35.43 -19.93
C ARG L 57 -42.11 -33.94 -20.21
N VAL L 58 -41.09 -33.42 -20.90
CA VAL L 58 -41.04 -31.99 -21.19
C VAL L 58 -42.16 -31.61 -22.15
N LYS L 59 -42.35 -32.41 -23.20
CA LYS L 59 -43.33 -32.07 -24.23
C LYS L 59 -44.74 -32.09 -23.68
N ILE L 60 -45.06 -33.06 -22.83
CA ILE L 60 -46.40 -33.16 -22.26
C ILE L 60 -46.76 -31.91 -21.49
N GLU L 61 -45.82 -31.41 -20.69
CA GLU L 61 -46.04 -30.14 -19.98
C GLU L 61 -46.20 -28.97 -20.95
N LYS L 62 -45.35 -28.90 -21.97
CA LYS L 62 -45.49 -27.84 -22.97
C LYS L 62 -46.81 -27.96 -23.72
N LEU L 63 -47.26 -29.19 -23.96
CA LEU L 63 -48.58 -29.36 -24.56
C LEU L 63 -49.67 -28.90 -23.60
N GLN L 64 -49.53 -29.22 -22.30
CA GLN L 64 -50.52 -28.78 -21.32
C GLN L 64 -50.64 -27.27 -21.31
N GLU L 65 -49.53 -26.56 -21.50
CA GLU L 65 -49.62 -25.11 -21.57
C GLU L 65 -50.42 -24.67 -22.78
N MET L 66 -50.18 -25.31 -23.94
CA MET L 66 -50.93 -24.98 -25.15
C MET L 66 -52.43 -25.16 -24.95
N VAL L 67 -52.85 -26.21 -24.23
CA VAL L 67 -54.28 -26.44 -24.10
C VAL L 67 -54.94 -25.42 -23.18
N LEU L 68 -54.18 -24.83 -22.27
CA LEU L 68 -54.72 -23.68 -21.55
C LEU L 68 -54.76 -22.45 -22.43
N LYS L 69 -53.88 -22.38 -23.42
CA LYS L 69 -53.78 -21.21 -24.30
C LYS L 69 -54.97 -21.14 -25.25
N SER M 3 -5.54 75.97 20.45
CA SER M 3 -5.20 74.54 20.43
C SER M 3 -5.06 74.03 18.99
N SER M 4 -3.84 74.05 18.47
CA SER M 4 -3.54 73.57 17.13
C SER M 4 -3.52 72.04 17.14
N ALA M 5 -4.71 71.46 17.28
CA ALA M 5 -4.86 70.02 17.47
C ALA M 5 -4.99 69.35 16.11
N SER M 6 -3.85 68.99 15.53
CA SER M 6 -3.87 68.08 14.40
C SER M 6 -4.13 66.65 14.87
N LEU M 7 -4.58 65.81 13.95
CA LEU M 7 -4.87 64.42 14.28
C LEU M 7 -3.66 63.72 14.88
N GLU M 8 -2.50 63.89 14.23
CA GLU M 8 -1.29 63.24 14.71
C GLU M 8 -0.94 63.70 16.12
N THR M 9 -1.16 64.97 16.44
CA THR M 9 -0.83 65.42 17.79
C THR M 9 -1.81 64.83 18.80
N LEU M 10 -3.04 64.56 18.39
CA LEU M 10 -3.91 63.75 19.23
C LEU M 10 -3.38 62.32 19.35
N LEU M 11 -2.94 61.73 18.24
CA LEU M 11 -2.32 60.41 18.31
C LEU M 11 -1.12 60.40 19.25
N ALA M 12 -0.33 61.49 19.27
CA ALA M 12 0.82 61.55 20.18
C ALA M 12 0.38 61.56 21.64
N LEU M 13 -0.72 62.26 21.94
CA LEU M 13 -1.18 62.33 23.33
C LEU M 13 -1.74 60.99 23.79
N LEU M 14 -2.52 60.31 22.94
CA LEU M 14 -3.06 58.99 23.28
C LEU M 14 -1.95 57.95 23.43
N GLN M 15 -0.94 58.00 22.56
CA GLN M 15 0.18 57.07 22.67
C GLN M 15 1.00 57.32 23.92
N ALA M 16 1.21 58.58 24.30
CA ALA M 16 1.89 58.84 25.56
C ALA M 16 1.12 58.23 26.73
N GLU M 17 -0.21 58.35 26.71
CA GLU M 17 -1.06 57.69 27.70
C GLU M 17 -0.90 56.19 27.66
N GLY M 18 -0.82 55.61 26.45
CA GLY M 18 -0.65 54.17 26.34
C GLY M 18 0.65 53.71 26.97
N ALA M 19 1.74 54.42 26.65
CA ALA M 19 3.06 54.06 27.18
C ALA M 19 3.09 54.15 28.70
N LYS M 20 2.35 55.10 29.27
CA LYS M 20 2.35 55.25 30.73
C LYS M 20 1.53 54.17 31.43
N ILE M 21 0.39 53.75 30.87
CA ILE M 21 -0.37 52.67 31.52
C ILE M 21 0.34 51.34 31.34
N GLU M 22 0.99 51.12 30.20
CA GLU M 22 1.81 49.93 30.00
C GLU M 22 2.89 49.84 31.06
N GLU M 23 3.66 50.92 31.21
CA GLU M 23 4.70 50.95 32.23
C GLU M 23 4.10 50.84 33.62
N ASP M 24 2.97 51.52 33.85
CA ASP M 24 2.25 51.39 35.12
C ASP M 24 1.93 49.93 35.45
N THR M 25 1.40 49.18 34.48
CA THR M 25 0.99 47.82 34.80
C THR M 25 2.18 46.88 34.93
N GLU M 26 3.25 47.11 34.18
CA GLU M 26 4.36 46.19 34.31
C GLU M 26 5.14 46.44 35.59
N ASN M 27 5.22 47.69 36.04
CA ASN M 27 5.76 47.98 37.36
C ASN M 27 4.91 47.33 38.45
N MET M 28 3.59 47.42 38.31
CA MET M 28 2.70 46.78 39.28
C MET M 28 2.92 45.27 39.32
N ALA M 29 2.98 44.64 38.16
CA ALA M 29 3.23 43.20 38.09
C ALA M 29 4.57 42.84 38.71
N GLU M 30 5.62 43.62 38.43
CA GLU M 30 6.90 43.29 39.03
C GLU M 30 6.87 43.52 40.53
N LYS M 31 6.22 44.60 40.98
CA LYS M 31 6.05 44.82 42.41
C LYS M 31 5.25 43.68 43.05
N PHE M 32 4.30 43.12 42.31
CA PHE M 32 3.50 42.02 42.84
C PHE M 32 4.34 40.77 43.02
N LEU M 33 5.11 40.39 41.98
CA LEU M 33 5.98 39.21 42.01
C LEU M 33 7.10 39.33 43.03
N ASP M 34 7.52 40.55 43.37
CA ASP M 34 8.51 40.76 44.42
C ASP M 34 7.93 40.53 45.81
N GLY M 35 6.62 40.29 45.94
CA GLY M 35 6.00 40.19 47.24
C GLY M 35 5.67 41.51 47.89
N GLU M 36 5.63 42.61 47.13
CA GLU M 36 5.44 43.94 47.70
C GLU M 36 4.09 44.56 47.37
N LEU M 37 3.14 43.75 46.90
CA LEU M 37 1.79 44.27 46.64
C LEU M 37 0.77 43.19 47.00
N PRO M 38 -0.12 43.45 47.96
CA PRO M 38 -1.04 42.39 48.41
C PRO M 38 -1.98 41.93 47.29
N LEU M 39 -2.31 40.65 47.35
CA LEU M 39 -3.03 39.98 46.27
C LEU M 39 -4.32 40.72 45.88
N ASP M 40 -5.12 41.11 46.86
CA ASP M 40 -6.43 41.66 46.50
C ASP M 40 -6.30 43.02 45.83
N SER M 41 -5.30 43.82 46.22
CA SER M 41 -5.07 45.07 45.50
C SER M 41 -4.58 44.82 44.08
N PHE M 42 -3.75 43.78 43.90
CA PHE M 42 -3.24 43.49 42.58
C PHE M 42 -4.35 43.07 41.62
N ILE M 43 -5.16 42.09 42.03
CA ILE M 43 -6.15 41.52 41.11
C ILE M 43 -7.15 42.58 40.65
N ASP M 44 -7.65 43.40 41.56
CA ASP M 44 -8.66 44.38 41.18
C ASP M 44 -8.05 45.51 40.34
N VAL M 45 -6.94 46.09 40.79
CA VAL M 45 -6.42 47.28 40.11
C VAL M 45 -5.65 46.89 38.85
N TYR M 46 -4.85 45.85 38.93
CA TYR M 46 -4.14 45.41 37.73
C TYR M 46 -5.10 44.95 36.64
N GLN M 47 -6.19 44.27 37.01
CA GLN M 47 -7.17 43.92 35.99
C GLN M 47 -7.79 45.17 35.37
N SER M 48 -8.14 46.16 36.21
CA SER M 48 -8.73 47.40 35.71
C SER M 48 -7.77 48.11 34.77
N LYS M 49 -6.51 48.20 35.17
CA LYS M 49 -5.58 49.01 34.39
C LYS M 49 -5.25 48.33 33.08
N ARG M 50 -5.14 46.99 33.08
CA ARG M 50 -4.89 46.29 31.82
C ARG M 50 -6.06 46.45 30.85
N LYS M 51 -7.28 46.52 31.36
CA LYS M 51 -8.40 46.74 30.44
C LYS M 51 -8.24 48.07 29.71
N LEU M 52 -8.03 49.15 30.47
CA LEU M 52 -7.77 50.44 29.87
C LEU M 52 -6.58 50.40 28.90
N ALA M 53 -5.53 49.64 29.24
CA ALA M 53 -4.40 49.50 28.33
C ALA M 53 -4.81 48.85 27.00
N HIS M 54 -5.66 47.82 27.05
CA HIS M 54 -6.05 47.17 25.80
C HIS M 54 -7.01 48.05 25.00
N MET M 55 -7.86 48.81 25.68
CA MET M 55 -8.69 49.77 24.97
C MET M 55 -7.82 50.76 24.22
N ARG M 56 -6.75 51.25 24.87
CA ARG M 56 -5.90 52.24 24.26
C ARG M 56 -5.10 51.67 23.09
N ARG M 57 -4.63 50.44 23.21
CA ARG M 57 -3.95 49.79 22.09
C ARG M 57 -4.84 49.83 20.86
N VAL M 58 -6.11 49.47 21.03
CA VAL M 58 -7.06 49.44 19.92
C VAL M 58 -7.27 50.84 19.37
N LYS M 59 -7.54 51.80 20.24
CA LYS M 59 -7.76 53.17 19.79
C LYS M 59 -6.53 53.71 19.09
N ILE M 60 -5.35 53.42 19.61
CA ILE M 60 -4.12 53.88 18.99
C ILE M 60 -4.00 53.33 17.58
N GLU M 61 -4.23 52.03 17.42
CA GLU M 61 -4.22 51.45 16.09
C GLU M 61 -5.22 52.15 15.15
N LYS M 62 -6.47 52.30 15.61
CA LYS M 62 -7.52 52.94 14.80
C LYS M 62 -7.18 54.39 14.46
N LEU M 63 -6.67 55.15 15.42
CA LEU M 63 -6.31 56.55 15.12
C LEU M 63 -5.13 56.62 14.15
N GLN M 64 -4.14 55.73 14.32
CA GLN M 64 -3.00 55.66 13.41
C GLN M 64 -3.45 55.49 11.95
N GLU M 65 -4.43 54.60 11.71
CA GLU M 65 -4.95 54.44 10.36
C GLU M 65 -5.62 55.70 9.84
N MET M 66 -6.44 56.37 10.68
CA MET M 66 -7.00 57.64 10.25
C MET M 66 -5.90 58.65 9.93
N VAL M 67 -4.79 58.61 10.66
CA VAL M 67 -3.73 59.58 10.40
C VAL M 67 -3.06 59.28 9.05
N LEU M 68 -2.96 58.00 8.72
CA LEU M 68 -2.34 57.60 7.47
C LEU M 68 -3.31 57.61 6.29
N LYS M 69 -4.62 57.72 6.55
CA LYS M 69 -5.65 57.78 5.51
C LYS M 69 -6.42 59.12 5.54
N LEU N 7 43.79 54.05 15.29
CA LEU N 7 42.82 52.95 15.17
C LEU N 7 43.13 51.85 16.16
N GLU N 8 44.28 51.20 15.95
CA GLU N 8 44.65 49.98 16.64
C GLU N 8 44.98 50.18 18.11
N THR N 9 45.08 51.43 18.57
CA THR N 9 45.17 51.67 20.01
C THR N 9 43.80 51.51 20.66
N LEU N 10 42.73 51.86 19.94
CA LEU N 10 41.40 51.48 20.40
C LEU N 10 41.35 49.98 20.64
N LEU N 11 41.87 49.20 19.69
CA LEU N 11 41.83 47.75 19.81
C LEU N 11 42.50 47.30 21.10
N ALA N 12 43.63 47.93 21.46
CA ALA N 12 44.30 47.56 22.71
C ALA N 12 43.60 48.15 23.93
N LEU N 13 42.81 49.20 23.75
CA LEU N 13 41.98 49.70 24.85
C LEU N 13 40.80 48.78 25.10
N LEU N 14 40.18 48.29 24.03
CA LEU N 14 39.10 47.33 24.17
C LEU N 14 39.59 46.04 24.80
N GLN N 15 40.73 45.54 24.35
CA GLN N 15 41.26 44.30 24.92
C GLN N 15 41.62 44.47 26.38
N ALA N 16 42.15 45.65 26.74
CA ALA N 16 42.46 45.91 28.14
C ALA N 16 41.20 45.90 29.00
N GLU N 17 40.13 46.54 28.52
CA GLU N 17 38.87 46.45 29.25
C GLU N 17 38.27 45.05 29.16
N GLY N 18 38.52 44.34 28.07
CA GLY N 18 38.00 42.99 27.95
C GLY N 18 38.64 42.05 28.96
N ALA N 19 39.97 42.12 29.09
CA ALA N 19 40.65 41.30 30.08
C ALA N 19 40.19 41.63 31.48
N LYS N 20 39.80 42.89 31.70
CA LYS N 20 39.42 43.31 33.05
C LYS N 20 38.15 42.62 33.49
N ILE N 21 37.11 42.72 32.66
CA ILE N 21 35.85 42.04 32.93
C ILE N 21 36.03 40.52 32.94
N GLU N 22 36.96 39.99 32.12
CA GLU N 22 37.20 38.55 32.14
C GLU N 22 37.74 38.11 33.50
N GLU N 23 38.79 38.76 33.98
CA GLU N 23 39.34 38.39 35.28
C GLU N 23 38.36 38.72 36.40
N ASP N 24 37.60 39.80 36.24
CA ASP N 24 36.50 40.12 37.15
C ASP N 24 35.58 38.91 37.34
N THR N 25 35.02 38.39 36.25
CA THR N 25 34.09 37.27 36.35
C THR N 25 34.78 35.99 36.80
N GLU N 26 36.02 35.76 36.35
CA GLU N 26 36.74 34.57 36.77
C GLU N 26 36.93 34.54 38.29
N ASN N 27 37.06 35.71 38.92
CA ASN N 27 37.23 35.74 40.37
C ASN N 27 35.91 35.46 41.08
N MET N 28 34.80 36.00 40.56
CA MET N 28 33.49 35.72 41.14
C MET N 28 33.14 34.23 41.05
N ALA N 29 33.41 33.60 39.91
CA ALA N 29 33.19 32.15 39.82
C ALA N 29 33.97 31.42 40.89
N GLU N 30 35.21 31.83 41.14
CA GLU N 30 36.03 31.15 42.12
C GLU N 30 35.49 31.36 43.53
N LYS N 31 35.09 32.59 43.86
CA LYS N 31 34.55 32.84 45.19
C LYS N 31 33.19 32.17 45.36
N PHE N 32 32.40 32.09 44.29
CA PHE N 32 31.13 31.37 44.35
C PHE N 32 31.33 29.87 44.49
N LEU N 33 32.37 29.31 43.88
CA LEU N 33 32.59 27.86 43.97
C LEU N 33 33.34 27.45 45.24
N ASP N 34 33.83 28.39 46.03
CA ASP N 34 34.48 28.09 47.30
C ASP N 34 33.53 28.30 48.49
N GLY N 35 32.22 28.36 48.24
CA GLY N 35 31.23 28.51 49.30
C GLY N 35 31.10 29.89 49.88
N GLU N 36 31.76 30.89 49.30
CA GLU N 36 31.89 32.21 49.92
C GLU N 36 31.16 33.29 49.15
N LEU N 37 30.13 32.94 48.39
CA LEU N 37 29.30 33.96 47.78
C LEU N 37 27.90 33.41 47.55
N PRO N 38 26.87 34.07 48.09
CA PRO N 38 25.50 33.54 48.00
C PRO N 38 25.03 33.34 46.56
N LEU N 39 23.97 32.55 46.41
CA LEU N 39 23.58 32.02 45.10
C LEU N 39 22.74 33.02 44.31
N ASP N 40 21.65 33.53 44.90
CA ASP N 40 20.85 34.53 44.21
C ASP N 40 21.66 35.79 43.89
N SER N 41 22.67 36.08 44.72
CA SER N 41 23.60 37.16 44.41
C SER N 41 24.36 36.87 43.11
N PHE N 42 24.94 35.67 43.02
CA PHE N 42 25.83 35.33 41.91
C PHE N 42 25.08 35.23 40.60
N ILE N 43 23.86 34.67 40.63
CA ILE N 43 23.14 34.41 39.39
C ILE N 43 22.94 35.69 38.58
N ASP N 44 22.52 36.78 39.23
CA ASP N 44 22.20 37.98 38.46
C ASP N 44 23.42 38.86 38.21
N VAL N 45 24.35 38.95 39.16
CA VAL N 45 25.51 39.80 38.96
C VAL N 45 26.45 39.18 37.94
N TYR N 46 26.81 37.91 38.13
CA TYR N 46 27.66 37.22 37.15
C TYR N 46 27.04 37.27 35.75
N GLN N 47 25.72 37.16 35.68
CA GLN N 47 25.02 37.23 34.39
C GLN N 47 25.24 38.59 33.73
N SER N 48 25.04 39.69 34.47
CA SER N 48 25.19 41.02 33.87
C SER N 48 26.60 41.26 33.36
N LYS N 49 27.61 40.81 34.11
CA LYS N 49 28.99 41.07 33.72
C LYS N 49 29.42 40.17 32.56
N ARG N 50 28.96 38.92 32.53
CA ARG N 50 29.27 38.08 31.39
C ARG N 50 28.68 38.68 30.12
N LYS N 51 27.45 39.20 30.20
CA LYS N 51 26.85 39.84 29.04
C LYS N 51 27.77 40.93 28.47
N LEU N 52 28.26 41.83 29.33
CA LEU N 52 29.18 42.86 28.85
C LEU N 52 30.47 42.25 28.35
N ALA N 53 30.98 41.22 29.05
CA ALA N 53 32.14 40.49 28.56
C ALA N 53 31.89 39.96 27.15
N HIS N 54 30.72 39.37 26.92
CA HIS N 54 30.44 38.82 25.60
C HIS N 54 30.25 39.90 24.54
N MET N 55 29.74 41.07 24.93
CA MET N 55 29.61 42.15 23.95
C MET N 55 30.96 42.76 23.59
N ARG N 56 31.89 42.81 24.54
CA ARG N 56 33.22 43.29 24.20
C ARG N 56 33.97 42.28 23.33
N ARG N 57 33.75 40.97 23.55
CA ARG N 57 34.36 39.97 22.69
C ARG N 57 34.00 40.18 21.23
N VAL N 58 32.70 40.39 20.94
CA VAL N 58 32.29 40.70 19.58
C VAL N 58 32.96 41.97 19.09
N LYS N 59 32.88 43.04 19.89
CA LYS N 59 33.41 44.33 19.46
C LYS N 59 34.91 44.25 19.19
N ILE N 60 35.64 43.52 20.04
CA ILE N 60 37.09 43.35 19.81
C ILE N 60 37.33 42.68 18.46
N GLU N 61 36.59 41.60 18.16
CA GLU N 61 36.77 40.93 16.89
C GLU N 61 36.41 41.83 15.70
N LYS N 62 35.33 42.63 15.82
CA LYS N 62 34.94 43.51 14.73
C LYS N 62 35.98 44.60 14.50
N LEU N 63 36.51 45.18 15.58
CA LEU N 63 37.61 46.13 15.47
C LEU N 63 38.88 45.48 14.89
N GLN N 64 39.03 44.16 15.01
CA GLN N 64 40.14 43.47 14.35
C GLN N 64 39.87 43.28 12.86
N GLU N 65 38.62 43.13 12.45
CA GLU N 65 38.34 43.05 11.02
C GLU N 65 38.64 44.37 10.33
N MET N 66 38.58 45.48 11.07
CA MET N 66 38.92 46.79 10.54
C MET N 66 40.27 46.80 9.84
N VAL N 67 41.26 46.15 10.44
CA VAL N 67 42.58 46.05 9.84
C VAL N 67 42.51 45.18 8.60
N LEU N 68 42.13 45.80 7.48
CA LEU N 68 42.04 45.15 6.16
C LEU N 68 41.82 46.21 5.08
N ALA O 3 -11.86 -0.91 -14.43
CA ALA O 3 -12.94 -0.87 -13.44
C ALA O 3 -12.45 -0.83 -11.98
N SER O 4 -11.25 -1.32 -11.71
CA SER O 4 -10.73 -1.33 -10.34
C SER O 4 -10.00 -0.02 -10.07
N SER O 5 -10.38 0.66 -8.99
CA SER O 5 -9.79 1.97 -8.69
C SER O 5 -8.30 1.89 -8.39
N LEU O 6 -7.81 0.73 -7.92
CA LEU O 6 -6.40 0.65 -7.60
C LEU O 6 -5.53 0.51 -8.84
N TYR O 7 -6.10 0.38 -10.03
CA TYR O 7 -5.29 0.39 -11.24
C TYR O 7 -5.03 1.80 -11.78
N GLY O 8 -5.37 2.83 -11.02
CA GLY O 8 -5.03 4.18 -11.41
C GLY O 8 -6.06 4.89 -12.26
N ILE O 9 -5.57 5.96 -12.88
CA ILE O 9 -6.41 7.05 -13.39
C ILE O 9 -7.35 6.60 -14.49
N SER O 10 -6.99 5.55 -15.23
CA SER O 10 -7.81 5.12 -16.36
C SER O 10 -9.22 4.71 -15.93
N ALA O 11 -9.40 4.25 -14.69
CA ALA O 11 -10.74 3.91 -14.22
C ALA O 11 -11.70 5.09 -14.29
N MET O 12 -11.20 6.32 -14.28
CA MET O 12 -12.02 7.52 -14.39
C MET O 12 -12.21 7.99 -15.83
N ASP O 13 -11.83 7.18 -16.83
CA ASP O 13 -11.84 7.65 -18.21
C ASP O 13 -13.25 8.02 -18.69
N GLY O 14 -14.26 7.23 -18.29
CA GLY O 14 -15.62 7.49 -18.71
C GLY O 14 -16.42 8.49 -17.91
N VAL O 15 -15.84 9.05 -16.84
CA VAL O 15 -16.54 9.97 -15.95
C VAL O 15 -16.52 11.37 -16.57
N PRO O 16 -17.68 12.00 -16.79
CA PRO O 16 -17.70 13.31 -17.42
C PRO O 16 -17.57 14.44 -16.41
N PHE O 17 -16.82 15.45 -16.78
CA PHE O 17 -16.58 16.60 -15.94
C PHE O 17 -16.97 17.87 -16.66
N THR O 18 -16.98 18.97 -15.93
CA THR O 18 -17.39 20.23 -16.50
C THR O 18 -16.86 21.35 -15.60
N LEU O 19 -16.81 22.55 -16.14
CA LEU O 19 -16.48 23.73 -15.34
C LEU O 19 -17.73 24.25 -14.63
N HIS O 20 -17.52 24.80 -13.43
CA HIS O 20 -18.64 25.09 -12.53
C HIS O 20 -19.46 26.27 -13.03
N PRO O 21 -20.80 26.24 -12.85
CA PRO O 21 -21.65 27.35 -13.32
C PRO O 21 -21.21 28.72 -12.82
N ARG O 22 -20.87 29.61 -13.75
CA ARG O 22 -20.41 30.96 -13.45
C ARG O 22 -19.12 30.95 -12.62
N ALA P 3 24.66 -2.83 -19.66
CA ALA P 3 23.62 -1.83 -19.45
C ALA P 3 23.03 -1.88 -18.03
N SER P 4 23.41 -2.86 -17.24
CA SER P 4 23.13 -2.82 -15.81
C SER P 4 24.12 -1.89 -15.13
N SER P 5 23.59 -1.06 -14.22
CA SER P 5 24.47 -0.23 -13.41
C SER P 5 25.47 -1.14 -12.73
N LEU P 6 25.14 -2.43 -12.62
CA LEU P 6 26.15 -3.39 -12.24
C LEU P 6 26.54 -4.13 -13.50
N TYR P 7 27.24 -3.41 -14.39
CA TYR P 7 28.04 -3.94 -15.51
C TYR P 7 29.35 -3.16 -15.63
N GLY P 8 29.34 -1.84 -15.83
CA GLY P 8 30.56 -1.06 -15.82
C GLY P 8 30.26 0.43 -15.77
N ILE P 9 31.32 1.25 -15.90
CA ILE P 9 31.10 2.67 -16.21
C ILE P 9 30.60 2.82 -17.64
N SER P 10 30.87 1.83 -18.48
CA SER P 10 30.27 1.75 -19.81
C SER P 10 28.76 1.90 -19.78
N ALA P 11 28.11 1.57 -18.67
CA ALA P 11 26.65 1.71 -18.60
C ALA P 11 26.19 3.15 -18.82
N MET P 12 27.08 4.14 -18.67
CA MET P 12 26.75 5.54 -18.91
C MET P 12 27.17 6.00 -20.30
N ASP P 13 27.52 5.07 -21.18
CA ASP P 13 28.13 5.37 -22.47
C ASP P 13 27.25 6.23 -23.37
N GLY P 14 25.94 6.20 -23.20
CA GLY P 14 25.09 6.99 -24.08
C GLY P 14 24.46 8.22 -23.46
N VAL P 15 24.81 8.52 -22.21
CA VAL P 15 24.22 9.66 -21.51
C VAL P 15 24.98 10.92 -21.91
N PRO P 16 24.30 11.90 -22.54
CA PRO P 16 24.99 13.12 -23.00
C PRO P 16 25.39 14.02 -21.84
N PHE P 17 26.59 14.61 -21.96
CA PHE P 17 27.09 15.56 -20.98
C PHE P 17 27.52 16.86 -21.65
N THR P 18 27.45 17.96 -20.91
CA THR P 18 27.83 19.28 -21.39
C THR P 18 28.51 20.06 -20.26
N LEU P 19 29.01 21.25 -20.59
CA LEU P 19 29.69 22.11 -19.63
C LEU P 19 28.88 23.37 -19.37
N HIS P 20 28.72 23.72 -18.09
CA HIS P 20 28.01 24.93 -17.70
C HIS P 20 28.38 25.36 -16.28
N SER Q 1 -35.99 -20.03 -13.74
CA SER Q 1 -34.96 -19.68 -12.75
C SER Q 1 -33.88 -20.76 -12.69
N ASN Q 2 -34.31 -22.02 -12.67
CA ASN Q 2 -33.40 -23.13 -12.54
C ASN Q 2 -32.64 -23.36 -13.85
N ALA Q 3 -31.37 -23.77 -13.71
CA ALA Q 3 -30.50 -24.06 -14.84
C ALA Q 3 -29.90 -25.47 -14.82
N SER Q 4 -29.82 -26.14 -13.68
CA SER Q 4 -29.35 -27.52 -13.63
C SER Q 4 -30.47 -28.44 -14.10
N SER Q 5 -30.17 -29.25 -15.12
CA SER Q 5 -31.17 -30.17 -15.66
C SER Q 5 -31.64 -31.18 -14.64
N LEU Q 6 -30.81 -31.51 -13.66
CA LEU Q 6 -31.18 -32.53 -12.69
C LEU Q 6 -32.30 -32.06 -11.76
N TYR Q 7 -32.68 -30.79 -11.80
CA TYR Q 7 -33.77 -30.30 -10.97
C TYR Q 7 -35.13 -30.36 -11.65
N GLY Q 8 -35.21 -30.85 -12.88
CA GLY Q 8 -36.51 -31.14 -13.48
C GLY Q 8 -36.85 -30.25 -14.66
N ILE Q 9 -38.13 -30.30 -15.04
CA ILE Q 9 -38.58 -29.64 -16.26
C ILE Q 9 -38.58 -28.13 -16.11
N SER Q 10 -38.52 -27.62 -14.88
CA SER Q 10 -38.38 -26.18 -14.70
C SER Q 10 -37.12 -25.65 -15.37
N ALA Q 11 -36.09 -26.50 -15.54
CA ALA Q 11 -34.90 -26.12 -16.29
C ALA Q 11 -35.21 -25.84 -17.75
N MET Q 12 -36.35 -26.33 -18.24
CA MET Q 12 -36.80 -26.07 -19.61
C MET Q 12 -37.82 -24.96 -19.70
N ASP Q 13 -38.09 -24.26 -18.59
CA ASP Q 13 -39.15 -23.26 -18.54
C ASP Q 13 -39.00 -22.18 -19.61
N GLY Q 14 -37.78 -21.91 -20.09
CA GLY Q 14 -37.58 -20.87 -21.07
C GLY Q 14 -37.49 -21.31 -22.52
N VAL Q 15 -37.46 -22.61 -22.79
CA VAL Q 15 -37.36 -23.11 -24.17
C VAL Q 15 -38.72 -23.10 -24.87
N PRO Q 16 -38.88 -22.37 -25.97
CA PRO Q 16 -40.18 -22.31 -26.65
C PRO Q 16 -40.43 -23.50 -27.56
N PHE Q 17 -41.71 -23.83 -27.70
CA PHE Q 17 -42.15 -25.01 -28.45
C PHE Q 17 -43.23 -24.63 -29.45
N THR Q 18 -43.40 -25.48 -30.46
CA THR Q 18 -44.37 -25.23 -31.52
C THR Q 18 -44.87 -26.54 -32.08
N LEU Q 19 -46.06 -26.50 -32.69
CA LEU Q 19 -46.69 -27.69 -33.24
C LEU Q 19 -46.36 -27.85 -34.73
N HIS Q 20 -46.75 -29.00 -35.27
CA HIS Q 20 -46.64 -29.34 -36.69
C HIS Q 20 -47.25 -30.72 -36.92
N PRO Q 21 -48.55 -30.80 -37.27
CA PRO Q 21 -49.27 -32.06 -37.53
C PRO Q 21 -48.61 -32.94 -38.58
N SER R 1 -12.03 37.50 10.17
CA SER R 1 -11.96 36.05 10.31
C SER R 1 -11.77 35.65 11.77
N ASN R 2 -10.59 35.96 12.32
CA ASN R 2 -10.26 35.63 13.70
C ASN R 2 -11.32 36.18 14.64
N ALA R 3 -11.94 35.29 15.42
CA ALA R 3 -13.04 35.68 16.30
C ALA R 3 -12.65 35.71 17.78
N SER R 4 -11.54 35.10 18.18
CA SER R 4 -11.15 35.12 19.58
C SER R 4 -10.48 36.45 19.94
N SER R 5 -10.84 37.00 21.09
CA SER R 5 -10.15 38.20 21.57
C SER R 5 -8.71 37.93 21.95
N LEU R 6 -8.38 36.69 22.28
CA LEU R 6 -7.04 36.31 22.69
C LEU R 6 -6.07 36.13 21.51
N TYR R 7 -6.57 36.19 20.27
CA TYR R 7 -5.71 36.30 19.10
C TYR R 7 -5.19 37.73 18.90
N GLY R 8 -5.63 38.69 19.70
CA GLY R 8 -5.02 40.00 19.69
C GLY R 8 -5.78 41.02 18.89
N ILE R 9 -5.05 42.10 18.55
CA ILE R 9 -5.65 43.30 17.97
C ILE R 9 -6.38 42.96 16.69
N SER R 10 -5.96 41.91 15.99
CA SER R 10 -6.69 41.26 14.90
C SER R 10 -8.21 41.23 15.08
N ALA R 11 -8.67 40.86 16.27
CA ALA R 11 -10.09 40.66 16.53
C ALA R 11 -10.92 41.92 16.31
N MET R 12 -10.30 43.10 16.28
CA MET R 12 -11.02 44.36 16.15
C MET R 12 -10.98 44.95 14.73
N ASP R 13 -10.49 44.21 13.74
CA ASP R 13 -10.29 44.78 12.40
C ASP R 13 -11.58 45.26 11.76
N GLY R 14 -12.73 44.66 12.08
CA GLY R 14 -13.99 45.07 11.50
C GLY R 14 -14.82 46.04 12.30
N VAL R 15 -14.32 46.52 13.44
CA VAL R 15 -15.08 47.39 14.33
C VAL R 15 -14.84 48.84 13.90
N PRO R 16 -15.87 49.60 13.55
CA PRO R 16 -15.68 50.98 13.08
C PRO R 16 -15.55 51.98 14.21
N PHE R 17 -14.66 52.96 14.01
CA PHE R 17 -14.38 54.03 14.97
C PHE R 17 -14.58 55.39 14.31
N THR R 18 -14.63 56.44 15.15
CA THR R 18 -14.94 57.78 14.71
C THR R 18 -14.42 58.79 15.74
N LEU R 19 -14.10 60.00 15.28
CA LEU R 19 -13.67 61.11 16.14
C LEU R 19 -14.85 61.70 16.91
N HIS R 20 -14.55 62.31 18.06
CA HIS R 20 -15.56 62.93 18.91
C HIS R 20 -15.02 64.20 19.55
N ASN S 2 27.57 30.00 10.91
CA ASN S 2 26.71 29.33 11.87
C ASN S 2 25.59 30.29 12.30
N ALA S 3 24.66 29.78 13.13
CA ALA S 3 23.45 30.52 13.46
C ALA S 3 23.10 30.57 14.95
N SER S 4 23.57 29.65 15.77
CA SER S 4 23.27 29.67 17.20
C SER S 4 24.30 30.48 17.98
N SER S 5 23.82 31.18 19.01
CA SER S 5 24.65 32.10 19.76
C SER S 5 25.73 31.37 20.55
N LEU S 6 25.45 30.15 20.99
CA LEU S 6 26.46 29.37 21.71
C LEU S 6 27.58 28.87 20.80
N TYR S 7 27.43 28.94 19.48
CA TYR S 7 28.52 28.61 18.56
C TYR S 7 29.64 29.64 18.55
N GLY S 8 29.43 30.83 19.09
CA GLY S 8 30.48 31.83 19.21
C GLY S 8 30.30 33.01 18.27
N ILE S 9 31.41 33.71 18.03
CA ILE S 9 31.42 34.95 17.26
C ILE S 9 30.90 34.74 15.84
N SER S 10 31.03 33.52 15.30
CA SER S 10 30.58 33.25 13.94
C SER S 10 29.07 33.41 13.80
N ALA S 11 28.34 33.37 14.92
CA ALA S 11 26.91 33.60 14.91
C ALA S 11 26.55 35.00 14.41
N MET S 12 27.49 35.94 14.44
CA MET S 12 27.21 37.33 14.11
C MET S 12 27.72 37.72 12.72
N ASP S 13 27.89 36.76 11.81
CA ASP S 13 28.19 37.11 10.43
C ASP S 13 27.02 37.87 9.84
N GLY S 14 27.32 38.98 9.17
CA GLY S 14 26.31 39.76 8.49
C GLY S 14 25.83 40.98 9.25
N VAL S 15 26.10 41.07 10.56
CA VAL S 15 25.68 42.23 11.34
C VAL S 15 26.68 43.36 11.13
N PRO S 16 26.27 44.50 10.55
CA PRO S 16 27.22 45.58 10.28
C PRO S 16 27.57 46.40 11.52
N PHE S 17 28.80 46.90 11.51
CA PHE S 17 29.35 47.75 12.56
C PHE S 17 30.04 48.96 11.93
N THR S 18 30.26 50.00 12.73
CA THR S 18 31.10 51.15 12.38
C THR S 18 31.47 51.86 13.68
N LEU S 19 32.19 52.98 13.58
CA LEU S 19 32.40 53.85 14.72
C LEU S 19 31.81 55.23 14.45
N LYS T 17 -26.69 5.49 -19.45
CA LYS T 17 -26.56 5.97 -18.08
C LYS T 17 -27.88 6.50 -17.53
N PRO T 18 -28.59 5.68 -16.74
CA PRO T 18 -29.79 6.18 -16.04
C PRO T 18 -29.57 6.35 -14.54
N GLU T 19 -30.50 7.06 -13.88
CA GLU T 19 -30.46 7.29 -12.44
C GLU T 19 -29.16 7.96 -12.00
N LEU T 20 -28.81 9.05 -12.69
CA LEU T 20 -27.59 9.78 -12.40
C LEU T 20 -27.77 10.84 -11.32
N TYR T 21 -29.00 11.33 -11.13
CA TYR T 21 -29.30 12.41 -10.19
C TYR T 21 -29.02 12.02 -8.75
N GLU T 22 -29.01 10.73 -8.44
CA GLU T 22 -28.89 10.32 -7.06
C GLU T 22 -27.70 9.38 -6.89
N GLU T 23 -27.08 9.48 -5.72
CA GLU T 23 -26.01 8.57 -5.39
C GLU T 23 -26.58 7.23 -4.94
N VAL T 24 -25.77 6.18 -5.09
CA VAL T 24 -26.20 4.84 -4.71
C VAL T 24 -25.79 4.56 -3.26
N LYS T 25 -26.45 3.57 -2.69
CA LYS T 25 -26.22 3.12 -1.33
C LYS T 25 -25.80 1.66 -1.35
N LEU T 26 -24.94 1.27 -0.41
CA LEU T 26 -24.50 -0.12 -0.38
C LEU T 26 -25.66 -1.05 -0.03
N TYR T 27 -26.50 -0.63 0.91
CA TYR T 27 -27.59 -1.44 1.40
C TYR T 27 -28.82 -0.57 1.63
N LYS T 28 -30.00 -1.17 1.50
CA LYS T 28 -31.27 -0.51 1.73
C LYS T 28 -32.06 -1.06 2.92
N ASN T 29 -31.61 -2.17 3.52
CA ASN T 29 -32.36 -2.80 4.60
C ASN T 29 -31.40 -3.55 5.50
N ALA T 30 -31.89 -3.97 6.67
CA ALA T 30 -30.99 -4.47 7.70
C ALA T 30 -30.33 -5.78 7.31
N ARG T 31 -31.03 -6.64 6.58
CA ARG T 31 -30.44 -7.87 6.09
C ARG T 31 -29.32 -7.57 5.10
N GLU T 32 -29.53 -6.58 4.22
CA GLU T 32 -28.43 -6.22 3.31
C GLU T 32 -27.26 -5.65 4.10
N ARG T 33 -27.54 -4.84 5.12
CA ARG T 33 -26.48 -4.26 5.93
C ARG T 33 -25.69 -5.35 6.65
N GLU T 34 -26.42 -6.31 7.24
CA GLU T 34 -25.80 -7.47 7.87
C GLU T 34 -24.96 -8.26 6.87
N LYS T 35 -25.48 -8.46 5.66
CA LYS T 35 -24.72 -9.20 4.66
C LYS T 35 -23.40 -8.49 4.32
N TYR T 36 -23.44 -7.17 4.11
CA TYR T 36 -22.23 -6.44 3.79
C TYR T 36 -21.32 -6.21 5.00
N ASP T 37 -21.87 -6.24 6.22
CA ASP T 37 -21.03 -6.20 7.42
C ASP T 37 -20.11 -7.42 7.49
N ASN T 38 -20.67 -8.61 7.29
CA ASN T 38 -19.90 -9.85 7.36
C ASN T 38 -18.97 -10.00 6.16
N MET T 39 -19.39 -9.57 4.97
CA MET T 39 -18.48 -9.59 3.82
C MET T 39 -17.29 -8.65 4.00
N ALA T 40 -17.54 -7.46 4.60
CA ALA T 40 -16.45 -6.52 4.85
C ALA T 40 -15.42 -7.11 5.80
N GLU T 41 -15.88 -7.80 6.84
CA GLU T 41 -14.94 -8.39 7.79
C GLU T 41 -14.18 -9.53 7.15
N LEU T 42 -14.81 -10.32 6.29
CA LEU T 42 -14.11 -11.43 5.64
C LEU T 42 -13.02 -10.90 4.71
N PHE T 43 -13.37 -9.89 3.92
CA PHE T 43 -12.41 -9.16 3.11
C PHE T 43 -11.25 -8.68 3.97
N ALA T 44 -11.57 -8.08 5.12
CA ALA T 44 -10.52 -7.48 5.95
C ALA T 44 -9.63 -8.55 6.57
N VAL T 45 -10.20 -9.66 7.01
CA VAL T 45 -9.38 -10.71 7.61
C VAL T 45 -8.40 -11.26 6.58
N VAL T 46 -8.88 -11.51 5.36
CA VAL T 46 -8.00 -12.00 4.30
C VAL T 46 -6.90 -10.99 4.00
N LYS T 47 -7.27 -9.70 3.86
CA LYS T 47 -6.23 -8.71 3.58
C LYS T 47 -5.25 -8.57 4.75
N THR T 48 -5.74 -8.72 5.98
CA THR T 48 -4.84 -8.63 7.14
C THR T 48 -3.91 -9.83 7.18
N MET T 49 -4.45 -11.02 6.95
CA MET T 49 -3.62 -12.23 6.85
C MET T 49 -2.56 -12.09 5.78
N GLN T 50 -2.93 -11.52 4.62
CA GLN T 50 -1.95 -11.24 3.56
C GLN T 50 -0.87 -10.25 4.03
N ALA T 51 -1.27 -9.22 4.78
CA ALA T 51 -0.32 -8.24 5.25
C ALA T 51 0.62 -8.85 6.26
N LEU T 52 0.09 -9.76 7.09
CA LEU T 52 0.92 -10.48 8.07
C LEU T 52 1.92 -11.40 7.39
N GLU T 53 1.46 -12.19 6.40
CA GLU T 53 2.37 -13.02 5.61
C GLU T 53 3.52 -12.21 5.03
N LYS T 54 3.22 -11.04 4.46
CA LYS T 54 4.28 -10.22 3.88
C LYS T 54 5.26 -9.75 4.95
N ALA T 55 4.76 -9.45 6.15
CA ALA T 55 5.64 -8.97 7.19
C ALA T 55 6.56 -10.09 7.69
N TYR T 56 6.09 -11.36 7.66
CA TYR T 56 6.99 -12.43 8.01
C TYR T 56 8.02 -12.67 6.91
N ILE T 57 7.64 -12.46 5.65
CA ILE T 57 8.63 -12.49 4.57
C ILE T 57 9.69 -11.43 4.82
N LYS T 58 9.29 -10.24 5.24
CA LYS T 58 10.23 -9.13 5.39
C LYS T 58 10.98 -9.15 6.70
N ASP T 59 10.76 -10.17 7.54
CA ASP T 59 11.44 -10.26 8.85
C ASP T 59 11.12 -9.05 9.74
N CYS T 60 9.85 -8.62 9.71
CA CYS T 60 9.42 -7.53 10.58
C CYS T 60 9.11 -8.02 11.98
N VAL T 61 8.70 -9.27 12.09
CA VAL T 61 8.10 -9.87 13.27
C VAL T 61 8.90 -11.12 13.62
N SER T 62 8.93 -11.43 14.91
CA SER T 62 9.59 -12.65 15.33
C SER T 62 8.76 -13.85 14.90
N PRO T 63 9.40 -14.97 14.57
CA PRO T 63 8.65 -16.20 14.27
C PRO T 63 7.58 -16.50 15.30
N SER T 64 7.91 -16.25 16.57
CA SER T 64 6.98 -16.51 17.66
C SER T 64 5.78 -15.59 17.60
N GLU T 65 6.01 -14.30 17.36
CA GLU T 65 4.91 -13.35 17.24
C GLU T 65 4.07 -13.63 16.01
N TYR T 66 4.71 -13.93 14.89
CA TYR T 66 3.96 -14.27 13.69
C TYR T 66 3.06 -15.48 13.93
N THR T 67 3.64 -16.57 14.46
CA THR T 67 2.91 -17.82 14.63
C THR T 67 1.66 -17.60 15.49
N ALA T 68 1.80 -16.87 16.60
CA ALA T 68 0.65 -16.57 17.45
C ALA T 68 -0.39 -15.76 16.70
N ALA T 69 0.06 -14.80 15.89
CA ALA T 69 -0.87 -13.92 15.22
C ALA T 69 -1.58 -14.63 14.07
N CYS T 70 -0.85 -15.47 13.32
CA CYS T 70 -1.48 -16.17 12.21
C CYS T 70 -2.41 -17.29 12.69
N SER T 71 -2.15 -17.84 13.89
CA SER T 71 -3.06 -18.83 14.44
C SER T 71 -4.41 -18.20 14.77
N ARG T 72 -4.39 -17.07 15.46
CA ARG T 72 -5.62 -16.32 15.76
C ARG T 72 -6.34 -15.92 14.47
N LEU T 73 -5.62 -15.38 13.48
CA LEU T 73 -6.28 -14.96 12.25
C LEU T 73 -6.91 -16.12 11.51
N LEU T 74 -6.24 -17.29 11.50
CA LEU T 74 -6.85 -18.45 10.83
C LEU T 74 -8.14 -18.87 11.50
N VAL T 75 -8.22 -18.71 12.83
CA VAL T 75 -9.45 -19.03 13.53
C VAL T 75 -10.52 -17.99 13.23
N GLN T 76 -10.15 -16.71 13.20
CA GLN T 76 -11.09 -15.68 12.81
C GLN T 76 -11.52 -15.84 11.37
N TYR T 77 -10.60 -16.21 10.46
CA TYR T 77 -11.00 -16.42 9.08
C TYR T 77 -12.08 -17.49 8.97
N LYS T 78 -11.88 -18.62 9.64
CA LYS T 78 -12.80 -19.73 9.47
C LYS T 78 -14.21 -19.33 9.90
N ALA T 79 -14.34 -18.60 11.01
CA ALA T 79 -15.68 -18.16 11.42
C ALA T 79 -16.22 -17.10 10.47
N ALA T 80 -15.36 -16.18 10.02
CA ALA T 80 -15.84 -15.13 9.12
C ALA T 80 -16.34 -15.71 7.81
N PHE T 81 -15.67 -16.73 7.29
CA PHE T 81 -16.15 -17.34 6.06
C PHE T 81 -17.46 -18.09 6.29
N ARG T 82 -17.56 -18.83 7.39
CA ARG T 82 -18.81 -19.52 7.70
C ARG T 82 -19.97 -18.55 7.71
N GLN T 83 -19.74 -17.33 8.22
CA GLN T 83 -20.79 -16.32 8.30
C GLN T 83 -21.19 -15.81 6.91
N VAL T 84 -20.28 -15.86 5.95
CA VAL T 84 -20.59 -15.34 4.63
C VAL T 84 -21.16 -16.44 3.74
N GLN T 85 -20.78 -17.68 3.99
CA GLN T 85 -21.07 -18.76 3.07
C GLN T 85 -22.55 -19.06 3.04
N GLY T 86 -23.09 -19.21 1.85
CA GLY T 86 -24.49 -19.52 1.64
C GLY T 86 -24.78 -19.59 0.17
N SER T 87 -25.92 -19.05 -0.24
CA SER T 87 -26.31 -19.15 -1.65
C SER T 87 -25.40 -18.29 -2.54
N GLU T 88 -25.09 -17.07 -2.09
CA GLU T 88 -24.33 -16.14 -2.93
C GLU T 88 -22.85 -16.51 -3.00
N ILE T 89 -22.25 -16.97 -1.91
CA ILE T 89 -20.82 -17.22 -1.84
C ILE T 89 -20.58 -18.65 -1.40
N SER T 90 -20.02 -19.48 -2.29
CA SER T 90 -19.73 -20.86 -1.93
C SER T 90 -18.27 -21.15 -1.66
N SER T 91 -17.36 -20.32 -2.14
CA SER T 91 -15.94 -20.59 -2.00
C SER T 91 -15.23 -19.29 -1.73
N ILE T 92 -14.08 -19.37 -1.07
CA ILE T 92 -13.34 -18.13 -0.83
C ILE T 92 -12.76 -17.59 -2.12
N ASP T 93 -12.48 -18.47 -3.08
CA ASP T 93 -11.95 -17.99 -4.36
C ASP T 93 -13.00 -17.21 -5.13
N GLU T 94 -14.26 -17.64 -5.01
CA GLU T 94 -15.35 -16.91 -5.62
C GLU T 94 -15.52 -15.54 -4.97
N PHE T 95 -15.40 -15.47 -3.64
CA PHE T 95 -15.45 -14.18 -2.96
C PHE T 95 -14.30 -13.28 -3.41
N CYS T 96 -13.08 -13.79 -3.45
CA CYS T 96 -11.96 -12.97 -3.92
C CYS T 96 -12.13 -12.52 -5.37
N ARG T 97 -12.67 -13.39 -6.23
CA ARG T 97 -12.85 -12.99 -7.63
C ARG T 97 -13.84 -11.86 -7.75
N LYS T 98 -14.99 -11.98 -7.09
CA LYS T 98 -16.02 -10.96 -7.22
C LYS T 98 -15.52 -9.62 -6.71
N PHE T 99 -14.69 -9.61 -5.67
CA PHE T 99 -14.22 -8.37 -5.08
C PHE T 99 -12.74 -8.11 -5.37
N ARG T 100 -12.19 -8.78 -6.39
CA ARG T 100 -10.86 -8.45 -6.92
C ARG T 100 -9.81 -8.41 -5.81
N LEU T 101 -9.90 -9.39 -4.92
CA LEU T 101 -8.98 -9.55 -3.80
C LEU T 101 -7.97 -10.61 -4.21
N ASP T 102 -6.73 -10.20 -4.43
CA ASP T 102 -5.69 -11.08 -4.97
C ASP T 102 -4.61 -11.20 -3.89
N CYS T 103 -4.77 -12.20 -3.02
CA CYS T 103 -3.91 -12.41 -1.86
C CYS T 103 -3.39 -13.84 -1.83
N PRO T 104 -2.44 -14.16 -2.69
CA PRO T 104 -1.99 -15.56 -2.76
C PRO T 104 -1.40 -16.05 -1.46
N LEU T 105 -0.73 -15.20 -0.69
CA LEU T 105 -0.14 -15.68 0.55
C LEU T 105 -1.23 -16.09 1.53
N ALA T 106 -2.29 -15.28 1.63
CA ALA T 106 -3.42 -15.64 2.47
C ALA T 106 -4.09 -16.92 2.00
N MET T 107 -4.34 -17.05 0.68
CA MET T 107 -4.99 -18.26 0.18
C MET T 107 -4.20 -19.51 0.55
N GLU T 108 -2.87 -19.41 0.54
CA GLU T 108 -2.03 -20.54 0.91
C GLU T 108 -2.14 -20.87 2.41
N ARG T 109 -2.09 -19.85 3.30
CA ARG T 109 -2.31 -20.15 4.73
C ARG T 109 -3.65 -20.83 4.94
N ILE T 110 -4.71 -20.28 4.34
CA ILE T 110 -6.04 -20.85 4.47
C ILE T 110 -6.05 -22.31 4.01
N LYS T 111 -5.44 -22.58 2.85
CA LYS T 111 -5.44 -23.95 2.33
C LYS T 111 -4.72 -24.90 3.26
N GLU T 112 -3.66 -24.46 3.93
CA GLU T 112 -2.94 -25.29 4.88
C GLU T 112 -3.52 -25.23 6.29
N ASP T 113 -4.26 -24.16 6.62
CA ASP T 113 -4.85 -23.97 7.94
C ASP T 113 -3.79 -24.11 9.04
N ARG T 114 -2.60 -23.59 8.76
CA ARG T 114 -1.58 -23.48 9.79
C ARG T 114 -0.65 -22.36 9.37
N PRO T 115 0.03 -21.72 10.33
CA PRO T 115 1.05 -20.72 9.98
C PRO T 115 2.18 -21.36 9.18
N ILE T 116 2.91 -20.50 8.47
CA ILE T 116 3.95 -20.95 7.55
C ILE T 116 5.16 -21.53 8.30
N THR T 117 5.27 -21.27 9.60
CA THR T 117 6.35 -21.79 10.43
C THR T 117 6.13 -23.21 10.91
N ILE T 118 4.91 -23.74 10.78
CA ILE T 118 4.58 -25.09 11.26
C ILE T 118 4.88 -26.12 10.18
N GLY U 15 14.18 14.33 -31.20
CA GLY U 15 15.28 14.92 -30.44
C GLY U 15 15.03 15.00 -28.95
N ASN U 16 14.34 16.05 -28.52
CA ASN U 16 14.02 16.27 -27.11
C ASN U 16 12.50 16.33 -26.95
N LYS U 17 11.95 15.32 -26.29
CA LYS U 17 10.54 15.20 -25.97
C LYS U 17 10.28 15.66 -24.54
N PRO U 18 9.02 15.87 -24.16
CA PRO U 18 8.74 16.30 -22.77
C PRO U 18 9.24 15.32 -21.72
N GLU U 19 9.25 14.01 -22.03
CA GLU U 19 9.63 13.00 -21.03
C GLU U 19 11.07 13.18 -20.56
N LEU U 20 11.95 13.74 -21.40
CA LEU U 20 13.31 14.00 -20.97
C LEU U 20 13.39 15.07 -19.89
N TYR U 21 12.31 15.83 -19.65
CA TYR U 21 12.37 16.92 -18.70
C TYR U 21 11.54 16.65 -17.45
N GLU U 22 11.08 15.42 -17.28
CA GLU U 22 10.39 14.98 -16.08
C GLU U 22 11.10 13.76 -15.52
N GLU U 23 11.15 13.66 -14.20
CA GLU U 23 11.75 12.49 -13.60
C GLU U 23 10.81 11.32 -13.77
N VAL U 24 11.36 10.17 -14.11
CA VAL U 24 10.53 8.98 -14.24
C VAL U 24 10.26 8.40 -12.86
N LYS U 25 9.08 7.81 -12.71
CA LYS U 25 8.65 7.21 -11.45
C LYS U 25 8.56 5.70 -11.61
N LEU U 26 8.81 4.97 -10.52
CA LEU U 26 8.75 3.53 -10.57
C LEU U 26 7.32 3.03 -10.74
N TYR U 27 6.36 3.65 -10.08
CA TYR U 27 4.98 3.25 -10.19
C TYR U 27 4.10 4.47 -10.38
N LYS U 28 2.98 4.25 -11.07
CA LYS U 28 1.99 5.26 -11.34
C LYS U 28 0.63 4.93 -10.75
N ASN U 29 0.46 3.73 -10.20
CA ASN U 29 -0.81 3.38 -9.55
C ASN U 29 -0.53 2.38 -8.41
N ALA U 30 -1.56 2.12 -7.61
CA ALA U 30 -1.43 1.26 -6.44
C ALA U 30 -1.07 -0.18 -6.79
N ARG U 31 -1.62 -0.69 -7.90
CA ARG U 31 -1.26 -2.03 -8.34
C ARG U 31 0.19 -2.11 -8.80
N GLU U 32 0.71 -1.06 -9.45
CA GLU U 32 2.12 -1.10 -9.82
C GLU U 32 3.01 -1.04 -8.59
N ARG U 33 2.64 -0.19 -7.62
CA ARG U 33 3.42 -0.08 -6.38
C ARG U 33 3.48 -1.40 -5.65
N GLU U 34 2.32 -2.06 -5.49
CA GLU U 34 2.27 -3.38 -4.87
C GLU U 34 3.11 -4.39 -5.64
N LYS U 35 3.05 -4.37 -6.98
CA LYS U 35 3.84 -5.32 -7.77
C LYS U 35 5.33 -5.12 -7.49
N TYR U 36 5.80 -3.86 -7.44
CA TYR U 36 7.23 -3.61 -7.30
C TYR U 36 7.71 -3.79 -5.87
N ASP U 37 6.80 -3.59 -4.91
CA ASP U 37 7.08 -3.89 -3.51
C ASP U 37 7.50 -5.35 -3.34
N ASN U 38 6.66 -6.26 -3.81
CA ASN U 38 6.92 -7.69 -3.71
C ASN U 38 8.10 -8.11 -4.58
N MET U 39 8.26 -7.52 -5.76
CA MET U 39 9.44 -7.85 -6.56
C MET U 39 10.71 -7.42 -5.83
N ALA U 40 10.67 -6.25 -5.18
CA ALA U 40 11.82 -5.78 -4.41
C ALA U 40 12.15 -6.75 -3.28
N GLU U 41 11.14 -7.32 -2.64
CA GLU U 41 11.41 -8.25 -1.53
C GLU U 41 11.97 -9.58 -2.05
N LEU U 42 11.48 -10.04 -3.19
CA LEU U 42 12.01 -11.29 -3.76
C LEU U 42 13.47 -11.13 -4.17
N PHE U 43 13.79 -9.98 -4.75
CA PHE U 43 15.16 -9.64 -5.06
C PHE U 43 16.02 -9.58 -3.78
N ALA U 44 15.47 -9.02 -2.70
CA ALA U 44 16.25 -8.87 -1.47
C ALA U 44 16.51 -10.20 -0.79
N VAL U 45 15.51 -11.09 -0.81
CA VAL U 45 15.68 -12.42 -0.22
C VAL U 45 16.73 -13.21 -0.98
N VAL U 46 16.64 -13.21 -2.31
CA VAL U 46 17.62 -13.93 -3.11
C VAL U 46 19.02 -13.35 -2.90
N LYS U 47 19.14 -12.03 -2.75
CA LYS U 47 20.47 -11.46 -2.58
C LYS U 47 21.02 -11.72 -1.17
N THR U 48 20.14 -11.78 -0.18
CA THR U 48 20.54 -12.03 1.19
C THR U 48 20.94 -13.49 1.40
N MET U 49 20.18 -14.42 0.82
CA MET U 49 20.56 -15.84 0.76
C MET U 49 21.97 -16.00 0.16
N GLN U 50 22.21 -15.33 -0.97
CA GLN U 50 23.53 -15.35 -1.59
C GLN U 50 24.62 -14.83 -0.63
N ALA U 51 24.33 -13.75 0.10
CA ALA U 51 25.29 -13.25 1.08
C ALA U 51 25.50 -14.25 2.21
N LEU U 52 24.43 -14.91 2.64
CA LEU U 52 24.51 -15.92 3.69
C LEU U 52 25.38 -17.09 3.25
N GLU U 53 25.16 -17.57 2.02
CA GLU U 53 25.99 -18.66 1.49
C GLU U 53 27.47 -18.27 1.46
N LYS U 54 27.76 -17.05 1.00
CA LYS U 54 29.14 -16.62 0.97
C LYS U 54 29.73 -16.48 2.37
N ALA U 55 28.92 -16.06 3.35
CA ALA U 55 29.38 -16.03 4.74
C ALA U 55 29.79 -17.42 5.25
N TYR U 56 29.00 -18.46 4.94
CA TYR U 56 29.35 -19.79 5.44
C TYR U 56 30.58 -20.35 4.72
N ILE U 57 30.75 -20.05 3.42
CA ILE U 57 32.01 -20.39 2.74
C ILE U 57 33.20 -19.78 3.48
N LYS U 58 33.09 -18.51 3.86
CA LYS U 58 34.16 -17.78 4.51
C LYS U 58 34.28 -18.05 6.01
N ASP U 59 33.43 -18.92 6.56
CA ASP U 59 33.48 -19.29 7.97
C ASP U 59 33.26 -18.09 8.90
N CYS U 60 32.36 -17.19 8.50
CA CYS U 60 31.97 -16.08 9.36
C CYS U 60 30.94 -16.45 10.40
N VAL U 61 30.31 -17.62 10.28
CA VAL U 61 29.22 -18.01 11.17
C VAL U 61 29.35 -19.49 11.47
N SER U 62 28.84 -19.89 12.62
CA SER U 62 28.85 -21.29 12.98
C SER U 62 27.88 -22.06 12.09
N PRO U 63 28.18 -23.32 11.80
CA PRO U 63 27.21 -24.14 11.04
C PRO U 63 25.82 -24.05 11.57
N SER U 64 25.66 -23.94 12.90
CA SER U 64 24.32 -23.97 13.48
C SER U 64 23.57 -22.66 13.26
N GLU U 65 24.24 -21.51 13.36
CA GLU U 65 23.52 -20.27 13.07
C GLU U 65 23.27 -20.12 11.58
N TYR U 66 24.18 -20.61 10.74
CA TYR U 66 23.93 -20.61 9.30
C TYR U 66 22.69 -21.43 8.95
N THR U 67 22.62 -22.67 9.44
CA THR U 67 21.52 -23.57 9.11
C THR U 67 20.17 -22.97 9.49
N ALA U 68 20.07 -22.36 10.69
CA ALA U 68 18.82 -21.74 11.11
C ALA U 68 18.44 -20.56 10.23
N ALA U 69 19.40 -19.69 9.89
CA ALA U 69 19.08 -18.53 9.07
C ALA U 69 18.72 -18.94 7.65
N CYS U 70 19.44 -19.93 7.11
CA CYS U 70 19.17 -20.36 5.74
C CYS U 70 17.85 -21.11 5.66
N SER U 71 17.52 -21.87 6.71
CA SER U 71 16.21 -22.51 6.77
C SER U 71 15.09 -21.49 6.77
N ARG U 72 15.24 -20.40 7.53
CA ARG U 72 14.20 -19.37 7.55
C ARG U 72 14.12 -18.62 6.21
N LEU U 73 15.27 -18.34 5.59
CA LEU U 73 15.24 -17.57 4.35
C LEU U 73 14.61 -18.37 3.21
N LEU U 74 14.75 -19.70 3.24
CA LEU U 74 14.13 -20.53 2.22
C LEU U 74 12.61 -20.55 2.37
N VAL U 75 12.09 -20.54 3.59
CA VAL U 75 10.66 -20.38 3.76
C VAL U 75 10.22 -19.02 3.25
N GLN U 76 10.95 -17.96 3.60
CA GLN U 76 10.58 -16.62 3.13
C GLN U 76 10.75 -16.50 1.62
N TYR U 77 11.79 -17.14 1.04
CA TYR U 77 11.94 -17.12 -0.41
C TYR U 77 10.73 -17.75 -1.09
N LYS U 78 10.28 -18.91 -0.60
CA LYS U 78 9.19 -19.62 -1.26
C LYS U 78 7.92 -18.79 -1.23
N ALA U 79 7.64 -18.19 -0.08
CA ALA U 79 6.49 -17.30 0.02
C ALA U 79 6.65 -16.10 -0.90
N ALA U 80 7.86 -15.51 -0.91
CA ALA U 80 8.13 -14.32 -1.71
C ALA U 80 7.97 -14.61 -3.19
N PHE U 81 8.36 -15.82 -3.60
CA PHE U 81 8.24 -16.14 -5.01
C PHE U 81 6.79 -16.40 -5.38
N ARG U 82 6.06 -17.13 -4.52
CA ARG U 82 4.63 -17.30 -4.71
C ARG U 82 3.93 -15.96 -4.93
N GLN U 83 4.34 -14.93 -4.18
CA GLN U 83 3.68 -13.63 -4.31
C GLN U 83 3.96 -12.99 -5.67
N VAL U 84 5.14 -13.21 -6.22
CA VAL U 84 5.54 -12.53 -7.46
C VAL U 84 5.04 -13.27 -8.70
N GLN U 85 4.92 -14.59 -8.59
CA GLN U 85 4.74 -15.45 -9.75
C GLN U 85 3.35 -15.28 -10.38
N GLY U 86 3.29 -15.33 -11.70
CA GLY U 86 2.06 -15.03 -12.41
C GLY U 86 2.32 -14.96 -13.89
N SER U 87 1.58 -14.09 -14.57
CA SER U 87 1.74 -14.04 -16.02
C SER U 87 3.10 -13.48 -16.39
N GLU U 88 3.56 -12.47 -15.65
CA GLU U 88 4.81 -11.80 -15.97
C GLU U 88 6.03 -12.63 -15.55
N ILE U 89 5.95 -13.35 -14.43
CA ILE U 89 7.09 -14.10 -13.91
C ILE U 89 6.71 -15.55 -13.69
N SER U 90 7.22 -16.45 -14.54
CA SER U 90 6.97 -17.87 -14.40
C SER U 90 8.09 -18.62 -13.68
N SER U 91 9.25 -18.03 -13.50
CA SER U 91 10.33 -18.77 -12.85
C SER U 91 11.31 -17.81 -12.20
N ILE U 92 11.98 -18.30 -11.16
CA ILE U 92 12.96 -17.45 -10.49
C ILE U 92 14.10 -17.11 -11.44
N ASP U 93 14.38 -17.98 -12.41
CA ASP U 93 15.51 -17.72 -13.30
C ASP U 93 15.15 -16.66 -14.34
N GLU U 94 13.90 -16.67 -14.80
CA GLU U 94 13.39 -15.58 -15.62
C GLU U 94 13.48 -14.24 -14.87
N PHE U 95 13.04 -14.24 -13.60
CA PHE U 95 13.13 -13.03 -12.77
C PHE U 95 14.58 -12.56 -12.64
N CYS U 96 15.50 -13.49 -12.41
CA CYS U 96 16.89 -13.11 -12.18
C CYS U 96 17.55 -12.55 -13.43
N ARG U 97 17.26 -13.11 -14.60
CA ARG U 97 17.81 -12.56 -15.84
C ARG U 97 17.27 -11.15 -16.09
N LYS U 98 15.96 -10.98 -15.96
CA LYS U 98 15.31 -9.68 -16.17
C LYS U 98 15.91 -8.60 -15.29
N PHE U 99 16.23 -8.92 -14.04
CA PHE U 99 16.79 -7.89 -13.17
C PHE U 99 18.29 -8.09 -12.92
N ARG U 100 18.94 -8.92 -13.75
CA ARG U 100 20.40 -9.03 -13.81
C ARG U 100 20.98 -9.38 -12.45
N LEU U 101 20.37 -10.36 -11.81
CA LEU U 101 20.76 -10.86 -10.51
C LEU U 101 21.34 -12.25 -10.77
N ASP U 102 22.62 -12.41 -10.45
CA ASP U 102 23.36 -13.63 -10.79
C ASP U 102 23.86 -14.20 -9.46
N CYS U 103 23.09 -15.11 -8.90
CA CYS U 103 23.33 -15.63 -7.55
C CYS U 103 23.40 -17.14 -7.60
N PRO U 104 24.51 -17.69 -8.12
CA PRO U 104 24.61 -19.15 -8.28
C PRO U 104 24.44 -19.92 -6.97
N LEU U 105 24.92 -19.37 -5.84
CA LEU U 105 24.79 -20.09 -4.59
C LEU U 105 23.36 -20.04 -4.06
N ALA U 106 22.67 -18.91 -4.26
CA ALA U 106 21.26 -18.85 -3.88
C ALA U 106 20.43 -19.80 -4.74
N MET U 107 20.70 -19.86 -6.04
CA MET U 107 19.94 -20.72 -6.94
C MET U 107 20.08 -22.19 -6.54
N GLU U 108 21.28 -22.57 -6.09
CA GLU U 108 21.53 -23.94 -5.64
C GLU U 108 20.74 -24.28 -4.38
N ARG U 109 20.69 -23.37 -3.39
CA ARG U 109 19.87 -23.59 -2.18
C ARG U 109 18.41 -23.72 -2.53
N ILE U 110 17.90 -22.82 -3.39
CA ILE U 110 16.52 -22.89 -3.85
C ILE U 110 16.25 -24.24 -4.50
N LYS U 111 17.14 -24.68 -5.37
CA LYS U 111 16.95 -25.96 -6.08
C LYS U 111 16.95 -27.15 -5.12
N GLU U 112 17.83 -27.13 -4.10
CA GLU U 112 17.82 -28.18 -3.10
C GLU U 112 16.74 -27.98 -2.05
N ASP U 113 16.40 -26.72 -1.74
CA ASP U 113 15.38 -26.37 -0.72
C ASP U 113 15.80 -26.87 0.66
N ARG U 114 17.10 -26.82 0.92
CA ARG U 114 17.61 -27.06 2.26
C ARG U 114 18.96 -26.38 2.37
N PRO U 115 19.37 -25.97 3.56
CA PRO U 115 20.71 -25.39 3.72
C PRO U 115 21.78 -26.37 3.27
N ILE U 116 22.99 -25.83 3.12
CA ILE U 116 24.07 -26.63 2.55
C ILE U 116 24.61 -27.64 3.56
N THR U 117 24.43 -27.41 4.86
CA THR U 117 24.95 -28.28 5.91
C THR U 117 24.14 -29.54 6.12
N ILE U 118 23.07 -29.73 5.35
CA ILE U 118 22.14 -30.81 5.61
C ILE U 118 22.44 -31.99 4.69
N PRO V 14 -26.73 -11.18 -39.38
CA PRO V 14 -27.02 -11.64 -40.74
C PRO V 14 -28.26 -12.52 -40.79
N GLY V 15 -29.08 -12.42 -39.75
CA GLY V 15 -30.34 -13.12 -39.71
C GLY V 15 -31.13 -12.69 -38.50
N ASN V 16 -32.43 -12.94 -38.55
CA ASN V 16 -33.25 -12.69 -37.38
C ASN V 16 -32.81 -13.65 -36.28
N LYS V 17 -31.86 -13.21 -35.44
CA LYS V 17 -31.29 -13.97 -34.34
C LYS V 17 -30.60 -15.24 -34.85
N PRO V 18 -29.39 -15.11 -35.43
CA PRO V 18 -28.77 -16.25 -36.12
C PRO V 18 -28.16 -17.31 -35.22
N GLU V 19 -27.78 -16.97 -33.99
CA GLU V 19 -27.19 -17.97 -33.11
C GLU V 19 -28.15 -19.07 -32.72
N LEU V 20 -29.45 -18.94 -33.06
CA LEU V 20 -30.44 -19.94 -32.68
C LEU V 20 -30.59 -21.04 -33.72
N TYR V 21 -29.85 -20.97 -34.82
CA TYR V 21 -29.88 -22.01 -35.84
C TYR V 21 -28.54 -22.72 -35.98
N GLU V 22 -27.62 -22.47 -35.06
CA GLU V 22 -26.32 -23.12 -35.01
C GLU V 22 -26.21 -23.98 -33.77
N GLU V 23 -25.82 -25.23 -33.93
CA GLU V 23 -25.45 -26.03 -32.78
C GLU V 23 -24.18 -25.45 -32.18
N VAL V 24 -24.12 -25.41 -30.85
CA VAL V 24 -22.93 -24.92 -30.18
C VAL V 24 -22.04 -26.10 -29.83
N LYS V 25 -20.74 -25.85 -29.77
CA LYS V 25 -19.73 -26.88 -29.59
C LYS V 25 -18.93 -26.57 -28.34
N LEU V 26 -18.51 -27.63 -27.65
CA LEU V 26 -17.84 -27.45 -26.37
C LEU V 26 -16.49 -26.78 -26.54
N TYR V 27 -15.74 -27.13 -27.57
CA TYR V 27 -14.42 -26.56 -27.80
C TYR V 27 -14.23 -26.25 -29.28
N LYS V 28 -13.34 -25.30 -29.57
CA LYS V 28 -13.04 -24.91 -30.94
C LYS V 28 -11.57 -25.03 -31.28
N ASN V 29 -10.71 -25.25 -30.29
CA ASN V 29 -9.29 -25.33 -30.54
C ASN V 29 -8.66 -26.34 -29.58
N ALA V 30 -7.37 -26.59 -29.81
CA ALA V 30 -6.69 -27.69 -29.15
C ALA V 30 -6.58 -27.45 -27.65
N ARG V 31 -6.29 -26.21 -27.25
CA ARG V 31 -6.18 -25.87 -25.85
C ARG V 31 -7.52 -26.04 -25.12
N GLU V 32 -8.62 -25.61 -25.76
CA GLU V 32 -9.96 -25.81 -25.20
C GLU V 32 -10.28 -27.30 -25.06
N ARG V 33 -9.99 -28.08 -26.10
CA ARG V 33 -10.24 -29.53 -26.02
C ARG V 33 -9.50 -30.13 -24.83
N GLU V 34 -8.23 -29.78 -24.67
CA GLU V 34 -7.43 -30.28 -23.56
C GLU V 34 -8.03 -29.84 -22.23
N LYS V 35 -8.42 -28.57 -22.13
CA LYS V 35 -8.97 -28.07 -20.89
C LYS V 35 -10.19 -28.87 -20.46
N TYR V 36 -11.09 -29.16 -21.41
CA TYR V 36 -12.34 -29.86 -21.09
C TYR V 36 -12.15 -31.34 -20.92
N ASP V 37 -11.14 -31.93 -21.57
CA ASP V 37 -10.81 -33.33 -21.29
C ASP V 37 -10.34 -33.50 -19.84
N ASN V 38 -9.57 -32.54 -19.33
CA ASN V 38 -9.09 -32.62 -17.95
C ASN V 38 -10.19 -32.28 -16.95
N MET V 39 -11.06 -31.33 -17.28
CA MET V 39 -12.18 -31.05 -16.40
C MET V 39 -13.12 -32.24 -16.33
N ALA V 40 -13.36 -32.91 -17.45
CA ALA V 40 -14.20 -34.10 -17.44
C ALA V 40 -13.66 -35.15 -16.46
N GLU V 41 -12.34 -35.33 -16.42
CA GLU V 41 -11.78 -36.38 -15.59
C GLU V 41 -11.86 -36.03 -14.11
N LEU V 42 -11.60 -34.77 -13.76
CA LEU V 42 -11.74 -34.33 -12.38
C LEU V 42 -13.19 -34.45 -11.91
N PHE V 43 -14.12 -34.02 -12.76
CA PHE V 43 -15.54 -34.24 -12.51
C PHE V 43 -15.83 -35.73 -12.32
N ALA V 44 -15.32 -36.55 -13.22
CA ALA V 44 -15.56 -38.00 -13.13
C ALA V 44 -14.92 -38.57 -11.87
N VAL V 45 -13.71 -38.13 -11.53
CA VAL V 45 -13.06 -38.68 -10.34
C VAL V 45 -13.85 -38.32 -9.08
N VAL V 46 -14.30 -37.07 -8.98
CA VAL V 46 -15.02 -36.64 -7.79
C VAL V 46 -16.38 -37.35 -7.69
N LYS V 47 -17.08 -37.51 -8.81
CA LYS V 47 -18.39 -38.14 -8.72
C LYS V 47 -18.26 -39.62 -8.38
N THR V 48 -17.20 -40.27 -8.85
CA THR V 48 -16.96 -41.67 -8.52
C THR V 48 -16.56 -41.83 -7.05
N MET V 49 -15.76 -40.88 -6.53
CA MET V 49 -15.42 -40.88 -5.11
C MET V 49 -16.67 -40.76 -4.26
N GLN V 50 -17.60 -39.90 -4.68
CA GLN V 50 -18.86 -39.72 -3.97
C GLN V 50 -19.69 -41.01 -3.95
N ALA V 51 -19.84 -41.63 -5.11
CA ALA V 51 -20.57 -42.89 -5.15
C ALA V 51 -19.88 -43.98 -4.33
N LEU V 52 -18.55 -43.94 -4.23
CA LEU V 52 -17.88 -44.93 -3.38
C LEU V 52 -18.16 -44.68 -1.89
N GLU V 53 -18.14 -43.40 -1.47
CA GLU V 53 -18.52 -43.11 -0.10
C GLU V 53 -19.97 -43.52 0.20
N LYS V 54 -20.89 -43.28 -0.73
CA LYS V 54 -22.27 -43.69 -0.50
C LYS V 54 -22.37 -45.20 -0.32
N ALA V 55 -21.66 -45.96 -1.16
CA ALA V 55 -21.65 -47.42 -1.01
C ALA V 55 -21.05 -47.83 0.34
N TYR V 56 -20.03 -47.11 0.82
CA TYR V 56 -19.49 -47.45 2.13
C TYR V 56 -20.52 -47.22 3.22
N ILE V 57 -21.23 -46.08 3.16
CA ILE V 57 -22.32 -45.82 4.10
C ILE V 57 -23.29 -47.00 4.15
N LYS V 58 -23.72 -47.50 2.99
CA LYS V 58 -24.80 -48.47 2.90
C LYS V 58 -24.37 -49.91 3.16
N ASP V 59 -23.08 -50.16 3.43
CA ASP V 59 -22.58 -51.50 3.77
C ASP V 59 -22.56 -52.45 2.56
N CYS V 60 -22.24 -51.93 1.36
CA CYS V 60 -22.09 -52.77 0.16
C CYS V 60 -20.66 -53.19 -0.12
N VAL V 61 -19.69 -52.63 0.59
CA VAL V 61 -18.27 -52.86 0.33
C VAL V 61 -17.58 -53.20 1.64
N SER V 62 -16.59 -54.08 1.57
CA SER V 62 -15.79 -54.40 2.75
C SER V 62 -14.85 -53.24 3.08
N PRO V 63 -14.36 -53.17 4.31
CA PRO V 63 -13.32 -52.16 4.60
C PRO V 63 -12.08 -52.36 3.74
N SER V 64 -11.78 -53.60 3.37
CA SER V 64 -10.61 -53.91 2.56
C SER V 64 -10.76 -53.37 1.15
N GLU V 65 -11.83 -53.76 0.46
CA GLU V 65 -12.11 -53.23 -0.87
C GLU V 65 -12.23 -51.72 -0.84
N TYR V 66 -13.00 -51.18 0.12
CA TYR V 66 -13.21 -49.73 0.18
C TYR V 66 -11.90 -48.98 0.33
N THR V 67 -11.04 -49.42 1.25
CA THR V 67 -9.82 -48.65 1.54
C THR V 67 -8.89 -48.59 0.34
N ALA V 68 -8.75 -49.71 -0.36
CA ALA V 68 -7.90 -49.74 -1.55
C ALA V 68 -8.45 -48.83 -2.63
N ALA V 69 -9.75 -48.97 -2.93
CA ALA V 69 -10.32 -48.23 -4.05
C ALA V 69 -10.31 -46.73 -3.77
N CYS V 70 -10.55 -46.35 -2.51
CA CYS V 70 -10.63 -44.95 -2.17
C CYS V 70 -9.25 -44.30 -2.23
N SER V 71 -8.22 -45.05 -1.81
CA SER V 71 -6.85 -44.55 -1.82
C SER V 71 -6.34 -44.36 -3.24
N ARG V 72 -6.69 -45.27 -4.15
CA ARG V 72 -6.38 -45.06 -5.57
C ARG V 72 -7.11 -43.82 -6.10
N LEU V 73 -8.38 -43.65 -5.76
CA LEU V 73 -9.14 -42.48 -6.22
C LEU V 73 -8.55 -41.19 -5.68
N LEU V 74 -8.09 -41.20 -4.42
CA LEU V 74 -7.49 -40.01 -3.84
C LEU V 74 -6.18 -39.62 -4.53
N VAL V 75 -5.38 -40.61 -4.92
CA VAL V 75 -4.17 -40.33 -5.69
C VAL V 75 -4.53 -39.82 -7.09
N GLN V 76 -5.55 -40.42 -7.72
CA GLN V 76 -5.98 -39.92 -9.03
C GLN V 76 -6.67 -38.55 -8.92
N TYR V 77 -7.35 -38.29 -7.80
CA TYR V 77 -7.97 -36.99 -7.60
C TYR V 77 -6.92 -35.88 -7.55
N LYS V 78 -5.90 -36.05 -6.70
CA LYS V 78 -4.94 -34.97 -6.50
C LYS V 78 -4.23 -34.61 -7.81
N ALA V 79 -3.92 -35.63 -8.62
CA ALA V 79 -3.33 -35.37 -9.94
C ALA V 79 -4.33 -34.74 -10.89
N ALA V 80 -5.60 -35.18 -10.84
CA ALA V 80 -6.62 -34.61 -11.73
C ALA V 80 -6.84 -33.13 -11.43
N PHE V 81 -6.82 -32.75 -10.15
CA PHE V 81 -7.04 -31.36 -9.81
C PHE V 81 -5.83 -30.49 -10.17
N ARG V 82 -4.62 -31.01 -9.96
CA ARG V 82 -3.42 -30.24 -10.31
C ARG V 82 -3.43 -29.90 -11.79
N GLN V 83 -3.96 -30.82 -12.60
CA GLN V 83 -4.05 -30.61 -14.03
C GLN V 83 -5.09 -29.55 -14.39
N VAL V 84 -6.12 -29.40 -13.55
CA VAL V 84 -7.18 -28.42 -13.83
C VAL V 84 -6.86 -27.06 -13.21
N GLN V 85 -6.21 -27.07 -12.05
CA GLN V 85 -5.91 -25.84 -11.31
C GLN V 85 -5.10 -24.86 -12.14
N GLY V 86 -5.54 -23.61 -12.11
CA GLY V 86 -4.90 -22.54 -12.87
C GLY V 86 -5.60 -21.24 -12.63
N SER V 87 -5.76 -20.43 -13.66
CA SER V 87 -6.25 -19.07 -13.47
C SER V 87 -7.76 -18.98 -13.45
N GLU V 88 -8.47 -19.92 -14.06
CA GLU V 88 -9.93 -19.89 -13.97
C GLU V 88 -10.48 -20.80 -12.88
N ILE V 89 -9.71 -21.77 -12.39
CA ILE V 89 -10.14 -22.66 -11.31
C ILE V 89 -9.03 -22.72 -10.27
N SER V 90 -9.26 -22.11 -9.10
CA SER V 90 -8.25 -22.06 -8.06
C SER V 90 -8.46 -23.08 -6.95
N SER V 91 -9.66 -23.64 -6.80
CA SER V 91 -9.93 -24.60 -5.74
C SER V 91 -10.98 -25.58 -6.20
N ILE V 92 -11.04 -26.73 -5.50
CA ILE V 92 -12.04 -27.73 -5.84
C ILE V 92 -13.45 -27.24 -5.53
N ASP V 93 -13.64 -26.43 -4.48
CA ASP V 93 -14.97 -25.88 -4.22
C ASP V 93 -15.41 -24.91 -5.31
N GLU V 94 -14.47 -24.15 -5.88
CA GLU V 94 -14.79 -23.31 -7.04
C GLU V 94 -15.19 -24.16 -8.24
N PHE V 95 -14.39 -25.18 -8.57
CA PHE V 95 -14.73 -26.07 -9.68
C PHE V 95 -16.12 -26.69 -9.49
N CYS V 96 -16.39 -27.22 -8.29
CA CYS V 96 -17.67 -27.88 -8.04
C CYS V 96 -18.83 -26.92 -8.16
N ARG V 97 -18.64 -25.67 -7.74
CA ARG V 97 -19.71 -24.70 -7.84
C ARG V 97 -19.94 -24.28 -9.29
N LYS V 98 -18.89 -24.27 -10.11
CA LYS V 98 -19.07 -23.89 -11.51
C LYS V 98 -19.84 -24.93 -12.29
N PHE V 99 -19.70 -26.21 -11.93
CA PHE V 99 -20.38 -27.29 -12.63
C PHE V 99 -21.43 -27.97 -11.77
N ARG V 100 -21.90 -27.29 -10.72
CA ARG V 100 -23.02 -27.78 -9.91
C ARG V 100 -22.79 -29.21 -9.43
N LEU V 101 -21.58 -29.44 -8.96
CA LEU V 101 -21.16 -30.74 -8.46
C LEU V 101 -21.29 -30.73 -6.95
N ASP V 102 -22.32 -31.40 -6.42
CA ASP V 102 -22.64 -31.41 -4.99
C ASP V 102 -22.29 -32.78 -4.42
N CYS V 103 -21.07 -32.93 -3.92
CA CYS V 103 -20.56 -34.18 -3.37
C CYS V 103 -19.92 -33.95 -2.01
N PRO V 104 -20.73 -33.78 -0.96
CA PRO V 104 -20.15 -33.52 0.37
C PRO V 104 -19.23 -34.61 0.88
N LEU V 105 -19.50 -35.89 0.55
CA LEU V 105 -18.67 -36.97 1.08
C LEU V 105 -17.32 -37.06 0.38
N ALA V 106 -17.30 -36.78 -0.93
CA ALA V 106 -16.02 -36.71 -1.64
C ALA V 106 -15.19 -35.54 -1.11
N MET V 107 -15.82 -34.36 -0.96
CA MET V 107 -15.13 -33.21 -0.40
C MET V 107 -14.46 -33.56 0.93
N GLU V 108 -15.16 -34.30 1.79
CA GLU V 108 -14.61 -34.60 3.10
C GLU V 108 -13.43 -35.54 3.00
N ARG V 109 -13.48 -36.53 2.09
CA ARG V 109 -12.33 -37.39 1.87
C ARG V 109 -11.15 -36.60 1.33
N ILE V 110 -11.42 -35.61 0.47
CA ILE V 110 -10.36 -34.79 -0.09
C ILE V 110 -9.75 -33.93 1.01
N LYS V 111 -10.58 -33.33 1.86
CA LYS V 111 -10.06 -32.57 2.99
C LYS V 111 -9.14 -33.42 3.86
N GLU V 112 -9.59 -34.64 4.19
CA GLU V 112 -8.79 -35.49 5.06
C GLU V 112 -7.66 -36.19 4.33
N ASP V 113 -7.73 -36.30 3.00
CA ASP V 113 -6.75 -37.04 2.19
C ASP V 113 -6.49 -38.45 2.72
N ARG V 114 -7.55 -39.11 3.18
CA ARG V 114 -7.44 -40.49 3.61
C ARG V 114 -8.81 -41.13 3.50
N PRO V 115 -8.88 -42.45 3.29
CA PRO V 115 -10.19 -43.13 3.34
C PRO V 115 -10.88 -42.89 4.67
N ILE V 116 -12.20 -43.14 4.67
CA ILE V 116 -13.01 -42.90 5.87
C ILE V 116 -12.61 -43.84 7.00
N THR V 117 -11.95 -44.95 6.67
CA THR V 117 -11.53 -45.93 7.66
C THR V 117 -10.28 -45.51 8.44
N ILE V 118 -9.54 -44.50 7.98
CA ILE V 118 -8.37 -44.03 8.71
C ILE V 118 -8.72 -42.81 9.56
N PRO W 18 -29.78 49.08 12.97
CA PRO W 18 -30.54 49.24 14.21
C PRO W 18 -30.13 48.21 15.26
N GLU W 19 -29.73 47.01 14.80
CA GLU W 19 -29.12 46.02 15.67
C GLU W 19 -27.87 46.55 16.37
N LEU W 20 -27.22 47.55 15.77
CA LEU W 20 -25.98 48.12 16.30
C LEU W 20 -26.20 49.08 17.47
N TYR W 21 -27.46 49.43 17.79
CA TYR W 21 -27.72 50.51 18.72
C TYR W 21 -28.31 50.03 20.05
N GLU W 22 -28.19 48.73 20.33
CA GLU W 22 -28.51 48.20 21.66
C GLU W 22 -27.51 47.10 22.00
N GLU W 23 -27.23 46.96 23.30
CA GLU W 23 -26.27 45.96 23.73
C GLU W 23 -26.93 44.58 23.77
N VAL W 24 -26.16 43.55 23.45
CA VAL W 24 -26.65 42.20 23.60
C VAL W 24 -26.45 41.75 25.03
N LYS W 25 -27.31 40.83 25.45
CA LYS W 25 -27.31 40.31 26.81
C LYS W 25 -27.12 38.82 26.73
N LEU W 26 -26.50 38.28 27.78
CA LEU W 26 -26.19 36.86 27.81
C LEU W 26 -27.45 36.01 27.96
N TYR W 27 -28.40 36.45 28.79
CA TYR W 27 -29.60 35.66 29.03
C TYR W 27 -30.77 36.60 29.23
N LYS W 28 -31.97 36.11 28.93
CA LYS W 28 -33.21 36.86 29.12
C LYS W 28 -34.10 36.31 30.24
N ASN W 29 -33.91 35.07 30.67
CA ASN W 29 -34.79 34.49 31.70
C ASN W 29 -33.95 33.70 32.71
N ALA W 30 -34.63 33.16 33.72
CA ALA W 30 -33.96 32.48 34.82
C ALA W 30 -33.37 31.14 34.41
N ARG W 31 -34.04 30.39 33.52
CA ARG W 31 -33.48 29.12 33.07
C ARG W 31 -32.21 29.34 32.25
N GLU W 32 -32.21 30.36 31.40
CA GLU W 32 -31.01 30.72 30.64
C GLU W 32 -29.89 31.18 31.56
N ARG W 33 -30.22 32.02 32.55
CA ARG W 33 -29.21 32.46 33.50
C ARG W 33 -28.59 31.28 34.23
N GLU W 34 -29.44 30.34 34.66
CA GLU W 34 -28.97 29.15 35.36
C GLU W 34 -28.07 28.31 34.46
N LYS W 35 -28.46 28.16 33.19
CA LYS W 35 -27.67 27.39 32.25
C LYS W 35 -26.28 28.03 32.03
N TYR W 36 -26.21 29.35 31.97
CA TYR W 36 -24.89 29.95 31.78
C TYR W 36 -24.10 30.03 33.07
N ASP W 37 -24.78 30.08 34.22
CA ASP W 37 -24.05 29.96 35.49
C ASP W 37 -23.30 28.64 35.57
N ASN W 38 -23.97 27.54 35.19
CA ASN W 38 -23.32 26.24 35.27
C ASN W 38 -22.25 26.06 34.19
N MET W 39 -22.52 26.54 32.98
CA MET W 39 -21.49 26.50 31.95
C MET W 39 -20.25 27.30 32.38
N ALA W 40 -20.45 28.51 32.92
CA ALA W 40 -19.32 29.30 33.37
C ALA W 40 -18.48 28.53 34.40
N GLU W 41 -19.15 27.84 35.32
CA GLU W 41 -18.41 27.09 36.33
C GLU W 41 -17.66 25.92 35.70
N LEU W 42 -18.27 25.24 34.73
CA LEU W 42 -17.62 24.15 34.01
C LEU W 42 -16.38 24.64 33.28
N PHE W 43 -16.55 25.65 32.42
CA PHE W 43 -15.41 26.33 31.80
C PHE W 43 -14.33 26.61 32.83
N ALA W 44 -14.73 27.14 34.00
CA ALA W 44 -13.76 27.58 35.00
C ALA W 44 -13.05 26.41 35.68
N VAL W 45 -13.78 25.30 35.93
CA VAL W 45 -13.11 24.13 36.52
C VAL W 45 -12.04 23.58 35.58
N VAL W 46 -12.38 23.45 34.30
CA VAL W 46 -11.44 22.87 33.35
C VAL W 46 -10.19 23.73 33.27
N LYS W 47 -10.37 25.04 33.14
CA LYS W 47 -9.22 25.93 33.01
C LYS W 47 -8.38 25.90 34.29
N THR W 48 -9.03 25.86 35.46
CA THR W 48 -8.29 25.73 36.70
C THR W 48 -7.54 24.40 36.77
N MET W 49 -8.12 23.32 36.24
CA MET W 49 -7.39 22.05 36.19
C MET W 49 -6.19 22.16 35.26
N GLN W 50 -6.36 22.87 34.13
CA GLN W 50 -5.25 23.10 33.23
C GLN W 50 -4.15 23.90 33.93
N ALA W 51 -4.53 24.92 34.69
CA ALA W 51 -3.53 25.72 35.38
C ALA W 51 -2.81 24.90 36.44
N LEU W 52 -3.53 24.00 37.11
CA LEU W 52 -2.91 23.12 38.08
C LEU W 52 -1.91 22.17 37.41
N GLU W 53 -2.28 21.61 36.25
CA GLU W 53 -1.38 20.74 35.51
C GLU W 53 -0.09 21.46 35.13
N LYS W 54 -0.20 22.69 34.62
CA LYS W 54 0.98 23.47 34.28
C LYS W 54 1.82 23.77 35.51
N ALA W 55 1.18 24.10 36.63
CA ALA W 55 1.91 24.34 37.85
C ALA W 55 2.69 23.09 38.26
N TYR W 56 2.09 21.92 38.13
CA TYR W 56 2.83 20.72 38.50
C TYR W 56 4.05 20.53 37.59
N ILE W 57 3.89 20.82 36.29
CA ILE W 57 4.99 20.73 35.32
C ILE W 57 6.16 21.59 35.78
N LYS W 58 5.88 22.84 36.17
CA LYS W 58 6.91 23.79 36.55
C LYS W 58 7.40 23.61 37.98
N ASP W 59 7.05 22.51 38.65
CA ASP W 59 7.54 22.21 40.00
C ASP W 59 7.14 23.30 41.01
N CYS W 60 5.95 23.86 40.83
CA CYS W 60 5.43 24.87 41.76
C CYS W 60 4.88 24.28 43.05
N VAL W 61 4.52 23.01 43.07
CA VAL W 61 3.68 22.47 44.14
C VAL W 61 4.16 21.07 44.43
N SER W 62 4.23 20.73 45.71
CA SER W 62 4.69 19.41 46.11
C SER W 62 3.82 18.35 45.45
N PRO W 63 4.34 17.14 45.25
CA PRO W 63 3.50 16.06 44.69
C PRO W 63 2.28 15.74 45.53
N SER W 64 2.36 15.84 46.86
CA SER W 64 1.18 15.52 47.65
C SER W 64 0.13 16.61 47.57
N GLU W 65 0.55 17.87 47.50
CA GLU W 65 -0.43 18.95 47.39
C GLU W 65 -1.09 18.98 46.02
N TYR W 66 -0.36 18.66 44.94
CA TYR W 66 -0.98 18.57 43.62
C TYR W 66 -2.03 17.46 43.57
N THR W 67 -1.71 16.28 44.12
CA THR W 67 -2.62 15.13 44.07
C THR W 67 -3.89 15.37 44.87
N ALA W 68 -3.83 16.09 45.98
CA ALA W 68 -5.03 16.39 46.75
C ALA W 68 -5.91 17.40 46.01
N ALA W 69 -5.30 18.46 45.48
CA ALA W 69 -6.08 19.50 44.80
C ALA W 69 -6.68 18.97 43.50
N CYS W 70 -5.91 18.17 42.76
CA CYS W 70 -6.39 17.63 41.50
C CYS W 70 -7.47 16.58 41.70
N SER W 71 -7.39 15.79 42.78
CA SER W 71 -8.49 14.88 43.13
C SER W 71 -9.78 15.64 43.41
N ARG W 72 -9.70 16.67 44.25
CA ARG W 72 -10.88 17.51 44.51
C ARG W 72 -11.41 18.08 43.20
N LEU W 73 -10.53 18.63 42.35
CA LEU W 73 -10.99 19.24 41.11
C LEU W 73 -11.65 18.22 40.17
N LEU W 74 -11.14 16.98 40.12
CA LEU W 74 -11.79 15.93 39.33
C LEU W 74 -13.20 15.64 39.83
N VAL W 75 -13.40 15.60 41.15
CA VAL W 75 -14.75 15.34 41.66
C VAL W 75 -15.65 16.55 41.41
N GLN W 76 -15.15 17.76 41.66
CA GLN W 76 -15.91 18.94 41.33
C GLN W 76 -16.18 19.00 39.82
N TYR W 77 -15.22 18.54 39.00
CA TYR W 77 -15.44 18.52 37.55
C TYR W 77 -16.62 17.61 37.17
N LYS W 78 -16.64 16.39 37.71
CA LYS W 78 -17.70 15.47 37.35
C LYS W 78 -19.07 16.04 37.69
N ALA W 79 -19.21 16.64 38.86
CA ALA W 79 -20.49 17.25 39.21
C ALA W 79 -20.81 18.43 38.30
N ALA W 80 -19.80 19.26 37.98
CA ALA W 80 -20.05 20.43 37.13
C ALA W 80 -20.51 20.01 35.73
N PHE W 81 -19.92 18.96 35.19
CA PHE W 81 -20.32 18.53 33.87
C PHE W 81 -21.70 17.89 33.89
N ARG W 82 -21.99 17.07 34.91
CA ARG W 82 -23.34 16.52 35.05
C ARG W 82 -24.39 17.62 35.05
N GLN W 83 -24.10 18.72 35.74
CA GLN W 83 -25.05 19.83 35.81
C GLN W 83 -25.23 20.51 34.45
N VAL W 84 -24.21 20.48 33.58
CA VAL W 84 -24.33 21.08 32.26
C VAL W 84 -24.89 20.09 31.23
N GLN W 85 -24.70 18.80 31.46
CA GLN W 85 -25.01 17.76 30.49
C GLN W 85 -26.48 17.77 30.09
N GLY W 86 -26.73 17.61 28.79
CA GLY W 86 -28.08 17.63 28.27
C GLY W 86 -28.06 17.66 26.75
N SER W 87 -29.15 18.16 26.17
CA SER W 87 -29.30 18.13 24.71
C SER W 87 -28.34 19.11 24.04
N GLU W 88 -28.27 20.35 24.54
CA GLU W 88 -27.40 21.37 23.97
C GLU W 88 -25.94 20.91 23.96
N ILE W 89 -25.43 20.48 25.12
CA ILE W 89 -24.06 20.00 25.26
C ILE W 89 -24.13 18.56 25.76
N SER W 90 -23.59 17.62 24.99
CA SER W 90 -23.62 16.23 25.41
C SER W 90 -22.26 15.69 25.81
N SER W 91 -21.17 16.37 25.44
CA SER W 91 -19.83 15.93 25.76
C SER W 91 -18.97 17.14 26.11
N ILE W 92 -17.90 16.87 26.86
CA ILE W 92 -16.93 17.92 27.18
C ILE W 92 -16.20 18.37 25.94
N ASP W 93 -16.03 17.47 24.96
CA ASP W 93 -15.40 17.83 23.71
C ASP W 93 -16.24 18.87 22.96
N GLU W 94 -17.56 18.65 22.89
CA GLU W 94 -18.44 19.64 22.29
C GLU W 94 -18.37 20.97 23.03
N PHE W 95 -18.38 20.93 24.36
CA PHE W 95 -18.35 22.16 25.13
C PHE W 95 -17.08 22.95 24.85
N CYS W 96 -15.96 22.25 24.70
CA CYS W 96 -14.68 22.90 24.49
C CYS W 96 -14.55 23.42 23.07
N ARG W 97 -15.16 22.74 22.10
CA ARG W 97 -15.20 23.29 20.75
C ARG W 97 -16.01 24.57 20.70
N LYS W 98 -17.20 24.56 21.29
CA LYS W 98 -18.10 25.69 21.18
C LYS W 98 -17.53 26.94 21.87
N PHE W 99 -16.84 26.77 22.99
CA PHE W 99 -16.29 27.93 23.70
C PHE W 99 -14.78 28.03 23.59
N ARG W 100 -14.19 27.30 22.63
CA ARG W 100 -12.77 27.42 22.25
C ARG W 100 -11.86 27.32 23.46
N LEU W 101 -12.14 26.30 24.26
CA LEU W 101 -11.37 25.94 25.43
C LEU W 101 -10.39 24.85 25.00
N ASP W 102 -9.10 25.19 24.89
CA ASP W 102 -8.06 24.27 24.45
C ASP W 102 -7.14 23.96 25.63
N CYS W 103 -7.49 22.92 26.40
CA CYS W 103 -6.75 22.52 27.60
C CYS W 103 -6.40 21.05 27.52
N PRO W 104 -5.35 20.69 26.79
CA PRO W 104 -5.04 19.26 26.62
C PRO W 104 -4.71 18.54 27.92
N LEU W 105 -4.07 19.23 28.87
CA LEU W 105 -3.67 18.57 30.11
C LEU W 105 -4.87 18.28 30.98
N ALA W 106 -5.81 19.22 31.04
CA ALA W 106 -7.06 18.95 31.73
C ALA W 106 -7.82 17.81 31.07
N MET W 107 -7.90 17.84 29.74
CA MET W 107 -8.61 16.78 29.01
C MET W 107 -8.04 15.41 29.33
N GLU W 108 -6.71 15.32 29.45
CA GLU W 108 -6.10 14.04 29.79
C GLU W 108 -6.42 13.62 31.22
N ARG W 109 -6.40 14.56 32.17
CA ARG W 109 -6.79 14.22 33.54
C ARG W 109 -8.23 13.76 33.58
N ILE W 110 -9.12 14.47 32.88
CA ILE W 110 -10.51 14.05 32.80
C ILE W 110 -10.62 12.67 32.16
N LYS W 111 -9.92 12.48 31.05
CA LYS W 111 -10.01 11.18 30.37
C LYS W 111 -9.56 10.04 31.28
N GLU W 112 -8.63 10.30 32.21
CA GLU W 112 -8.09 9.26 33.08
C GLU W 112 -8.72 9.22 34.47
N ASP W 113 -9.38 10.30 34.89
CA ASP W 113 -10.05 10.41 36.20
C ASP W 113 -9.07 10.18 37.35
N ARG W 114 -7.82 10.63 37.19
CA ARG W 114 -6.79 10.52 38.22
C ARG W 114 -5.86 11.71 38.06
N PRO W 115 -5.20 12.12 39.14
CA PRO W 115 -4.03 13.01 39.00
C PRO W 115 -2.93 12.34 38.20
N ILE W 116 -2.02 13.18 37.67
CA ILE W 116 -0.93 12.68 36.84
C ILE W 116 0.09 11.88 37.61
N THR W 117 0.10 11.97 38.93
CA THR W 117 1.00 11.21 39.77
C THR W 117 0.50 9.81 40.10
N ILE W 118 -0.64 9.39 39.56
CA ILE W 118 -1.25 8.13 39.97
C ILE W 118 -1.29 7.14 38.82
N GLU X 19 12.30 49.59 9.24
CA GLU X 19 12.07 48.21 9.60
C GLU X 19 13.31 47.58 10.25
N LEU X 20 14.42 48.30 10.18
CA LEU X 20 15.62 47.98 10.94
C LEU X 20 15.72 48.78 12.23
N TYR X 21 14.80 49.73 12.44
CA TYR X 21 14.88 50.69 13.53
C TYR X 21 13.81 50.44 14.59
N GLU X 22 13.28 49.21 14.63
CA GLU X 22 12.30 48.81 15.63
C GLU X 22 12.64 47.42 16.13
N GLU X 23 12.69 47.28 17.46
CA GLU X 23 13.00 46.00 18.08
C GLU X 23 11.83 45.03 17.97
N VAL X 24 12.16 43.75 17.73
CA VAL X 24 11.17 42.68 17.58
C VAL X 24 10.68 42.25 18.96
N LYS X 25 9.43 41.79 19.01
CA LYS X 25 8.83 41.23 20.22
C LYS X 25 8.64 39.73 20.05
N LEU X 26 8.83 38.99 21.14
CA LEU X 26 8.63 37.54 21.10
C LEU X 26 7.16 37.19 20.85
N TYR X 27 6.23 37.92 21.45
CA TYR X 27 4.82 37.67 21.22
C TYR X 27 4.06 38.98 21.16
N LYS X 28 2.89 38.94 20.52
CA LYS X 28 2.09 40.13 20.30
C LYS X 28 0.67 40.02 20.85
N ASN X 29 0.23 38.81 21.19
CA ASN X 29 -1.12 38.58 21.68
C ASN X 29 -1.06 37.52 22.76
N ALA X 30 -2.20 37.32 23.44
CA ALA X 30 -2.25 36.38 24.55
C ALA X 30 -2.02 34.94 24.11
N ARG X 31 -2.55 34.52 22.95
CA ARG X 31 -2.35 33.13 22.56
C ARG X 31 -0.89 32.87 22.18
N GLU X 32 -0.20 33.87 21.63
CA GLU X 32 1.24 33.70 21.36
C GLU X 32 2.04 33.68 22.66
N ARG X 33 1.67 34.53 23.62
CA ARG X 33 2.33 34.48 24.92
C ARG X 33 2.19 33.09 25.54
N GLU X 34 1.00 32.50 25.39
CA GLU X 34 0.74 31.17 25.94
C GLU X 34 1.53 30.10 25.20
N LYS X 35 1.59 30.20 23.87
CA LYS X 35 2.35 29.25 23.08
C LYS X 35 3.82 29.22 23.50
N TYR X 36 4.45 30.39 23.59
CA TYR X 36 5.88 30.46 23.92
C TYR X 36 6.12 30.13 25.39
N ASP X 37 5.12 30.36 26.25
CA ASP X 37 5.28 29.96 27.64
C ASP X 37 5.48 28.45 27.73
N ASN X 38 4.62 27.70 27.03
CA ASN X 38 4.69 26.24 27.06
C ASN X 38 5.93 25.72 26.34
N MET X 39 6.33 26.37 25.25
CA MET X 39 7.57 25.93 24.59
C MET X 39 8.79 26.22 25.44
N ALA X 40 8.84 27.40 26.07
CA ALA X 40 9.91 27.69 27.00
C ALA X 40 10.02 26.63 28.09
N GLU X 41 8.87 26.15 28.61
CA GLU X 41 8.92 25.14 29.66
C GLU X 41 9.42 23.80 29.11
N LEU X 42 8.91 23.38 27.94
CA LEU X 42 9.40 22.16 27.31
C LEU X 42 10.92 22.22 27.10
N PHE X 43 11.41 23.31 26.52
CA PHE X 43 12.84 23.54 26.38
C PHE X 43 13.56 23.36 27.70
N ALA X 44 13.02 23.95 28.75
CA ALA X 44 13.67 23.95 30.06
C ALA X 44 13.71 22.56 30.67
N VAL X 45 12.65 21.78 30.47
CA VAL X 45 12.62 20.43 31.03
C VAL X 45 13.68 19.57 30.37
N VAL X 46 13.74 19.60 29.05
CA VAL X 46 14.73 18.83 28.32
C VAL X 46 16.13 19.24 28.74
N LYS X 47 16.36 20.55 28.88
CA LYS X 47 17.68 21.04 29.28
C LYS X 47 17.99 20.67 30.73
N THR X 48 16.98 20.71 31.61
CA THR X 48 17.18 20.31 33.00
C THR X 48 17.43 18.81 33.12
N MET X 49 16.79 18.00 32.28
CA MET X 49 17.02 16.56 32.29
C MET X 49 18.43 16.24 31.80
N GLN X 50 18.88 16.94 30.75
CA GLN X 50 20.26 16.79 30.27
C GLN X 50 21.24 17.09 31.40
N ALA X 51 21.00 18.19 32.13
CA ALA X 51 21.90 18.58 33.19
C ALA X 51 21.91 17.57 34.34
N LEU X 52 20.74 16.98 34.63
CA LEU X 52 20.67 15.94 35.64
C LEU X 52 21.41 14.69 35.17
N GLU X 53 21.27 14.34 33.89
CA GLU X 53 22.01 13.21 33.34
C GLU X 53 23.51 13.43 33.48
N LYS X 54 24.00 14.62 33.15
CA LYS X 54 25.43 14.85 33.30
C LYS X 54 25.84 14.85 34.77
N ALA X 55 24.94 15.26 35.66
CA ALA X 55 25.27 15.25 37.08
C ALA X 55 25.43 13.83 37.61
N TYR X 56 24.63 12.88 37.12
CA TYR X 56 24.76 11.51 37.62
C TYR X 56 26.04 10.87 37.07
N ILE X 57 26.42 11.20 35.84
CA ILE X 57 27.70 10.76 35.29
C ILE X 57 28.84 11.18 36.22
N LYS X 58 28.75 12.41 36.75
CA LYS X 58 29.78 13.07 37.51
C LYS X 58 29.73 12.75 39.00
N ASP X 59 28.76 11.94 39.43
CA ASP X 59 28.61 11.56 40.83
C ASP X 59 28.32 12.76 41.73
N CYS X 60 27.53 13.71 41.23
CA CYS X 60 27.07 14.83 42.04
C CYS X 60 25.90 14.44 42.92
N VAL X 61 25.20 13.38 42.54
CA VAL X 61 23.96 12.98 43.18
C VAL X 61 24.03 11.49 43.45
N SER X 62 23.51 11.08 44.59
CA SER X 62 23.43 9.66 44.89
C SER X 62 22.50 9.00 43.88
N PRO X 63 22.68 7.70 43.62
CA PRO X 63 21.74 6.99 42.73
C PRO X 63 20.28 7.16 43.15
N SER X 64 19.99 7.16 44.45
CA SER X 64 18.61 7.26 44.90
C SER X 64 18.03 8.65 44.63
N GLU X 65 18.83 9.69 44.86
CA GLU X 65 18.38 11.05 44.56
C GLU X 65 18.19 11.25 43.06
N TYR X 66 19.13 10.74 42.25
CA TYR X 66 18.99 10.87 40.82
C TYR X 66 17.73 10.18 40.32
N THR X 67 17.46 8.97 40.82
CA THR X 67 16.36 8.17 40.32
C THR X 67 15.02 8.83 40.59
N ALA X 68 14.88 9.44 41.76
CA ALA X 68 13.64 10.14 42.09
C ALA X 68 13.52 11.41 41.25
N ALA X 69 14.61 12.18 41.14
CA ALA X 69 14.58 13.43 40.36
C ALA X 69 14.25 13.16 38.90
N CYS X 70 14.96 12.20 38.29
CA CYS X 70 14.75 11.89 36.89
C CYS X 70 13.33 11.39 36.61
N SER X 71 12.79 10.59 37.51
CA SER X 71 11.44 10.08 37.30
C SER X 71 10.41 11.20 37.36
N ARG X 72 10.58 12.13 38.28
CA ARG X 72 9.71 13.31 38.31
C ARG X 72 9.82 14.10 37.01
N LEU X 73 11.05 14.39 36.57
CA LEU X 73 11.23 15.16 35.35
C LEU X 73 10.59 14.46 34.13
N LEU X 74 10.65 13.13 34.08
CA LEU X 74 10.06 12.40 32.96
C LEU X 74 8.54 12.58 32.92
N VAL X 75 7.89 12.56 34.08
CA VAL X 75 6.46 12.83 34.14
C VAL X 75 6.18 14.28 33.73
N GLN X 76 6.97 15.21 34.23
CA GLN X 76 6.82 16.60 33.81
C GLN X 76 7.10 16.79 32.32
N TYR X 77 8.15 16.13 31.81
CA TYR X 77 8.44 16.18 30.38
C TYR X 77 7.22 15.77 29.54
N LYS X 78 6.64 14.61 29.86
CA LYS X 78 5.58 14.08 28.99
C LYS X 78 4.39 15.03 28.94
N ALA X 79 3.96 15.54 30.09
CA ALA X 79 2.90 16.53 30.09
C ALA X 79 3.31 17.79 29.34
N ALA X 80 4.57 18.24 29.51
CA ALA X 80 5.01 19.46 28.83
C ALA X 80 5.00 19.30 27.32
N PHE X 81 5.44 18.15 26.83
CA PHE X 81 5.44 17.96 25.38
C PHE X 81 4.01 17.84 24.85
N ARG X 82 3.15 17.13 25.58
CA ARG X 82 1.76 17.06 25.19
C ARG X 82 1.16 18.46 25.02
N GLN X 83 1.54 19.38 25.90
CA GLN X 83 0.96 20.72 25.83
C GLN X 83 1.47 21.46 24.61
N VAL X 84 2.68 21.15 24.17
CA VAL X 84 3.23 21.82 23.01
C VAL X 84 2.82 21.10 21.72
N GLN X 85 2.62 19.79 21.79
CA GLN X 85 2.34 18.99 20.62
C GLN X 85 1.07 19.47 19.92
N GLY X 86 1.17 19.73 18.62
CA GLY X 86 0.04 20.22 17.86
C GLY X 86 0.41 20.47 16.42
N SER X 87 -0.07 21.58 15.86
CA SER X 87 0.11 21.86 14.43
C SER X 87 1.58 22.10 14.11
N GLU X 88 2.23 22.98 14.86
CA GLU X 88 3.58 23.43 14.50
C GLU X 88 4.66 22.41 14.83
N ILE X 89 4.44 21.55 15.82
CA ILE X 89 5.47 20.69 16.39
C ILE X 89 4.83 19.33 16.66
N SER X 90 5.23 18.31 15.90
CA SER X 90 4.60 17.00 16.05
C SER X 90 5.47 15.99 16.81
N SER X 91 6.75 16.30 17.03
CA SER X 91 7.62 15.37 17.71
C SER X 91 8.70 16.16 18.46
N ILE X 92 9.30 15.49 19.45
CA ILE X 92 10.36 16.14 20.22
C ILE X 92 11.56 16.46 19.32
N ASP X 93 11.79 15.66 18.28
CA ASP X 93 12.98 15.88 17.44
C ASP X 93 12.83 17.12 16.57
N GLU X 94 11.63 17.33 16.02
CA GLU X 94 11.32 18.58 15.34
C GLU X 94 11.49 19.78 16.27
N PHE X 95 11.06 19.65 17.54
CA PHE X 95 11.25 20.74 18.48
C PHE X 95 12.73 21.02 18.71
N CYS X 96 13.52 19.98 18.93
CA CYS X 96 14.93 20.18 19.19
C CYS X 96 15.66 20.69 17.95
N ARG X 97 15.26 20.24 16.76
CA ARG X 97 15.87 20.83 15.56
C ARG X 97 15.55 22.31 15.48
N LYS X 98 14.28 22.67 15.69
CA LYS X 98 13.87 24.06 15.44
C LYS X 98 14.57 25.02 16.39
N PHE X 99 14.74 24.63 17.65
CA PHE X 99 15.40 25.48 18.62
C PHE X 99 16.81 24.99 18.94
N ARG X 100 17.36 24.10 18.10
CA ARG X 100 18.78 23.73 18.11
C ARG X 100 19.21 23.23 19.50
N LEU X 101 18.39 22.36 20.06
CA LEU X 101 18.65 21.78 21.38
C LEU X 101 19.21 20.38 21.17
N ASP X 102 20.47 20.20 21.53
CA ASP X 102 21.20 18.95 21.32
C ASP X 102 21.51 18.35 22.70
N CYS X 103 20.55 17.55 23.21
CA CYS X 103 20.66 16.92 24.52
C CYS X 103 20.55 15.40 24.39
N PRO X 104 21.62 14.74 23.98
CA PRO X 104 21.51 13.30 23.68
C PRO X 104 21.27 12.44 24.91
N LEU X 105 21.72 12.86 26.09
CA LEU X 105 21.39 12.08 27.29
C LEU X 105 19.91 12.23 27.63
N ALA X 106 19.38 13.45 27.51
CA ALA X 106 17.95 13.63 27.74
C ALA X 106 17.13 12.81 26.74
N MET X 107 17.52 12.83 25.45
CA MET X 107 16.76 12.10 24.45
C MET X 107 16.73 10.60 24.77
N GLU X 108 17.84 10.04 25.23
CA GLU X 108 17.82 8.62 25.58
C GLU X 108 16.87 8.33 26.75
N ARG X 109 16.87 9.18 27.77
CA ARG X 109 15.92 9.00 28.88
C ARG X 109 14.48 9.07 28.38
N ILE X 110 14.18 10.03 27.51
CA ILE X 110 12.83 10.16 26.99
C ILE X 110 12.44 8.91 26.19
N LYS X 111 13.37 8.40 25.39
CA LYS X 111 13.13 7.17 24.63
C LYS X 111 12.80 6.00 25.55
N GLU X 112 13.61 5.80 26.60
CA GLU X 112 13.38 4.67 27.49
C GLU X 112 12.23 4.94 28.45
N ASP X 113 11.85 6.21 28.62
CA ASP X 113 10.82 6.64 29.57
C ASP X 113 11.12 6.12 30.98
N ARG X 114 12.40 6.05 31.33
CA ARG X 114 12.84 5.58 32.64
C ARG X 114 14.22 6.17 32.94
N PRO X 115 14.57 6.31 34.23
CA PRO X 115 15.93 6.74 34.59
C PRO X 115 16.99 5.75 34.14
N ILE X 116 18.24 6.22 34.10
CA ILE X 116 19.33 5.40 33.61
C ILE X 116 19.71 4.29 34.58
N THR X 117 19.22 4.37 35.81
CA THR X 117 19.42 3.37 36.84
C THR X 117 18.39 2.25 36.81
N ILE X 118 17.36 2.37 35.98
CA ILE X 118 16.32 1.37 35.90
C ILE X 118 16.60 0.49 34.69
#